data_5CQ7
# 
_entry.id   5CQ7 
# 
_audit_conform.dict_name       mmcif_pdbx.dic 
_audit_conform.dict_version    5.391 
_audit_conform.dict_location   http://mmcif.pdb.org/dictionaries/ascii/mmcif_pdbx.dic 
# 
loop_
_database_2.database_id 
_database_2.database_code 
_database_2.pdbx_database_accession 
_database_2.pdbx_DOI 
PDB   5CQ7         pdb_00005cq7 10.2210/pdb5cq7/pdb 
WWPDB D_1000212026 ?            ?                   
# 
loop_
_pdbx_audit_revision_history.ordinal 
_pdbx_audit_revision_history.data_content_type 
_pdbx_audit_revision_history.major_revision 
_pdbx_audit_revision_history.minor_revision 
_pdbx_audit_revision_history.revision_date 
1 'Structure model' 1 0 2015-09-09 
2 'Structure model' 1 1 2024-05-08 
# 
_pdbx_audit_revision_details.ordinal             1 
_pdbx_audit_revision_details.revision_ordinal    1 
_pdbx_audit_revision_details.data_content_type   'Structure model' 
_pdbx_audit_revision_details.provider            repository 
_pdbx_audit_revision_details.type                'Initial release' 
_pdbx_audit_revision_details.description         ? 
_pdbx_audit_revision_details.details             ? 
# 
loop_
_pdbx_audit_revision_group.ordinal 
_pdbx_audit_revision_group.revision_ordinal 
_pdbx_audit_revision_group.data_content_type 
_pdbx_audit_revision_group.group 
1 2 'Structure model' 'Data collection'     
2 2 'Structure model' 'Database references' 
# 
loop_
_pdbx_audit_revision_category.ordinal 
_pdbx_audit_revision_category.revision_ordinal 
_pdbx_audit_revision_category.data_content_type 
_pdbx_audit_revision_category.category 
1 2 'Structure model' chem_comp_atom              
2 2 'Structure model' chem_comp_bond              
3 2 'Structure model' database_2                  
4 2 'Structure model' diffrn_radiation_wavelength 
# 
loop_
_pdbx_audit_revision_item.ordinal 
_pdbx_audit_revision_item.revision_ordinal 
_pdbx_audit_revision_item.data_content_type 
_pdbx_audit_revision_item.item 
1 2 'Structure model' '_database_2.pdbx_DOI'                
2 2 'Structure model' '_database_2.pdbx_database_accession' 
# 
_pdbx_database_status.status_code                     REL 
_pdbx_database_status.status_code_sf                  REL 
_pdbx_database_status.status_code_mr                  ? 
_pdbx_database_status.entry_id                        5CQ7 
_pdbx_database_status.recvd_initial_deposition_date   2015-07-21 
_pdbx_database_status.SG_entry                        Y 
_pdbx_database_status.deposit_site                    RCSB 
_pdbx_database_status.process_site                    PDBE 
_pdbx_database_status.status_code_cs                  ? 
_pdbx_database_status.methods_development_category    ? 
_pdbx_database_status.pdb_format_compatible           Y 
_pdbx_database_status.status_code_nmr_data            ? 
# 
loop_
_audit_author.name 
_audit_author.pdbx_ordinal 
'Bradley, A.'                          1  
'Pearce, N.'                           2  
'Krojer, T.'                           3  
'Ng, J.'                               4  
'Talon, R.'                            5  
'Vollmar, M.'                          6  
'Jose, B.'                             7  
'von Delft, F.'                        8  
'Bountra, C.'                          9  
'Arrowsmith, C.H.'                     10 
'Edwards, A.'                          11 
'Knapp, S.'                            12 
'Structural Genomics Consortium (SGC)' 13 
# 
_citation.abstract                  ? 
_citation.abstract_id_CAS           ? 
_citation.book_id_ISBN              ? 
_citation.book_publisher            ? 
_citation.book_publisher_city       ? 
_citation.book_title                ? 
_citation.coordinate_linkage        ? 
_citation.country                   ? 
_citation.database_id_Medline       ? 
_citation.details                   ? 
_citation.id                        primary 
_citation.journal_abbrev            'To be published' 
_citation.journal_id_ASTM           ? 
_citation.journal_id_CSD            0353 
_citation.journal_id_ISSN           ? 
_citation.journal_full              ? 
_citation.journal_issue             ? 
_citation.journal_volume            ? 
_citation.language                  ? 
_citation.page_first                ? 
_citation.page_last                 ? 
_citation.title                     
;Crystal structure of the second bromodomain of bromodomain adjancent to zinc finger domain protein 2B (BAZ2B) in complex with N,N-dimethylquinoxaline-6-carboxamide (SGC - Diamond I04-1 fragment screening)
;
_citation.year                      ? 
_citation.database_id_CSD           ? 
_citation.pdbx_database_id_DOI      ? 
_citation.pdbx_database_id_PubMed   ? 
_citation.unpublished_flag          ? 
# 
loop_
_citation_author.citation_id 
_citation_author.name 
_citation_author.ordinal 
_citation_author.identifier_ORCID 
primary 'Bradley, A.'                          1  ? 
primary 'Pearce, N.'                           2  ? 
primary 'Krojer, T.'                           3  ? 
primary 'Ng, J.'                               4  ? 
primary 'Talon, R.'                            5  ? 
primary 'Vollmar, M.'                          6  ? 
primary 'Jose, B.'                             7  ? 
primary 'von Delft, F.'                        8  ? 
primary 'Bountra, C.'                          9  ? 
primary 'Arrowsmith, C.H.'                     10 ? 
primary 'Edwards, A.'                          11 ? 
primary 'Knapp, S.'                            12 ? 
primary 'Structural Genomics Consortium (SGC)' 13 ? 
# 
loop_
_entity.id 
_entity.type 
_entity.src_method 
_entity.pdbx_description 
_entity.formula_weight 
_entity.pdbx_number_of_molecules 
_entity.pdbx_ec 
_entity.pdbx_mutation 
_entity.pdbx_fragment 
_entity.details 
1 polymer     man 'Bromodomain adjacent to zinc finger domain protein 2B' 13432.443 1   ? ? Bromodomain ? 
2 non-polymer syn N,N-dimethylquinoxaline-6-carboxamide                   201.225   1   ? ? ?           ? 
3 non-polymer syn 1,2-ETHANEDIOL                                          62.068    1   ? ? ?           ? 
4 water       nat water                                                   18.015    157 ? ? ?           ? 
# 
_entity_name_com.entity_id   1 
_entity_name_com.name        hWALp4 
# 
_entity_poly.entity_id                      1 
_entity_poly.type                           'polypeptide(L)' 
_entity_poly.nstd_linkage                   no 
_entity_poly.nstd_monomer                   no 
_entity_poly.pdbx_seq_one_letter_code       
;SMSVKKPKRDDSKDLALCSMILTEMETHEDAWPFLLPVNLKLVPGYKKVIKKPMDFSTIREKLSSGQYPNLETFALDVRL
VFDNCETFNEDDSDIGRAGHNMRKYFEKKWTDTFK
;
_entity_poly.pdbx_seq_one_letter_code_can   
;SMSVKKPKRDDSKDLALCSMILTEMETHEDAWPFLLPVNLKLVPGYKKVIKKPMDFSTIREKLSSGQYPNLETFALDVRL
VFDNCETFNEDDSDIGRAGHNMRKYFEKKWTDTFK
;
_entity_poly.pdbx_strand_id                 A 
_entity_poly.pdbx_target_identifier         ? 
# 
loop_
_pdbx_entity_nonpoly.entity_id 
_pdbx_entity_nonpoly.name 
_pdbx_entity_nonpoly.comp_id 
2 N,N-dimethylquinoxaline-6-carboxamide 53G 
3 1,2-ETHANEDIOL                        EDO 
4 water                                 HOH 
# 
loop_
_entity_poly_seq.entity_id 
_entity_poly_seq.num 
_entity_poly_seq.mon_id 
_entity_poly_seq.hetero 
1 1   SER n 
1 2   MET n 
1 3   SER n 
1 4   VAL n 
1 5   LYS n 
1 6   LYS n 
1 7   PRO n 
1 8   LYS n 
1 9   ARG n 
1 10  ASP n 
1 11  ASP n 
1 12  SER n 
1 13  LYS n 
1 14  ASP n 
1 15  LEU n 
1 16  ALA n 
1 17  LEU n 
1 18  CYS n 
1 19  SER n 
1 20  MET n 
1 21  ILE n 
1 22  LEU n 
1 23  THR n 
1 24  GLU n 
1 25  MET n 
1 26  GLU n 
1 27  THR n 
1 28  HIS n 
1 29  GLU n 
1 30  ASP n 
1 31  ALA n 
1 32  TRP n 
1 33  PRO n 
1 34  PHE n 
1 35  LEU n 
1 36  LEU n 
1 37  PRO n 
1 38  VAL n 
1 39  ASN n 
1 40  LEU n 
1 41  LYS n 
1 42  LEU n 
1 43  VAL n 
1 44  PRO n 
1 45  GLY n 
1 46  TYR n 
1 47  LYS n 
1 48  LYS n 
1 49  VAL n 
1 50  ILE n 
1 51  LYS n 
1 52  LYS n 
1 53  PRO n 
1 54  MET n 
1 55  ASP n 
1 56  PHE n 
1 57  SER n 
1 58  THR n 
1 59  ILE n 
1 60  ARG n 
1 61  GLU n 
1 62  LYS n 
1 63  LEU n 
1 64  SER n 
1 65  SER n 
1 66  GLY n 
1 67  GLN n 
1 68  TYR n 
1 69  PRO n 
1 70  ASN n 
1 71  LEU n 
1 72  GLU n 
1 73  THR n 
1 74  PHE n 
1 75  ALA n 
1 76  LEU n 
1 77  ASP n 
1 78  VAL n 
1 79  ARG n 
1 80  LEU n 
1 81  VAL n 
1 82  PHE n 
1 83  ASP n 
1 84  ASN n 
1 85  CYS n 
1 86  GLU n 
1 87  THR n 
1 88  PHE n 
1 89  ASN n 
1 90  GLU n 
1 91  ASP n 
1 92  ASP n 
1 93  SER n 
1 94  ASP n 
1 95  ILE n 
1 96  GLY n 
1 97  ARG n 
1 98  ALA n 
1 99  GLY n 
1 100 HIS n 
1 101 ASN n 
1 102 MET n 
1 103 ARG n 
1 104 LYS n 
1 105 TYR n 
1 106 PHE n 
1 107 GLU n 
1 108 LYS n 
1 109 LYS n 
1 110 TRP n 
1 111 THR n 
1 112 ASP n 
1 113 THR n 
1 114 PHE n 
1 115 LYS n 
# 
_entity_src_gen.entity_id                          1 
_entity_src_gen.pdbx_src_id                        1 
_entity_src_gen.pdbx_alt_source_flag               sample 
_entity_src_gen.pdbx_seq_type                      'Biological sequence' 
_entity_src_gen.pdbx_beg_seq_num                   1 
_entity_src_gen.pdbx_end_seq_num                   115 
_entity_src_gen.gene_src_common_name               Human 
_entity_src_gen.gene_src_genus                     ? 
_entity_src_gen.pdbx_gene_src_gene                 'BAZ2B, KIAA1476' 
_entity_src_gen.gene_src_species                   ? 
_entity_src_gen.gene_src_strain                    ? 
_entity_src_gen.gene_src_tissue                    ? 
_entity_src_gen.gene_src_tissue_fraction           ? 
_entity_src_gen.gene_src_details                   ? 
_entity_src_gen.pdbx_gene_src_fragment             ? 
_entity_src_gen.pdbx_gene_src_scientific_name      'Homo sapiens' 
_entity_src_gen.pdbx_gene_src_ncbi_taxonomy_id     9606 
_entity_src_gen.pdbx_gene_src_variant              ? 
_entity_src_gen.pdbx_gene_src_cell_line            ? 
_entity_src_gen.pdbx_gene_src_atcc                 ? 
_entity_src_gen.pdbx_gene_src_organ                ? 
_entity_src_gen.pdbx_gene_src_organelle            ? 
_entity_src_gen.pdbx_gene_src_cell                 ? 
_entity_src_gen.pdbx_gene_src_cellular_location    ? 
_entity_src_gen.host_org_common_name               ? 
_entity_src_gen.pdbx_host_org_scientific_name      'Escherichia coli' 
_entity_src_gen.pdbx_host_org_ncbi_taxonomy_id     562 
_entity_src_gen.host_org_genus                     ? 
_entity_src_gen.pdbx_host_org_gene                 ? 
_entity_src_gen.pdbx_host_org_organ                ? 
_entity_src_gen.host_org_species                   ? 
_entity_src_gen.pdbx_host_org_tissue               ? 
_entity_src_gen.pdbx_host_org_tissue_fraction      ? 
_entity_src_gen.pdbx_host_org_strain               ? 
_entity_src_gen.pdbx_host_org_variant              ? 
_entity_src_gen.pdbx_host_org_cell_line            ? 
_entity_src_gen.pdbx_host_org_atcc                 ? 
_entity_src_gen.pdbx_host_org_culture_collection   ? 
_entity_src_gen.pdbx_host_org_cell                 ? 
_entity_src_gen.pdbx_host_org_organelle            ? 
_entity_src_gen.pdbx_host_org_cellular_location    ? 
_entity_src_gen.pdbx_host_org_vector_type          ? 
_entity_src_gen.pdbx_host_org_vector               ? 
_entity_src_gen.host_org_details                   ? 
_entity_src_gen.expression_system_id               ? 
_entity_src_gen.plasmid_name                       pNIC28 
_entity_src_gen.plasmid_details                    ? 
_entity_src_gen.pdbx_description                   ? 
# 
loop_
_chem_comp.id 
_chem_comp.type 
_chem_comp.mon_nstd_flag 
_chem_comp.name 
_chem_comp.pdbx_synonyms 
_chem_comp.formula 
_chem_comp.formula_weight 
53G non-polymer         . N,N-dimethylquinoxaline-6-carboxamide ?                 'C11 H11 N3 O'   201.225 
ALA 'L-peptide linking' y ALANINE                               ?                 'C3 H7 N O2'     89.093  
ARG 'L-peptide linking' y ARGININE                              ?                 'C6 H15 N4 O2 1' 175.209 
ASN 'L-peptide linking' y ASPARAGINE                            ?                 'C4 H8 N2 O3'    132.118 
ASP 'L-peptide linking' y 'ASPARTIC ACID'                       ?                 'C4 H7 N O4'     133.103 
CYS 'L-peptide linking' y CYSTEINE                              ?                 'C3 H7 N O2 S'   121.158 
EDO non-polymer         . 1,2-ETHANEDIOL                        'ETHYLENE GLYCOL' 'C2 H6 O2'       62.068  
GLN 'L-peptide linking' y GLUTAMINE                             ?                 'C5 H10 N2 O3'   146.144 
GLU 'L-peptide linking' y 'GLUTAMIC ACID'                       ?                 'C5 H9 N O4'     147.129 
GLY 'peptide linking'   y GLYCINE                               ?                 'C2 H5 N O2'     75.067  
HIS 'L-peptide linking' y HISTIDINE                             ?                 'C6 H10 N3 O2 1' 156.162 
HOH non-polymer         . WATER                                 ?                 'H2 O'           18.015  
ILE 'L-peptide linking' y ISOLEUCINE                            ?                 'C6 H13 N O2'    131.173 
LEU 'L-peptide linking' y LEUCINE                               ?                 'C6 H13 N O2'    131.173 
LYS 'L-peptide linking' y LYSINE                                ?                 'C6 H15 N2 O2 1' 147.195 
MET 'L-peptide linking' y METHIONINE                            ?                 'C5 H11 N O2 S'  149.211 
PHE 'L-peptide linking' y PHENYLALANINE                         ?                 'C9 H11 N O2'    165.189 
PRO 'L-peptide linking' y PROLINE                               ?                 'C5 H9 N O2'     115.130 
SER 'L-peptide linking' y SERINE                                ?                 'C3 H7 N O3'     105.093 
THR 'L-peptide linking' y THREONINE                             ?                 'C4 H9 N O3'     119.119 
TRP 'L-peptide linking' y TRYPTOPHAN                            ?                 'C11 H12 N2 O2'  204.225 
TYR 'L-peptide linking' y TYROSINE                              ?                 'C9 H11 N O3'    181.189 
VAL 'L-peptide linking' y VALINE                                ?                 'C5 H11 N O2'    117.146 
# 
loop_
_pdbx_poly_seq_scheme.asym_id 
_pdbx_poly_seq_scheme.entity_id 
_pdbx_poly_seq_scheme.seq_id 
_pdbx_poly_seq_scheme.mon_id 
_pdbx_poly_seq_scheme.ndb_seq_num 
_pdbx_poly_seq_scheme.pdb_seq_num 
_pdbx_poly_seq_scheme.auth_seq_num 
_pdbx_poly_seq_scheme.pdb_mon_id 
_pdbx_poly_seq_scheme.auth_mon_id 
_pdbx_poly_seq_scheme.pdb_strand_id 
_pdbx_poly_seq_scheme.pdb_ins_code 
_pdbx_poly_seq_scheme.hetero 
A 1 1   SER 1   1856 1856 SER SER A . n 
A 1 2   MET 2   1857 1857 MET MET A . n 
A 1 3   SER 3   1858 1858 SER SER A . n 
A 1 4   VAL 4   1859 1859 VAL VAL A . n 
A 1 5   LYS 5   1860 1860 LYS LYS A . n 
A 1 6   LYS 6   1861 1861 LYS LYS A . n 
A 1 7   PRO 7   1862 1862 PRO PRO A . n 
A 1 8   LYS 8   1863 1863 LYS LYS A . n 
A 1 9   ARG 9   1864 1864 ARG ARG A . n 
A 1 10  ASP 10  1865 1865 ASP ASP A . n 
A 1 11  ASP 11  1866 1866 ASP ASP A . n 
A 1 12  SER 12  1867 1867 SER SER A . n 
A 1 13  LYS 13  1868 1868 LYS LYS A . n 
A 1 14  ASP 14  1869 1869 ASP ASP A . n 
A 1 15  LEU 15  1870 1870 LEU LEU A . n 
A 1 16  ALA 16  1871 1871 ALA ALA A . n 
A 1 17  LEU 17  1872 1872 LEU LEU A . n 
A 1 18  CYS 18  1873 1873 CYS CYS A . n 
A 1 19  SER 19  1874 1874 SER SER A . n 
A 1 20  MET 20  1875 1875 MET MET A . n 
A 1 21  ILE 21  1876 1876 ILE ILE A . n 
A 1 22  LEU 22  1877 1877 LEU LEU A . n 
A 1 23  THR 23  1878 1878 THR THR A . n 
A 1 24  GLU 24  1879 1879 GLU GLU A . n 
A 1 25  MET 25  1880 1880 MET MET A . n 
A 1 26  GLU 26  1881 1881 GLU GLU A . n 
A 1 27  THR 27  1882 1882 THR THR A . n 
A 1 28  HIS 28  1883 1883 HIS HIS A . n 
A 1 29  GLU 29  1884 1884 GLU GLU A . n 
A 1 30  ASP 30  1885 1885 ASP ASP A . n 
A 1 31  ALA 31  1886 1886 ALA ALA A . n 
A 1 32  TRP 32  1887 1887 TRP TRP A . n 
A 1 33  PRO 33  1888 1888 PRO PRO A . n 
A 1 34  PHE 34  1889 1889 PHE PHE A . n 
A 1 35  LEU 35  1890 1890 LEU LEU A . n 
A 1 36  LEU 36  1891 1891 LEU LEU A . n 
A 1 37  PRO 37  1892 1892 PRO PRO A . n 
A 1 38  VAL 38  1893 1893 VAL VAL A . n 
A 1 39  ASN 39  1894 1894 ASN ASN A . n 
A 1 40  LEU 40  1895 1895 LEU LEU A . n 
A 1 41  LYS 41  1896 1896 LYS LYS A . n 
A 1 42  LEU 42  1897 1897 LEU LEU A . n 
A 1 43  VAL 43  1898 1898 VAL VAL A . n 
A 1 44  PRO 44  1899 1899 PRO PRO A . n 
A 1 45  GLY 45  1900 1900 GLY GLY A . n 
A 1 46  TYR 46  1901 1901 TYR TYR A . n 
A 1 47  LYS 47  1902 1902 LYS LYS A . n 
A 1 48  LYS 48  1903 1903 LYS LYS A . n 
A 1 49  VAL 49  1904 1904 VAL VAL A . n 
A 1 50  ILE 50  1905 1905 ILE ILE A . n 
A 1 51  LYS 51  1906 1906 LYS LYS A . n 
A 1 52  LYS 52  1907 1907 LYS LYS A . n 
A 1 53  PRO 53  1908 1908 PRO PRO A . n 
A 1 54  MET 54  1909 1909 MET MET A . n 
A 1 55  ASP 55  1910 1910 ASP ASP A . n 
A 1 56  PHE 56  1911 1911 PHE PHE A . n 
A 1 57  SER 57  1912 1912 SER SER A . n 
A 1 58  THR 58  1913 1913 THR THR A . n 
A 1 59  ILE 59  1914 1914 ILE ILE A . n 
A 1 60  ARG 60  1915 1915 ARG ARG A . n 
A 1 61  GLU 61  1916 1916 GLU GLU A . n 
A 1 62  LYS 62  1917 1917 LYS LYS A . n 
A 1 63  LEU 63  1918 1918 LEU LEU A . n 
A 1 64  SER 64  1919 1919 SER SER A . n 
A 1 65  SER 65  1920 1920 SER SER A . n 
A 1 66  GLY 66  1921 1921 GLY GLY A . n 
A 1 67  GLN 67  1922 1922 GLN GLN A . n 
A 1 68  TYR 68  1923 1923 TYR TYR A . n 
A 1 69  PRO 69  1924 1924 PRO PRO A . n 
A 1 70  ASN 70  1925 1925 ASN ASN A . n 
A 1 71  LEU 71  1926 1926 LEU LEU A . n 
A 1 72  GLU 72  1927 1927 GLU GLU A . n 
A 1 73  THR 73  1928 1928 THR THR A . n 
A 1 74  PHE 74  1929 1929 PHE PHE A . n 
A 1 75  ALA 75  1930 1930 ALA ALA A . n 
A 1 76  LEU 76  1931 1931 LEU LEU A . n 
A 1 77  ASP 77  1932 1932 ASP ASP A . n 
A 1 78  VAL 78  1933 1933 VAL VAL A . n 
A 1 79  ARG 79  1934 1934 ARG ARG A . n 
A 1 80  LEU 80  1935 1935 LEU LEU A . n 
A 1 81  VAL 81  1936 1936 VAL VAL A . n 
A 1 82  PHE 82  1937 1937 PHE PHE A . n 
A 1 83  ASP 83  1938 1938 ASP ASP A . n 
A 1 84  ASN 84  1939 1939 ASN ASN A . n 
A 1 85  CYS 85  1940 1940 CYS CYS A . n 
A 1 86  GLU 86  1941 1941 GLU GLU A . n 
A 1 87  THR 87  1942 1942 THR THR A . n 
A 1 88  PHE 88  1943 1943 PHE PHE A . n 
A 1 89  ASN 89  1944 1944 ASN ASN A . n 
A 1 90  GLU 90  1945 1945 GLU GLU A . n 
A 1 91  ASP 91  1946 1946 ASP ASP A . n 
A 1 92  ASP 92  1947 1947 ASP ASP A . n 
A 1 93  SER 93  1948 1948 SER SER A . n 
A 1 94  ASP 94  1949 1949 ASP ASP A . n 
A 1 95  ILE 95  1950 1950 ILE ILE A . n 
A 1 96  GLY 96  1951 1951 GLY GLY A . n 
A 1 97  ARG 97  1952 1952 ARG ARG A . n 
A 1 98  ALA 98  1953 1953 ALA ALA A . n 
A 1 99  GLY 99  1954 1954 GLY GLY A . n 
A 1 100 HIS 100 1955 1955 HIS HIS A . n 
A 1 101 ASN 101 1956 1956 ASN ASN A . n 
A 1 102 MET 102 1957 1957 MET MET A . n 
A 1 103 ARG 103 1958 1958 ARG ARG A . n 
A 1 104 LYS 104 1959 1959 LYS LYS A . n 
A 1 105 TYR 105 1960 1960 TYR TYR A . n 
A 1 106 PHE 106 1961 1961 PHE PHE A . n 
A 1 107 GLU 107 1962 1962 GLU GLU A . n 
A 1 108 LYS 108 1963 1963 LYS LYS A . n 
A 1 109 LYS 109 1964 1964 LYS LYS A . n 
A 1 110 TRP 110 1965 1965 TRP TRP A . n 
A 1 111 THR 111 1966 1966 THR THR A . n 
A 1 112 ASP 112 1967 1967 ASP ASP A . n 
A 1 113 THR 113 1968 1968 THR THR A . n 
A 1 114 PHE 114 1969 1969 PHE PHE A . n 
A 1 115 LYS 115 1970 1970 LYS LYS A . n 
# 
loop_
_pdbx_nonpoly_scheme.asym_id 
_pdbx_nonpoly_scheme.entity_id 
_pdbx_nonpoly_scheme.mon_id 
_pdbx_nonpoly_scheme.ndb_seq_num 
_pdbx_nonpoly_scheme.pdb_seq_num 
_pdbx_nonpoly_scheme.auth_seq_num 
_pdbx_nonpoly_scheme.pdb_mon_id 
_pdbx_nonpoly_scheme.auth_mon_id 
_pdbx_nonpoly_scheme.pdb_strand_id 
_pdbx_nonpoly_scheme.pdb_ins_code 
B 2 53G 1   2001 1   53G LIG A . 
C 3 EDO 1   2002 1   EDO EDO A . 
D 4 HOH 1   2101 144 HOH HOH A . 
D 4 HOH 2   2102 67  HOH HOH A . 
D 4 HOH 3   2103 125 HOH HOH A . 
D 4 HOH 4   2104 148 HOH HOH A . 
D 4 HOH 5   2105 99  HOH HOH A . 
D 4 HOH 6   2106 44  HOH HOH A . 
D 4 HOH 7   2107 150 HOH HOH A . 
D 4 HOH 8   2108 145 HOH HOH A . 
D 4 HOH 9   2109 71  HOH HOH A . 
D 4 HOH 10  2110 36  HOH HOH A . 
D 4 HOH 11  2111 114 HOH HOH A . 
D 4 HOH 12  2112 28  HOH HOH A . 
D 4 HOH 13  2113 153 HOH HOH A . 
D 4 HOH 14  2114 22  HOH HOH A . 
D 4 HOH 15  2115 141 HOH HOH A . 
D 4 HOH 16  2116 37  HOH HOH A . 
D 4 HOH 17  2117 38  HOH HOH A . 
D 4 HOH 18  2118 132 HOH HOH A . 
D 4 HOH 19  2119 46  HOH HOH A . 
D 4 HOH 20  2120 76  HOH HOH A . 
D 4 HOH 21  2121 39  HOH HOH A . 
D 4 HOH 22  2122 45  HOH HOH A . 
D 4 HOH 23  2123 65  HOH HOH A . 
D 4 HOH 24  2124 54  HOH HOH A . 
D 4 HOH 25  2125 138 HOH HOH A . 
D 4 HOH 26  2126 63  HOH HOH A . 
D 4 HOH 27  2127 34  HOH HOH A . 
D 4 HOH 28  2128 23  HOH HOH A . 
D 4 HOH 29  2129 52  HOH HOH A . 
D 4 HOH 30  2130 77  HOH HOH A . 
D 4 HOH 31  2131 89  HOH HOH A . 
D 4 HOH 32  2132 21  HOH HOH A . 
D 4 HOH 33  2133 40  HOH HOH A . 
D 4 HOH 34  2134 121 HOH HOH A . 
D 4 HOH 35  2135 79  HOH HOH A . 
D 4 HOH 36  2136 32  HOH HOH A . 
D 4 HOH 37  2137 26  HOH HOH A . 
D 4 HOH 38  2138 10  HOH HOH A . 
D 4 HOH 39  2139 47  HOH HOH A . 
D 4 HOH 40  2140 51  HOH HOH A . 
D 4 HOH 41  2141 24  HOH HOH A . 
D 4 HOH 42  2142 41  HOH HOH A . 
D 4 HOH 43  2143 2   HOH HOH A . 
D 4 HOH 44  2144 30  HOH HOH A . 
D 4 HOH 45  2145 97  HOH HOH A . 
D 4 HOH 46  2146 75  HOH HOH A . 
D 4 HOH 47  2147 120 HOH HOH A . 
D 4 HOH 48  2148 100 HOH HOH A . 
D 4 HOH 49  2149 4   HOH HOH A . 
D 4 HOH 50  2150 129 HOH HOH A . 
D 4 HOH 51  2151 53  HOH HOH A . 
D 4 HOH 52  2152 9   HOH HOH A . 
D 4 HOH 53  2153 111 HOH HOH A . 
D 4 HOH 54  2154 7   HOH HOH A . 
D 4 HOH 55  2155 25  HOH HOH A . 
D 4 HOH 56  2156 5   HOH HOH A . 
D 4 HOH 57  2157 93  HOH HOH A . 
D 4 HOH 58  2158 95  HOH HOH A . 
D 4 HOH 59  2159 13  HOH HOH A . 
D 4 HOH 60  2160 66  HOH HOH A . 
D 4 HOH 61  2161 73  HOH HOH A . 
D 4 HOH 62  2162 27  HOH HOH A . 
D 4 HOH 63  2163 81  HOH HOH A . 
D 4 HOH 64  2164 64  HOH HOH A . 
D 4 HOH 65  2165 14  HOH HOH A . 
D 4 HOH 66  2166 35  HOH HOH A . 
D 4 HOH 67  2167 16  HOH HOH A . 
D 4 HOH 68  2168 48  HOH HOH A . 
D 4 HOH 69  2169 6   HOH HOH A . 
D 4 HOH 70  2170 17  HOH HOH A . 
D 4 HOH 71  2171 12  HOH HOH A . 
D 4 HOH 72  2172 87  HOH HOH A . 
D 4 HOH 73  2173 61  HOH HOH A . 
D 4 HOH 74  2174 11  HOH HOH A . 
D 4 HOH 75  2175 123 HOH HOH A . 
D 4 HOH 76  2176 1   HOH HOH A . 
D 4 HOH 77  2177 98  HOH HOH A . 
D 4 HOH 78  2178 69  HOH HOH A . 
D 4 HOH 79  2179 85  HOH HOH A . 
D 4 HOH 80  2180 96  HOH HOH A . 
D 4 HOH 81  2181 140 HOH HOH A . 
D 4 HOH 82  2182 19  HOH HOH A . 
D 4 HOH 83  2183 92  HOH HOH A . 
D 4 HOH 84  2184 20  HOH HOH A . 
D 4 HOH 85  2185 15  HOH HOH A . 
D 4 HOH 86  2186 86  HOH HOH A . 
D 4 HOH 87  2187 78  HOH HOH A . 
D 4 HOH 88  2188 8   HOH HOH A . 
D 4 HOH 89  2189 135 HOH HOH A . 
D 4 HOH 90  2190 124 HOH HOH A . 
D 4 HOH 91  2191 18  HOH HOH A . 
D 4 HOH 92  2192 84  HOH HOH A . 
D 4 HOH 93  2193 58  HOH HOH A . 
D 4 HOH 94  2194 68  HOH HOH A . 
D 4 HOH 95  2195 112 HOH HOH A . 
D 4 HOH 96  2196 149 HOH HOH A . 
D 4 HOH 97  2197 88  HOH HOH A . 
D 4 HOH 98  2198 80  HOH HOH A . 
D 4 HOH 99  2199 128 HOH HOH A . 
D 4 HOH 100 2200 110 HOH HOH A . 
D 4 HOH 101 2201 56  HOH HOH A . 
D 4 HOH 102 2202 59  HOH HOH A . 
D 4 HOH 103 2203 50  HOH HOH A . 
D 4 HOH 104 2204 29  HOH HOH A . 
D 4 HOH 105 2205 33  HOH HOH A . 
D 4 HOH 106 2206 3   HOH HOH A . 
D 4 HOH 107 2207 137 HOH HOH A . 
D 4 HOH 108 2208 55  HOH HOH A . 
D 4 HOH 109 2209 136 HOH HOH A . 
D 4 HOH 110 2210 134 HOH HOH A . 
D 4 HOH 111 2211 139 HOH HOH A . 
D 4 HOH 112 2212 107 HOH HOH A . 
D 4 HOH 113 2213 72  HOH HOH A . 
D 4 HOH 114 2214 109 HOH HOH A . 
D 4 HOH 115 2215 108 HOH HOH A . 
D 4 HOH 116 2216 106 HOH HOH A . 
D 4 HOH 117 2217 43  HOH HOH A . 
D 4 HOH 118 2218 143 HOH HOH A . 
D 4 HOH 119 2219 105 HOH HOH A . 
D 4 HOH 120 2220 103 HOH HOH A . 
D 4 HOH 121 2221 142 HOH HOH A . 
D 4 HOH 122 2222 126 HOH HOH A . 
D 4 HOH 123 2223 49  HOH HOH A . 
D 4 HOH 124 2224 116 HOH HOH A . 
D 4 HOH 125 2225 133 HOH HOH A . 
D 4 HOH 126 2226 117 HOH HOH A . 
D 4 HOH 127 2227 31  HOH HOH A . 
D 4 HOH 128 2228 102 HOH HOH A . 
D 4 HOH 129 2229 127 HOH HOH A . 
D 4 HOH 130 2230 62  HOH HOH A . 
D 4 HOH 131 2231 154 HOH HOH A . 
D 4 HOH 132 2232 118 HOH HOH A . 
D 4 HOH 133 2233 104 HOH HOH A . 
D 4 HOH 134 2234 60  HOH HOH A . 
D 4 HOH 135 2235 101 HOH HOH A . 
D 4 HOH 136 2236 119 HOH HOH A . 
D 4 HOH 137 2237 131 HOH HOH A . 
D 4 HOH 138 2238 90  HOH HOH A . 
D 4 HOH 139 2239 146 HOH HOH A . 
D 4 HOH 140 2240 147 HOH HOH A . 
D 4 HOH 141 2241 57  HOH HOH A . 
D 4 HOH 142 2242 82  HOH HOH A . 
D 4 HOH 143 2243 83  HOH HOH A . 
D 4 HOH 144 2244 94  HOH HOH A . 
D 4 HOH 145 2245 42  HOH HOH A . 
D 4 HOH 146 2246 74  HOH HOH A . 
D 4 HOH 147 2247 91  HOH HOH A . 
D 4 HOH 148 2248 113 HOH HOH A . 
D 4 HOH 149 2249 156 HOH HOH A . 
D 4 HOH 150 2250 122 HOH HOH A . 
D 4 HOH 151 2251 115 HOH HOH A . 
D 4 HOH 152 2252 155 HOH HOH A . 
D 4 HOH 153 2253 70  HOH HOH A . 
D 4 HOH 154 2254 130 HOH HOH A . 
D 4 HOH 155 2255 152 HOH HOH A . 
D 4 HOH 156 2256 151 HOH HOH A . 
D 4 HOH 157 2257 157 HOH HOH A . 
# 
loop_
_pdbx_unobs_or_zero_occ_atoms.id 
_pdbx_unobs_or_zero_occ_atoms.PDB_model_num 
_pdbx_unobs_or_zero_occ_atoms.polymer_flag 
_pdbx_unobs_or_zero_occ_atoms.occupancy_flag 
_pdbx_unobs_or_zero_occ_atoms.auth_asym_id 
_pdbx_unobs_or_zero_occ_atoms.auth_comp_id 
_pdbx_unobs_or_zero_occ_atoms.auth_seq_id 
_pdbx_unobs_or_zero_occ_atoms.PDB_ins_code 
_pdbx_unobs_or_zero_occ_atoms.auth_atom_id 
_pdbx_unobs_or_zero_occ_atoms.label_alt_id 
_pdbx_unobs_or_zero_occ_atoms.label_asym_id 
_pdbx_unobs_or_zero_occ_atoms.label_comp_id 
_pdbx_unobs_or_zero_occ_atoms.label_seq_id 
_pdbx_unobs_or_zero_occ_atoms.label_atom_id 
1  1 Y 1 A LYS 1863 ? CG  ? A LYS 8   CG  
2  1 Y 1 A LYS 1863 ? CD  ? A LYS 8   CD  
3  1 Y 1 A LYS 1863 ? CE  ? A LYS 8   CE  
4  1 Y 1 A LYS 1863 ? NZ  ? A LYS 8   NZ  
5  1 Y 1 A LYS 1868 ? CE  ? A LYS 13  CE  
6  1 Y 1 A LYS 1868 ? NZ  ? A LYS 13  NZ  
7  1 Y 1 A GLU 1927 ? CD  ? A GLU 72  CD  
8  1 Y 1 A GLU 1927 ? OE1 ? A GLU 72  OE1 
9  1 Y 1 A GLU 1927 ? OE2 ? A GLU 72  OE2 
10 1 Y 1 A LYS 1970 ? CG  ? A LYS 115 CG  
11 1 Y 1 A LYS 1970 ? CD  ? A LYS 115 CD  
12 1 Y 1 A LYS 1970 ? CE  ? A LYS 115 CE  
13 1 Y 1 A LYS 1970 ? NZ  ? A LYS 115 NZ  
# 
loop_
_software.citation_id 
_software.classification 
_software.compiler_name 
_software.compiler_version 
_software.contact_author 
_software.contact_author_email 
_software.date 
_software.description 
_software.dependencies 
_software.hardware 
_software.language 
_software.location 
_software.mods 
_software.name 
_software.os 
_software.os_version 
_software.type 
_software.version 
_software.pdbx_ordinal 
? 'data scaling'    ? ? ? ? ? ? ? ? ? ? ? Aimless     ? ? ? 0.2.17 1 
? refinement        ? ? ? ? ? ? ? ? ? ? ? PHENIX      ? ? ? .      2 
? 'data extraction' ? ? ? ? ? ? ? ? ? ? ? PDB_EXTRACT ? ? ? 3.15   3 
# 
_cell.angle_alpha                  90.000 
_cell.angle_alpha_esd              ? 
_cell.angle_beta                   90.000 
_cell.angle_beta_esd               ? 
_cell.angle_gamma                  90.000 
_cell.angle_gamma_esd              ? 
_cell.entry_id                     5CQ7 
_cell.details                      ? 
_cell.formula_units_Z              ? 
_cell.length_a                     82.850 
_cell.length_a_esd                 ? 
_cell.length_b                     96.560 
_cell.length_b_esd                 ? 
_cell.length_c                     57.880 
_cell.length_c_esd                 ? 
_cell.volume                       ? 
_cell.volume_esd                   ? 
_cell.Z_PDB                        8 
_cell.reciprocal_angle_alpha       ? 
_cell.reciprocal_angle_beta        ? 
_cell.reciprocal_angle_gamma       ? 
_cell.reciprocal_angle_alpha_esd   ? 
_cell.reciprocal_angle_beta_esd    ? 
_cell.reciprocal_angle_gamma_esd   ? 
_cell.reciprocal_length_a          ? 
_cell.reciprocal_length_b          ? 
_cell.reciprocal_length_c          ? 
_cell.reciprocal_length_a_esd      ? 
_cell.reciprocal_length_b_esd      ? 
_cell.reciprocal_length_c_esd      ? 
_cell.pdbx_unique_axis             ? 
# 
_symmetry.entry_id                         5CQ7 
_symmetry.cell_setting                     ? 
_symmetry.Int_Tables_number                20 
_symmetry.space_group_name_Hall            ? 
_symmetry.space_group_name_H-M             'C 2 2 21' 
_symmetry.pdbx_full_space_group_name_H-M   ? 
# 
_exptl.absorpt_coefficient_mu     ? 
_exptl.absorpt_correction_T_max   ? 
_exptl.absorpt_correction_T_min   ? 
_exptl.absorpt_correction_type    ? 
_exptl.absorpt_process_details    ? 
_exptl.entry_id                   5CQ7 
_exptl.crystals_number            1 
_exptl.details                    ? 
_exptl.method                     'X-RAY DIFFRACTION' 
_exptl.method_details             ? 
# 
_exptl_crystal.colour                      ? 
_exptl_crystal.density_diffrn              ? 
_exptl_crystal.density_Matthews            4.51 
_exptl_crystal.density_method              ? 
_exptl_crystal.density_percent_sol         72.72 
_exptl_crystal.description                 ? 
_exptl_crystal.F_000                       ? 
_exptl_crystal.id                          1 
_exptl_crystal.preparation                 ? 
_exptl_crystal.size_max                    ? 
_exptl_crystal.size_mid                    ? 
_exptl_crystal.size_min                    ? 
_exptl_crystal.size_rad                    ? 
_exptl_crystal.colour_lustre               ? 
_exptl_crystal.colour_modifier             ? 
_exptl_crystal.colour_primary              ? 
_exptl_crystal.density_meas                ? 
_exptl_crystal.density_meas_esd            ? 
_exptl_crystal.density_meas_gt             ? 
_exptl_crystal.density_meas_lt             ? 
_exptl_crystal.density_meas_temp           ? 
_exptl_crystal.density_meas_temp_esd       ? 
_exptl_crystal.density_meas_temp_gt        ? 
_exptl_crystal.density_meas_temp_lt        ? 
_exptl_crystal.pdbx_crystal_image_url      ? 
_exptl_crystal.pdbx_crystal_image_format   ? 
_exptl_crystal.pdbx_mosaicity              ? 
_exptl_crystal.pdbx_mosaicity_esd          ? 
# 
_exptl_crystal_grow.apparatus       ? 
_exptl_crystal_grow.atmosphere      ? 
_exptl_crystal_grow.crystal_id      1 
_exptl_crystal_grow.details         ? 
_exptl_crystal_grow.method          'VAPOR DIFFUSION, SITTING DROP' 
_exptl_crystal_grow.method_ref      ? 
_exptl_crystal_grow.pH              6.0 
_exptl_crystal_grow.pressure        ? 
_exptl_crystal_grow.pressure_esd    ? 
_exptl_crystal_grow.seeding         ? 
_exptl_crystal_grow.seeding_ref     ? 
_exptl_crystal_grow.temp            277 
_exptl_crystal_grow.temp_details    ? 
_exptl_crystal_grow.temp_esd        ? 
_exptl_crystal_grow.time            ? 
_exptl_crystal_grow.pdbx_details    '20% PEG6000 , 10% ethylene glycol , 0.1M MES pH 6.0 , 0.1M calcium chloride' 
_exptl_crystal_grow.pdbx_pH_range   ? 
# 
_diffrn.ambient_environment    ? 
_diffrn.ambient_temp           100 
_diffrn.ambient_temp_details   ? 
_diffrn.ambient_temp_esd       ? 
_diffrn.crystal_id             1 
_diffrn.crystal_support        ? 
_diffrn.crystal_treatment      ? 
_diffrn.details                ? 
_diffrn.id                     1 
_diffrn.ambient_pressure       ? 
_diffrn.ambient_pressure_esd   ? 
_diffrn.ambient_pressure_gt    ? 
_diffrn.ambient_pressure_lt    ? 
_diffrn.ambient_temp_gt        ? 
_diffrn.ambient_temp_lt        ? 
# 
_diffrn_detector.details                      ? 
_diffrn_detector.detector                     PIXEL 
_diffrn_detector.diffrn_id                    1 
_diffrn_detector.type                         'PSI PILATUS 6M' 
_diffrn_detector.area_resol_mean              ? 
_diffrn_detector.dtime                        ? 
_diffrn_detector.pdbx_frames_total            ? 
_diffrn_detector.pdbx_collection_time_total   ? 
_diffrn_detector.pdbx_collection_date         2014-05-16 
# 
_diffrn_radiation.collimation                      ? 
_diffrn_radiation.diffrn_id                        1 
_diffrn_radiation.filter_edge                      ? 
_diffrn_radiation.inhomogeneity                    ? 
_diffrn_radiation.monochromator                    ? 
_diffrn_radiation.polarisn_norm                    ? 
_diffrn_radiation.polarisn_ratio                   ? 
_diffrn_radiation.probe                            ? 
_diffrn_radiation.type                             ? 
_diffrn_radiation.xray_symbol                      ? 
_diffrn_radiation.wavelength_id                    1 
_diffrn_radiation.pdbx_monochromatic_or_laue_m_l   M 
_diffrn_radiation.pdbx_wavelength_list             ? 
_diffrn_radiation.pdbx_wavelength                  ? 
_diffrn_radiation.pdbx_diffrn_protocol             'SINGLE WAVELENGTH' 
_diffrn_radiation.pdbx_analyzer                    ? 
_diffrn_radiation.pdbx_scattering_type             x-ray 
# 
_diffrn_radiation_wavelength.id           1 
_diffrn_radiation_wavelength.wavelength   0.92001 
_diffrn_radiation_wavelength.wt           1.0 
# 
_diffrn_source.current                     ? 
_diffrn_source.details                     ? 
_diffrn_source.diffrn_id                   1 
_diffrn_source.power                       ? 
_diffrn_source.size                        ? 
_diffrn_source.source                      SYNCHROTRON 
_diffrn_source.target                      ? 
_diffrn_source.type                        'DIAMOND BEAMLINE I04-1' 
_diffrn_source.voltage                     ? 
_diffrn_source.take-off_angle              ? 
_diffrn_source.pdbx_wavelength_list        0.92001 
_diffrn_source.pdbx_wavelength             ? 
_diffrn_source.pdbx_synchrotron_beamline   I04-1 
_diffrn_source.pdbx_synchrotron_site       Diamond 
# 
_reflns.B_iso_Wilson_estimate            ? 
_reflns.entry_id                         5CQ7 
_reflns.data_reduction_details           ? 
_reflns.data_reduction_method            ? 
_reflns.d_resolution_high                1.860 
_reflns.d_resolution_low                 42.510 
_reflns.details                          ? 
_reflns.limit_h_max                      ? 
_reflns.limit_h_min                      ? 
_reflns.limit_k_max                      ? 
_reflns.limit_k_min                      ? 
_reflns.limit_l_max                      ? 
_reflns.limit_l_min                      ? 
_reflns.number_all                       ? 
_reflns.number_obs                       37326 
_reflns.observed_criterion               ? 
_reflns.observed_criterion_F_max         ? 
_reflns.observed_criterion_F_min         ? 
_reflns.observed_criterion_I_max         ? 
_reflns.observed_criterion_I_min         ? 
_reflns.observed_criterion_sigma_F       ? 
_reflns.observed_criterion_sigma_I       ? 
_reflns.percent_possible_obs             97.700 
_reflns.R_free_details                   ? 
_reflns.Rmerge_F_all                     ? 
_reflns.Rmerge_F_obs                     ? 
_reflns.Friedel_coverage                 ? 
_reflns.number_gt                        ? 
_reflns.threshold_expression             ? 
_reflns.pdbx_redundancy                  3.400 
_reflns.pdbx_Rmerge_I_obs                0.044 
_reflns.pdbx_Rmerge_I_all                ? 
_reflns.pdbx_Rsym_value                  ? 
_reflns.pdbx_netI_over_av_sigmaI         ? 
_reflns.pdbx_netI_over_sigmaI            16.400 
_reflns.pdbx_res_netI_over_av_sigmaI_2   ? 
_reflns.pdbx_res_netI_over_sigmaI_2      ? 
_reflns.pdbx_chi_squared                 ? 
_reflns.pdbx_scaling_rejects             ? 
_reflns.pdbx_d_res_high_opt              ? 
_reflns.pdbx_d_res_low_opt               ? 
_reflns.pdbx_d_res_opt_method            ? 
_reflns.phase_calculation_details        ? 
_reflns.pdbx_Rrim_I_all                  ? 
_reflns.pdbx_Rpim_I_all                  0.028 
_reflns.pdbx_d_opt                       ? 
_reflns.pdbx_number_measured_all         128725 
_reflns.pdbx_diffrn_id                   1 
_reflns.pdbx_ordinal                     1 
_reflns.pdbx_CC_half                     0.999 
_reflns.pdbx_R_split                     ? 
# 
loop_
_reflns_shell.d_res_high 
_reflns_shell.d_res_low 
_reflns_shell.meanI_over_sigI_all 
_reflns_shell.meanI_over_sigI_obs 
_reflns_shell.number_measured_all 
_reflns_shell.number_measured_obs 
_reflns_shell.number_possible 
_reflns_shell.number_unique_all 
_reflns_shell.number_unique_obs 
_reflns_shell.percent_possible_all 
_reflns_shell.percent_possible_obs 
_reflns_shell.Rmerge_F_all 
_reflns_shell.Rmerge_F_obs 
_reflns_shell.Rmerge_I_all 
_reflns_shell.Rmerge_I_obs 
_reflns_shell.meanI_over_sigI_gt 
_reflns_shell.meanI_over_uI_all 
_reflns_shell.meanI_over_uI_gt 
_reflns_shell.number_measured_gt 
_reflns_shell.number_unique_gt 
_reflns_shell.percent_possible_gt 
_reflns_shell.Rmerge_F_gt 
_reflns_shell.Rmerge_I_gt 
_reflns_shell.pdbx_redundancy 
_reflns_shell.pdbx_Rsym_value 
_reflns_shell.pdbx_chi_squared 
_reflns_shell.pdbx_netI_over_sigmaI_all 
_reflns_shell.pdbx_netI_over_sigmaI_obs 
_reflns_shell.pdbx_Rrim_I_all 
_reflns_shell.pdbx_Rpim_I_all 
_reflns_shell.pdbx_rejects 
_reflns_shell.pdbx_ordinal 
_reflns_shell.pdbx_diffrn_id 
_reflns_shell.pdbx_CC_half 
_reflns_shell.pdbx_R_split 
1.860 1.910  ? 2.200  10097 ? ? 2811 ? 99.300 ? ? ? ? 0.595 ? ? ? ? ? ? ? ? 3.600 ? ? ? ? ? 0.367 0 1 1 0.786 ? 
8.320 42.510 ? 52.300 1550  ? ? 426  ? 95.900 ? ? ? ? 0.017 ? ? ? ? ? ? ? ? 3.600 ? ? ? ? ? 0.011 0 2 1 0.998 ? 
# 
_refine.aniso_B[1][1]                            ? 
_refine.aniso_B[1][2]                            ? 
_refine.aniso_B[1][3]                            ? 
_refine.aniso_B[2][2]                            ? 
_refine.aniso_B[2][3]                            ? 
_refine.aniso_B[3][3]                            ? 
_refine.B_iso_max                                70.490 
_refine.B_iso_mean                               34.7735 
_refine.B_iso_min                                19.030 
_refine.correlation_coeff_Fo_to_Fc               ? 
_refine.correlation_coeff_Fo_to_Fc_free          ? 
_refine.details                                  ? 
_refine.diff_density_max                         ? 
_refine.diff_density_max_esd                     ? 
_refine.diff_density_min                         ? 
_refine.diff_density_min_esd                     ? 
_refine.diff_density_rms                         ? 
_refine.diff_density_rms_esd                     ? 
_refine.entry_id                                 5CQ7 
_refine.pdbx_refine_id                           'X-RAY DIFFRACTION' 
_refine.ls_abs_structure_details                 ? 
_refine.ls_abs_structure_Flack                   ? 
_refine.ls_abs_structure_Flack_esd               ? 
_refine.ls_abs_structure_Rogers                  ? 
_refine.ls_abs_structure_Rogers_esd              ? 
_refine.ls_d_res_high                            1.860 
_refine.ls_d_res_low                             42.510 
_refine.ls_extinction_coef                       ? 
_refine.ls_extinction_coef_esd                   ? 
_refine.ls_extinction_expression                 ? 
_refine.ls_extinction_method                     ? 
_refine.ls_goodness_of_fit_all                   ? 
_refine.ls_goodness_of_fit_all_esd               ? 
_refine.ls_goodness_of_fit_obs                   ? 
_refine.ls_goodness_of_fit_obs_esd               ? 
_refine.ls_hydrogen_treatment                    ? 
_refine.ls_matrix_type                           ? 
_refine.ls_number_constraints                    ? 
_refine.ls_number_parameters                     ? 
_refine.ls_number_reflns_all                     ? 
_refine.ls_number_reflns_obs                     19853 
_refine.ls_number_reflns_R_free                  972 
_refine.ls_number_reflns_R_work                  ? 
_refine.ls_number_restraints                     ? 
_refine.ls_percent_reflns_obs                    99.1200 
_refine.ls_percent_reflns_R_free                 4.9000 
_refine.ls_R_factor_all                          ? 
_refine.ls_R_factor_obs                          0.1767 
_refine.ls_R_factor_R_free                       0.2300 
_refine.ls_R_factor_R_free_error                 ? 
_refine.ls_R_factor_R_free_error_details         ? 
_refine.ls_R_factor_R_work                       0.1740 
_refine.ls_R_Fsqd_factor_obs                     ? 
_refine.ls_R_I_factor_obs                        ? 
_refine.ls_redundancy_reflns_all                 ? 
_refine.ls_redundancy_reflns_obs                 ? 
_refine.ls_restrained_S_all                      ? 
_refine.ls_restrained_S_obs                      ? 
_refine.ls_shift_over_esd_max                    ? 
_refine.ls_shift_over_esd_mean                   ? 
_refine.ls_structure_factor_coef                 ? 
_refine.ls_weighting_details                     ? 
_refine.ls_weighting_scheme                      ? 
_refine.ls_wR_factor_all                         ? 
_refine.ls_wR_factor_obs                         ? 
_refine.ls_wR_factor_R_free                      ? 
_refine.ls_wR_factor_R_work                      ? 
_refine.occupancy_max                            ? 
_refine.occupancy_min                            ? 
_refine.solvent_model_details                    'FLAT BULK SOLVENT MODEL' 
_refine.solvent_model_param_bsol                 ? 
_refine.solvent_model_param_ksol                 ? 
_refine.ls_R_factor_gt                           ? 
_refine.ls_goodness_of_fit_gt                    ? 
_refine.ls_goodness_of_fit_ref                   ? 
_refine.ls_shift_over_su_max                     ? 
_refine.ls_shift_over_su_max_lt                  ? 
_refine.ls_shift_over_su_mean                    ? 
_refine.ls_shift_over_su_mean_lt                 ? 
_refine.pdbx_ls_sigma_I                          ? 
_refine.pdbx_ls_sigma_F                          1.340 
_refine.pdbx_ls_sigma_Fsqd                       ? 
_refine.pdbx_data_cutoff_high_absF               ? 
_refine.pdbx_data_cutoff_high_rms_absF           ? 
_refine.pdbx_data_cutoff_low_absF                ? 
_refine.pdbx_isotropic_thermal_model             ? 
_refine.pdbx_ls_cross_valid_method               'FREE R-VALUE' 
_refine.pdbx_method_to_determine_struct          'MOLECULAR REPLACEMENT' 
_refine.pdbx_starting_model                      ? 
_refine.pdbx_stereochemistry_target_values       ML 
_refine.pdbx_R_Free_selection_details            ? 
_refine.pdbx_stereochem_target_val_spec_case     ? 
_refine.pdbx_overall_ESU_R                       ? 
_refine.pdbx_overall_ESU_R_Free                  ? 
_refine.pdbx_solvent_vdw_probe_radii             1.1100 
_refine.pdbx_solvent_ion_probe_radii             ? 
_refine.pdbx_solvent_shrinkage_radii             0.9000 
_refine.pdbx_real_space_R                        ? 
_refine.pdbx_density_correlation                 ? 
_refine.pdbx_pd_number_of_powder_patterns        ? 
_refine.pdbx_pd_number_of_points                 ? 
_refine.pdbx_pd_meas_number_of_points            ? 
_refine.pdbx_pd_proc_ls_prof_R_factor            ? 
_refine.pdbx_pd_proc_ls_prof_wR_factor           ? 
_refine.pdbx_pd_Marquardt_correlation_coeff      ? 
_refine.pdbx_pd_Fsqrd_R_factor                   ? 
_refine.pdbx_pd_ls_matrix_band_width             ? 
_refine.pdbx_overall_phase_error                 23.3000 
_refine.pdbx_overall_SU_R_free_Cruickshank_DPI   ? 
_refine.pdbx_overall_SU_R_free_Blow_DPI          ? 
_refine.pdbx_overall_SU_R_Blow_DPI               ? 
_refine.pdbx_TLS_residual_ADP_flag               ? 
_refine.pdbx_diffrn_id                           1 
_refine.overall_SU_B                             ? 
_refine.overall_SU_ML                            0.2400 
_refine.overall_SU_R_Cruickshank_DPI             ? 
_refine.overall_SU_R_free                        ? 
_refine.overall_FOM_free_R_set                   ? 
_refine.overall_FOM_work_R_set                   ? 
_refine.pdbx_average_fsc_overall                 ? 
_refine.pdbx_average_fsc_work                    ? 
_refine.pdbx_average_fsc_free                    ? 
# 
_refine_hist.cycle_id                         final 
_refine_hist.pdbx_refine_id                   'X-RAY DIFFRACTION' 
_refine_hist.d_res_high                       1.860 
_refine_hist.d_res_low                        42.510 
_refine_hist.pdbx_number_atoms_ligand         19 
_refine_hist.number_atoms_solvent             157 
_refine_hist.number_atoms_total               1103 
_refine_hist.pdbx_number_residues_total       115 
_refine_hist.pdbx_B_iso_mean_ligand           40.35 
_refine_hist.pdbx_B_iso_mean_solvent          42.45 
_refine_hist.pdbx_number_atoms_protein        927 
_refine_hist.pdbx_number_atoms_nucleic_acid   0 
# 
_struct.entry_id                     5CQ7 
_struct.title                        
;Crystal structure of the bromodomain of bromodomain adjacent to zinc finger domain protein 2B (BAZ2B) in complex with N,N-dimethylquinoxaline-6-carboxamide (SGC - Diamond I04-1 fragment screening)
;
_struct.pdbx_model_details           ? 
_struct.pdbx_formula_weight          ? 
_struct.pdbx_formula_weight_method   ? 
_struct.pdbx_model_type_details      ? 
_struct.pdbx_CASP_flag               ? 
# 
_struct_keywords.entry_id        5CQ7 
_struct_keywords.text            'Structural Genomics, Structural Genomics Consortium, SGC, transferase' 
_struct_keywords.pdbx_keywords   TRANSFERASE 
# 
loop_
_struct_asym.id 
_struct_asym.pdbx_blank_PDB_chainid_flag 
_struct_asym.pdbx_modified 
_struct_asym.entity_id 
_struct_asym.details 
A N N 1 ? 
B N N 2 ? 
C N N 3 ? 
D N N 4 ? 
# 
_struct_ref.id                         1 
_struct_ref.db_name                    UNP 
_struct_ref.db_code                    BAZ2B_HUMAN 
_struct_ref.pdbx_db_accession          Q9UIF8 
_struct_ref.pdbx_db_isoform            Q9UIF8-2 
_struct_ref.entity_id                  1 
_struct_ref.pdbx_seq_one_letter_code   
;SVKKPKRDDSKDLALCSMILTEMETHEDAWPFLLPVNLKLVPGYKKVIKKPMDFSTIREKLSSGQYPNLETFALDVRLVF
DNCETFNEDDSDIGRAGHNMRKYFEKKWTDTFK
;
_struct_ref.pdbx_align_begin           1954 
# 
_struct_ref_seq.align_id                      1 
_struct_ref_seq.ref_id                        1 
_struct_ref_seq.pdbx_PDB_id_code              5CQ7 
_struct_ref_seq.pdbx_strand_id                A 
_struct_ref_seq.seq_align_beg                 3 
_struct_ref_seq.pdbx_seq_align_beg_ins_code   ? 
_struct_ref_seq.seq_align_end                 115 
_struct_ref_seq.pdbx_seq_align_end_ins_code   ? 
_struct_ref_seq.pdbx_db_accession             Q9UIF8 
_struct_ref_seq.db_align_beg                  1954 
_struct_ref_seq.pdbx_db_align_beg_ins_code    ? 
_struct_ref_seq.db_align_end                  2066 
_struct_ref_seq.pdbx_db_align_end_ins_code    ? 
_struct_ref_seq.pdbx_auth_seq_align_beg       1858 
_struct_ref_seq.pdbx_auth_seq_align_end       1970 
# 
loop_
_struct_ref_seq_dif.align_id 
_struct_ref_seq_dif.pdbx_pdb_id_code 
_struct_ref_seq_dif.mon_id 
_struct_ref_seq_dif.pdbx_pdb_strand_id 
_struct_ref_seq_dif.seq_num 
_struct_ref_seq_dif.pdbx_pdb_ins_code 
_struct_ref_seq_dif.pdbx_seq_db_name 
_struct_ref_seq_dif.pdbx_seq_db_accession_code 
_struct_ref_seq_dif.db_mon_id 
_struct_ref_seq_dif.pdbx_seq_db_seq_num 
_struct_ref_seq_dif.details 
_struct_ref_seq_dif.pdbx_auth_seq_num 
_struct_ref_seq_dif.pdbx_ordinal 
1 5CQ7 SER A 1 ? UNP Q9UIF8 ? ? 'expression tag' 1856 1 
1 5CQ7 MET A 2 ? UNP Q9UIF8 ? ? 'expression tag' 1857 2 
# 
_pdbx_struct_assembly.id                   1 
_pdbx_struct_assembly.details              software_defined_assembly 
_pdbx_struct_assembly.method_details       PISA 
_pdbx_struct_assembly.oligomeric_details   monomeric 
_pdbx_struct_assembly.oligomeric_count     1 
# 
loop_
_pdbx_struct_assembly_prop.biol_id 
_pdbx_struct_assembly_prop.type 
_pdbx_struct_assembly_prop.value 
_pdbx_struct_assembly_prop.details 
1 'ABSA (A^2)' 220  ? 
1 MORE         3    ? 
1 'SSA (A^2)'  7760 ? 
# 
_pdbx_struct_assembly_gen.assembly_id       1 
_pdbx_struct_assembly_gen.oper_expression   1 
_pdbx_struct_assembly_gen.asym_id_list      A,B,C,D 
# 
_pdbx_struct_oper_list.id                   1 
_pdbx_struct_oper_list.type                 'identity operation' 
_pdbx_struct_oper_list.name                 1_555 
_pdbx_struct_oper_list.symmetry_operation   x,y,z 
_pdbx_struct_oper_list.matrix[1][1]         1.0000000000 
_pdbx_struct_oper_list.matrix[1][2]         0.0000000000 
_pdbx_struct_oper_list.matrix[1][3]         0.0000000000 
_pdbx_struct_oper_list.vector[1]            0.0000000000 
_pdbx_struct_oper_list.matrix[2][1]         0.0000000000 
_pdbx_struct_oper_list.matrix[2][2]         1.0000000000 
_pdbx_struct_oper_list.matrix[2][3]         0.0000000000 
_pdbx_struct_oper_list.vector[2]            0.0000000000 
_pdbx_struct_oper_list.matrix[3][1]         0.0000000000 
_pdbx_struct_oper_list.matrix[3][2]         0.0000000000 
_pdbx_struct_oper_list.matrix[3][3]         1.0000000000 
_pdbx_struct_oper_list.vector[3]            0.0000000000 
# 
loop_
_struct_conf.conf_type_id 
_struct_conf.id 
_struct_conf.pdbx_PDB_helix_id 
_struct_conf.beg_label_comp_id 
_struct_conf.beg_label_asym_id 
_struct_conf.beg_label_seq_id 
_struct_conf.pdbx_beg_PDB_ins_code 
_struct_conf.end_label_comp_id 
_struct_conf.end_label_asym_id 
_struct_conf.end_label_seq_id 
_struct_conf.pdbx_end_PDB_ins_code 
_struct_conf.beg_auth_comp_id 
_struct_conf.beg_auth_asym_id 
_struct_conf.beg_auth_seq_id 
_struct_conf.end_auth_comp_id 
_struct_conf.end_auth_asym_id 
_struct_conf.end_auth_seq_id 
_struct_conf.pdbx_PDB_helix_class 
_struct_conf.details 
_struct_conf.pdbx_PDB_helix_length 
HELX_P HELX_P1 AA1 LYS A 13 ? HIS A 28  ? LYS A 1868 HIS A 1883 1 ? 16 
HELX_P HELX_P2 AA2 GLU A 29 ? LEU A 35  ? GLU A 1884 LEU A 1890 5 ? 7  
HELX_P HELX_P3 AA3 GLY A 45 ? ILE A 50  ? GLY A 1900 ILE A 1905 1 ? 6  
HELX_P HELX_P4 AA4 ASP A 55 ? SER A 65  ? ASP A 1910 SER A 1920 1 ? 11 
HELX_P HELX_P5 AA5 ASN A 70 ? ASN A 89  ? ASN A 1925 ASN A 1944 1 ? 20 
HELX_P HELX_P6 AA6 SER A 93 ? LYS A 115 ? SER A 1948 LYS A 1970 1 ? 23 
# 
_struct_conf_type.id          HELX_P 
_struct_conf_type.criteria    ? 
_struct_conf_type.reference   ? 
# 
loop_
_struct_site.id 
_struct_site.pdbx_evidence_code 
_struct_site.pdbx_auth_asym_id 
_struct_site.pdbx_auth_comp_id 
_struct_site.pdbx_auth_seq_id 
_struct_site.pdbx_auth_ins_code 
_struct_site.pdbx_num_residues 
_struct_site.details 
AC1 Software A 53G 2001 ? 5 'binding site for residue 53G A 2001' 
AC2 Software A EDO 2002 ? 4 'binding site for residue EDO A 2002' 
# 
loop_
_struct_site_gen.id 
_struct_site_gen.site_id 
_struct_site_gen.pdbx_num_res 
_struct_site_gen.label_comp_id 
_struct_site_gen.label_asym_id 
_struct_site_gen.label_seq_id 
_struct_site_gen.pdbx_auth_ins_code 
_struct_site_gen.auth_comp_id 
_struct_site_gen.auth_asym_id 
_struct_site_gen.auth_seq_id 
_struct_site_gen.label_atom_id 
_struct_site_gen.label_alt_id 
_struct_site_gen.symmetry 
_struct_site_gen.details 
1 AC1 5 PRO A 33  ? PRO A 1888 . ? 1_555 ? 
2 AC1 5 VAL A 43  ? VAL A 1898 . ? 1_555 ? 
3 AC1 5 PRO A 44  ? PRO A 1899 . ? 4_566 ? 
4 AC1 5 ASN A 89  ? ASN A 1944 . ? 1_555 ? 
5 AC1 5 HOH D .   ? HOH A 2117 . ? 1_555 ? 
6 AC2 4 MET A 20  ? MET A 1875 . ? 1_555 ? 
7 AC2 4 GLU A 24  ? GLU A 1879 . ? 1_555 ? 
8 AC2 4 LYS A 109 ? LYS A 1964 . ? 1_555 ? 
9 AC2 4 THR A 113 ? THR A 1968 . ? 1_555 ? 
# 
loop_
_pdbx_validate_close_contact.id 
_pdbx_validate_close_contact.PDB_model_num 
_pdbx_validate_close_contact.auth_atom_id_1 
_pdbx_validate_close_contact.auth_asym_id_1 
_pdbx_validate_close_contact.auth_comp_id_1 
_pdbx_validate_close_contact.auth_seq_id_1 
_pdbx_validate_close_contact.PDB_ins_code_1 
_pdbx_validate_close_contact.label_alt_id_1 
_pdbx_validate_close_contact.auth_atom_id_2 
_pdbx_validate_close_contact.auth_asym_id_2 
_pdbx_validate_close_contact.auth_comp_id_2 
_pdbx_validate_close_contact.auth_seq_id_2 
_pdbx_validate_close_contact.PDB_ins_code_2 
_pdbx_validate_close_contact.label_alt_id_2 
_pdbx_validate_close_contact.dist 
1 1 OE1 A GLU 1945 ? B O A HOH 2101 ? ? 2.01 
2 1 NZ  A LYS 1907 ? ? O A HOH 2103 ? ? 2.17 
3 1 O   A HOH 2193 ? ? O A HOH 2204 ? ? 2.19 
4 1 O   A LYS 1970 ? ? O A HOH 2104 ? ? 2.19 
# 
loop_
_pdbx_validate_rmsd_bond.id 
_pdbx_validate_rmsd_bond.PDB_model_num 
_pdbx_validate_rmsd_bond.auth_atom_id_1 
_pdbx_validate_rmsd_bond.auth_asym_id_1 
_pdbx_validate_rmsd_bond.auth_comp_id_1 
_pdbx_validate_rmsd_bond.auth_seq_id_1 
_pdbx_validate_rmsd_bond.PDB_ins_code_1 
_pdbx_validate_rmsd_bond.label_alt_id_1 
_pdbx_validate_rmsd_bond.auth_atom_id_2 
_pdbx_validate_rmsd_bond.auth_asym_id_2 
_pdbx_validate_rmsd_bond.auth_comp_id_2 
_pdbx_validate_rmsd_bond.auth_seq_id_2 
_pdbx_validate_rmsd_bond.PDB_ins_code_2 
_pdbx_validate_rmsd_bond.label_alt_id_2 
_pdbx_validate_rmsd_bond.bond_value 
_pdbx_validate_rmsd_bond.bond_target_value 
_pdbx_validate_rmsd_bond.bond_deviation 
_pdbx_validate_rmsd_bond.bond_standard_deviation 
_pdbx_validate_rmsd_bond.linker_flag 
1  1 CD  A LYS 1860 ? ? CE  A LYS 1860 ? ? 1.767 1.508 0.259  0.025 N 
2  1 CG  A LYS 1861 ? ? CD  A LYS 1861 ? ? 1.747 1.520 0.227  0.034 N 
3  1 CD  A LYS 1861 ? ? CE  A LYS 1861 ? ? 1.728 1.508 0.220  0.025 N 
4  1 CE  A LYS 1861 ? ? NZ  A LYS 1861 ? ? 1.690 1.486 0.204  0.025 N 
5  1 C   A ASP 1866 ? ? O   A ASP 1866 ? ? 1.343 1.229 0.114  0.019 N 
6  1 CB  A SER 1867 ? ? OG  A SER 1867 ? ? 1.499 1.418 0.081  0.013 N 
7  1 CA  A ALA 1871 ? ? CB  A ALA 1871 ? ? 1.735 1.520 0.215  0.021 N 
8  1 CG  A MET 1875 ? ? SD  A MET 1875 ? ? 2.035 1.807 0.228  0.026 N 
9  1 CB  A GLU 1879 ? ? CG  A GLU 1879 ? ? 1.643 1.517 0.126  0.019 N 
10 1 CD  A GLU 1879 ? ? OE2 A GLU 1879 ? ? 1.321 1.252 0.069  0.011 N 
11 1 CG  A GLU 1884 ? ? CD  A GLU 1884 ? ? 1.729 1.515 0.214  0.015 N 
12 1 CB  A ASP 1885 ? ? CG  A ASP 1885 ? ? 1.708 1.513 0.195  0.021 N 
13 1 CA  A PRO 1899 ? ? CB  A PRO 1899 ? ? 1.667 1.531 0.136  0.020 N 
14 1 CZ  A TYR 1901 ? ? OH  A TYR 1901 ? ? 1.488 1.374 0.114  0.017 N 
15 1 CZ  A TYR 1901 ? ? CE2 A TYR 1901 ? ? 1.301 1.381 -0.080 0.013 N 
16 1 CE2 A TYR 1901 ? ? CD2 A TYR 1901 ? ? 1.537 1.389 0.148  0.015 N 
17 1 CB  A VAL 1904 ? ? CG2 A VAL 1904 ? ? 1.687 1.524 0.163  0.021 N 
18 1 CB  A ILE 1905 ? ? CG2 A ILE 1905 ? ? 1.716 1.524 0.192  0.031 N 
19 1 CD  A LYS 1906 ? ? CE  A LYS 1906 ? ? 1.713 1.508 0.205  0.025 N 
20 1 CD  A LYS 1907 ? ? CE  A LYS 1907 ? ? 1.768 1.508 0.260  0.025 N 
21 1 CE  A LYS 1907 ? ? NZ  A LYS 1907 ? ? 1.775 1.486 0.289  0.025 N 
22 1 CG  A GLU 1916 ? ? CD  A GLU 1916 ? ? 1.620 1.515 0.105  0.015 N 
23 1 CD  A GLU 1916 ? ? OE2 A GLU 1916 ? ? 1.339 1.252 0.087  0.011 N 
24 1 CA  A GLY 1921 ? ? C   A GLY 1921 ? ? 1.373 1.514 -0.141 0.016 N 
25 1 CB  A TYR 1923 ? ? CG  A TYR 1923 ? ? 1.654 1.512 0.142  0.015 N 
26 1 CG  A TYR 1923 ? ? CD2 A TYR 1923 ? ? 1.274 1.387 -0.113 0.013 N 
27 1 CA  A LEU 1926 ? ? CB  A LEU 1926 ? ? 1.830 1.533 0.297  0.023 N 
28 1 CB  A GLU 1927 ? ? CG  A GLU 1927 ? ? 1.370 1.517 -0.147 0.019 N 
29 1 CB  A VAL 1936 ? ? CG1 A VAL 1936 ? ? 1.739 1.524 0.215  0.021 N 
30 1 CB  A VAL 1936 ? ? CG2 A VAL 1936 ? ? 1.659 1.524 0.135  0.021 N 
31 1 CE1 A PHE 1937 ? ? CZ  A PHE 1937 ? ? 1.491 1.369 0.122  0.019 N 
32 1 CB  A GLU 1941 ? ? CG  A GLU 1941 ? ? 1.335 1.517 -0.182 0.019 N 
33 1 CD  A GLU 1941 ? ? OE2 A GLU 1941 ? ? 1.334 1.252 0.082  0.011 N 
34 1 CB  A GLU 1945 ? A CG  A GLU 1945 ? A 1.706 1.517 0.189  0.019 N 
35 1 CG  A GLU 1945 ? A CD  A GLU 1945 ? A 1.630 1.515 0.115  0.015 N 
36 1 CD  A GLU 1945 ? A OE2 A GLU 1945 ? A 1.396 1.252 0.144  0.011 N 
37 1 CD  A GLU 1945 ? B OE2 A GLU 1945 ? B 1.178 1.252 -0.074 0.011 N 
38 1 CB  A ASP 1949 ? ? CG  A ASP 1949 ? ? 1.649 1.513 0.136  0.021 N 
39 1 CD  A LYS 1959 ? ? CE  A LYS 1959 ? ? 1.746 1.508 0.238  0.025 N 
40 1 CB  A TYR 1960 ? ? CG  A TYR 1960 ? ? 1.375 1.512 -0.137 0.015 N 
41 1 CG  A TYR 1960 ? ? CD1 A TYR 1960 ? ? 1.549 1.387 0.162  0.013 N 
42 1 CZ  A TYR 1960 ? ? CE2 A TYR 1960 ? ? 1.506 1.381 0.125  0.013 N 
43 1 CG  A PHE 1961 ? ? CD1 A PHE 1961 ? ? 1.506 1.383 0.123  0.015 N 
44 1 CD1 A PHE 1961 ? ? CE1 A PHE 1961 ? ? 1.574 1.388 0.186  0.020 N 
45 1 CE2 A PHE 1961 ? ? CD2 A PHE 1961 ? ? 1.521 1.388 0.133  0.020 N 
46 1 CB  A LYS 1963 ? ? CG  A LYS 1963 ? ? 1.730 1.521 0.209  0.027 N 
47 1 CD  A LYS 1963 ? ? CE  A LYS 1963 ? ? 1.898 1.508 0.390  0.025 N 
48 1 CE  A LYS 1963 ? ? NZ  A LYS 1963 ? ? 1.910 1.486 0.424  0.025 N 
49 1 CD  A LYS 1964 ? ? CE  A LYS 1964 ? ? 1.678 1.508 0.170  0.025 N 
50 1 CE  A LYS 1964 ? ? NZ  A LYS 1964 ? ? 1.670 1.486 0.184  0.025 N 
51 1 CG  A TRP 1965 ? ? CD1 A TRP 1965 ? ? 1.266 1.363 -0.097 0.014 N 
52 1 CZ3 A TRP 1965 ? ? CH2 A TRP 1965 ? ? 1.505 1.396 0.109  0.016 N 
53 1 C   A THR 1968 ? ? O   A THR 1968 ? ? 1.112 1.229 -0.117 0.019 N 
54 1 CE1 A PHE 1969 ? ? CZ  A PHE 1969 ? ? 1.502 1.369 0.133  0.019 N 
55 1 N   A LYS 1970 ? ? CA  A LYS 1970 ? ? 1.619 1.459 0.160  0.020 N 
# 
loop_
_pdbx_validate_rmsd_angle.id 
_pdbx_validate_rmsd_angle.PDB_model_num 
_pdbx_validate_rmsd_angle.auth_atom_id_1 
_pdbx_validate_rmsd_angle.auth_asym_id_1 
_pdbx_validate_rmsd_angle.auth_comp_id_1 
_pdbx_validate_rmsd_angle.auth_seq_id_1 
_pdbx_validate_rmsd_angle.PDB_ins_code_1 
_pdbx_validate_rmsd_angle.label_alt_id_1 
_pdbx_validate_rmsd_angle.auth_atom_id_2 
_pdbx_validate_rmsd_angle.auth_asym_id_2 
_pdbx_validate_rmsd_angle.auth_comp_id_2 
_pdbx_validate_rmsd_angle.auth_seq_id_2 
_pdbx_validate_rmsd_angle.PDB_ins_code_2 
_pdbx_validate_rmsd_angle.label_alt_id_2 
_pdbx_validate_rmsd_angle.auth_atom_id_3 
_pdbx_validate_rmsd_angle.auth_asym_id_3 
_pdbx_validate_rmsd_angle.auth_comp_id_3 
_pdbx_validate_rmsd_angle.auth_seq_id_3 
_pdbx_validate_rmsd_angle.PDB_ins_code_3 
_pdbx_validate_rmsd_angle.label_alt_id_3 
_pdbx_validate_rmsd_angle.angle_value 
_pdbx_validate_rmsd_angle.angle_target_value 
_pdbx_validate_rmsd_angle.angle_deviation 
_pdbx_validate_rmsd_angle.angle_standard_deviation 
_pdbx_validate_rmsd_angle.linker_flag 
1  1 CB  A LYS 1860 ? ? CG A LYS 1860 ? ? CD  A LYS 1860 ? ? 95.11  111.60 -16.49 2.60 N 
2  1 CD  A LYS 1860 ? ? CE A LYS 1860 ? ? NZ  A LYS 1860 ? ? 88.24  111.70 -23.46 2.30 N 
3  1 CD  A LYS 1861 ? ? CE A LYS 1861 ? ? NZ  A LYS 1861 ? ? 81.88  111.70 -29.82 2.30 N 
4  1 NE  A ARG 1864 ? ? CZ A ARG 1864 ? ? NH1 A ARG 1864 ? ? 123.48 120.30 3.18   0.50 N 
5  1 CB  A ASP 1865 ? ? CG A ASP 1865 ? ? OD1 A ASP 1865 ? ? 128.71 118.30 10.41  0.90 N 
6  1 CB  A LEU 1872 ? ? CG A LEU 1872 ? ? CD2 A LEU 1872 ? ? 100.38 111.00 -10.62 1.70 N 
7  1 CG  A MET 1880 ? ? SD A MET 1880 ? ? CE  A MET 1880 ? ? 76.68  100.20 -23.52 1.60 N 
8  1 OE1 A GLU 1881 ? ? CD A GLU 1881 ? ? OE2 A GLU 1881 ? ? 110.70 123.30 -12.60 1.20 N 
9  1 OE1 A GLU 1884 ? ? CD A GLU 1884 ? ? OE2 A GLU 1884 ? ? 114.06 123.30 -9.24  1.20 N 
10 1 CB  A LEU 1891 ? ? CG A LEU 1891 ? ? CD2 A LEU 1891 ? ? 100.06 111.00 -10.94 1.70 N 
11 1 CA  A LEU 1897 ? ? CB A LEU 1897 ? ? CG  A LEU 1897 ? ? 99.68  115.30 -15.62 2.30 N 
12 1 CB  A TYR 1901 ? ? CG A TYR 1901 ? ? CD2 A TYR 1901 ? ? 116.79 121.00 -4.21  0.60 N 
13 1 CB  A ASP 1910 ? ? CG A ASP 1910 ? ? OD2 A ASP 1910 ? ? 112.17 118.30 -6.13  0.90 N 
14 1 NE  A ARG 1915 ? ? CZ A ARG 1915 ? ? NH1 A ARG 1915 ? ? 123.45 120.30 3.15   0.50 N 
15 1 CB  A LEU 1918 ? ? CG A LEU 1918 ? ? CD2 A LEU 1918 ? ? 124.50 111.00 13.50  1.70 N 
16 1 CA  A LEU 1926 ? ? CB A LEU 1926 ? ? CG  A LEU 1926 ? ? 87.89  115.30 -27.41 2.30 N 
17 1 CB  A LEU 1926 ? ? CG A LEU 1926 ? ? CD1 A LEU 1926 ? ? 95.00  111.00 -16.00 1.70 N 
18 1 CA  A GLU 1927 ? ? CB A GLU 1927 ? ? CG  A GLU 1927 ? ? 98.41  113.40 -14.99 2.20 N 
19 1 CB  A PHE 1929 ? ? CG A PHE 1929 ? ? CD2 A PHE 1929 ? ? 113.85 120.80 -6.95  0.70 N 
20 1 CG1 A VAL 1936 ? ? CB A VAL 1936 ? ? CG2 A VAL 1936 ? ? 100.78 110.90 -10.12 1.60 N 
21 1 CA  A GLU 1941 ? ? CB A GLU 1941 ? ? CG  A GLU 1941 ? ? 99.93  113.40 -13.47 2.20 N 
22 1 OE1 A GLU 1941 ? ? CD A GLU 1941 ? ? OE2 A GLU 1941 ? ? 131.05 123.30 7.75   1.20 N 
23 1 CB  A ASP 1946 ? ? CG A ASP 1946 ? ? OD1 A ASP 1946 ? ? 124.36 118.30 6.06   0.90 N 
24 1 CB  A ASP 1947 ? ? CG A ASP 1947 ? ? OD1 A ASP 1947 ? ? 126.57 118.30 8.27   0.90 N 
25 1 CB  A ASP 1947 ? ? CG A ASP 1947 ? ? OD2 A ASP 1947 ? ? 110.09 118.30 -8.21  0.90 N 
26 1 CB  A ASP 1949 ? ? CG A ASP 1949 ? ? OD1 A ASP 1949 ? ? 110.21 118.30 -8.09  0.90 N 
27 1 NE  A ARG 1952 ? ? CZ A ARG 1952 ? ? NH2 A ARG 1952 ? ? 115.32 120.30 -4.98  0.50 N 
28 1 CB  A LYS 1963 ? ? CG A LYS 1963 ? ? CD  A LYS 1963 ? ? 95.13  111.60 -16.47 2.60 N 
29 1 CD  A LYS 1963 ? ? CE A LYS 1963 ? ? NZ  A LYS 1963 ? ? 93.79  111.70 -17.91 2.30 N 
30 1 CA  A LYS 1964 ? ? CB A LYS 1964 ? ? CG  A LYS 1964 ? ? 127.54 113.40 14.14  2.20 N 
31 1 CD  A LYS 1964 ? ? CE A LYS 1964 ? ? NZ  A LYS 1964 ? ? 86.96  111.70 -24.74 2.30 N 
32 1 CB  A ASP 1967 ? ? CG A ASP 1967 ? ? OD1 A ASP 1967 ? ? 125.97 118.30 7.67   0.90 N 
33 1 CB  A ASP 1967 ? ? CG A ASP 1967 ? ? OD2 A ASP 1967 ? ? 110.84 118.30 -7.46  0.90 N 
# 
_pdbx_validate_torsion.id              1 
_pdbx_validate_torsion.PDB_model_num   1 
_pdbx_validate_torsion.auth_comp_id    LEU 
_pdbx_validate_torsion.auth_asym_id    A 
_pdbx_validate_torsion.auth_seq_id     1926 
_pdbx_validate_torsion.PDB_ins_code    ? 
_pdbx_validate_torsion.label_alt_id    ? 
_pdbx_validate_torsion.phi             -20.77 
_pdbx_validate_torsion.psi             -62.37 
# 
_pdbx_validate_main_chain_plane.id                       1 
_pdbx_validate_main_chain_plane.PDB_model_num            1 
_pdbx_validate_main_chain_plane.auth_comp_id             ARG 
_pdbx_validate_main_chain_plane.auth_asym_id             A 
_pdbx_validate_main_chain_plane.auth_seq_id              1864 
_pdbx_validate_main_chain_plane.PDB_ins_code             ? 
_pdbx_validate_main_chain_plane.label_alt_id             ? 
_pdbx_validate_main_chain_plane.improper_torsion_angle   12.95 
# 
_pdbx_SG_project.id                    1 
_pdbx_SG_project.project_name          'Enzyme Function Initiative' 
_pdbx_SG_project.full_name_of_center   'Structural Genomics Consortium' 
_pdbx_SG_project.initial_of_center     SGC 
# 
_phasing.method   MR 
# 
loop_
_chem_comp_atom.comp_id 
_chem_comp_atom.atom_id 
_chem_comp_atom.type_symbol 
_chem_comp_atom.pdbx_aromatic_flag 
_chem_comp_atom.pdbx_stereo_config 
_chem_comp_atom.pdbx_ordinal 
53G N1   N Y N 1   
53G C4   C Y N 2   
53G C5   C Y N 3   
53G C6   C Y N 4   
53G C7   C Y N 5   
53G C8   C Y N 6   
53G C10  C Y N 7   
53G O    O N N 8   
53G C2   C N N 9   
53G N    N N N 10  
53G C1   C N N 11  
53G C    C N N 12  
53G C3   C Y N 13  
53G C9   C Y N 14  
53G N2   N Y N 15  
53G H1   H N N 16  
53G H2   H N N 17  
53G H3   H N N 18  
53G H4   H N N 19  
53G H5   H N N 20  
53G H6   H N N 21  
53G H7   H N N 22  
53G H8   H N N 23  
53G H9   H N N 24  
53G H10  H N N 25  
53G H11  H N N 26  
ALA N    N N N 27  
ALA CA   C N S 28  
ALA C    C N N 29  
ALA O    O N N 30  
ALA CB   C N N 31  
ALA OXT  O N N 32  
ALA H    H N N 33  
ALA H2   H N N 34  
ALA HA   H N N 35  
ALA HB1  H N N 36  
ALA HB2  H N N 37  
ALA HB3  H N N 38  
ALA HXT  H N N 39  
ARG N    N N N 40  
ARG CA   C N S 41  
ARG C    C N N 42  
ARG O    O N N 43  
ARG CB   C N N 44  
ARG CG   C N N 45  
ARG CD   C N N 46  
ARG NE   N N N 47  
ARG CZ   C N N 48  
ARG NH1  N N N 49  
ARG NH2  N N N 50  
ARG OXT  O N N 51  
ARG H    H N N 52  
ARG H2   H N N 53  
ARG HA   H N N 54  
ARG HB2  H N N 55  
ARG HB3  H N N 56  
ARG HG2  H N N 57  
ARG HG3  H N N 58  
ARG HD2  H N N 59  
ARG HD3  H N N 60  
ARG HE   H N N 61  
ARG HH11 H N N 62  
ARG HH12 H N N 63  
ARG HH21 H N N 64  
ARG HH22 H N N 65  
ARG HXT  H N N 66  
ASN N    N N N 67  
ASN CA   C N S 68  
ASN C    C N N 69  
ASN O    O N N 70  
ASN CB   C N N 71  
ASN CG   C N N 72  
ASN OD1  O N N 73  
ASN ND2  N N N 74  
ASN OXT  O N N 75  
ASN H    H N N 76  
ASN H2   H N N 77  
ASN HA   H N N 78  
ASN HB2  H N N 79  
ASN HB3  H N N 80  
ASN HD21 H N N 81  
ASN HD22 H N N 82  
ASN HXT  H N N 83  
ASP N    N N N 84  
ASP CA   C N S 85  
ASP C    C N N 86  
ASP O    O N N 87  
ASP CB   C N N 88  
ASP CG   C N N 89  
ASP OD1  O N N 90  
ASP OD2  O N N 91  
ASP OXT  O N N 92  
ASP H    H N N 93  
ASP H2   H N N 94  
ASP HA   H N N 95  
ASP HB2  H N N 96  
ASP HB3  H N N 97  
ASP HD2  H N N 98  
ASP HXT  H N N 99  
CYS N    N N N 100 
CYS CA   C N R 101 
CYS C    C N N 102 
CYS O    O N N 103 
CYS CB   C N N 104 
CYS SG   S N N 105 
CYS OXT  O N N 106 
CYS H    H N N 107 
CYS H2   H N N 108 
CYS HA   H N N 109 
CYS HB2  H N N 110 
CYS HB3  H N N 111 
CYS HG   H N N 112 
CYS HXT  H N N 113 
EDO C1   C N N 114 
EDO O1   O N N 115 
EDO C2   C N N 116 
EDO O2   O N N 117 
EDO H11  H N N 118 
EDO H12  H N N 119 
EDO HO1  H N N 120 
EDO H21  H N N 121 
EDO H22  H N N 122 
EDO HO2  H N N 123 
GLN N    N N N 124 
GLN CA   C N S 125 
GLN C    C N N 126 
GLN O    O N N 127 
GLN CB   C N N 128 
GLN CG   C N N 129 
GLN CD   C N N 130 
GLN OE1  O N N 131 
GLN NE2  N N N 132 
GLN OXT  O N N 133 
GLN H    H N N 134 
GLN H2   H N N 135 
GLN HA   H N N 136 
GLN HB2  H N N 137 
GLN HB3  H N N 138 
GLN HG2  H N N 139 
GLN HG3  H N N 140 
GLN HE21 H N N 141 
GLN HE22 H N N 142 
GLN HXT  H N N 143 
GLU N    N N N 144 
GLU CA   C N S 145 
GLU C    C N N 146 
GLU O    O N N 147 
GLU CB   C N N 148 
GLU CG   C N N 149 
GLU CD   C N N 150 
GLU OE1  O N N 151 
GLU OE2  O N N 152 
GLU OXT  O N N 153 
GLU H    H N N 154 
GLU H2   H N N 155 
GLU HA   H N N 156 
GLU HB2  H N N 157 
GLU HB3  H N N 158 
GLU HG2  H N N 159 
GLU HG3  H N N 160 
GLU HE2  H N N 161 
GLU HXT  H N N 162 
GLY N    N N N 163 
GLY CA   C N N 164 
GLY C    C N N 165 
GLY O    O N N 166 
GLY OXT  O N N 167 
GLY H    H N N 168 
GLY H2   H N N 169 
GLY HA2  H N N 170 
GLY HA3  H N N 171 
GLY HXT  H N N 172 
HIS N    N N N 173 
HIS CA   C N S 174 
HIS C    C N N 175 
HIS O    O N N 176 
HIS CB   C N N 177 
HIS CG   C Y N 178 
HIS ND1  N Y N 179 
HIS CD2  C Y N 180 
HIS CE1  C Y N 181 
HIS NE2  N Y N 182 
HIS OXT  O N N 183 
HIS H    H N N 184 
HIS H2   H N N 185 
HIS HA   H N N 186 
HIS HB2  H N N 187 
HIS HB3  H N N 188 
HIS HD1  H N N 189 
HIS HD2  H N N 190 
HIS HE1  H N N 191 
HIS HE2  H N N 192 
HIS HXT  H N N 193 
HOH O    O N N 194 
HOH H1   H N N 195 
HOH H2   H N N 196 
ILE N    N N N 197 
ILE CA   C N S 198 
ILE C    C N N 199 
ILE O    O N N 200 
ILE CB   C N S 201 
ILE CG1  C N N 202 
ILE CG2  C N N 203 
ILE CD1  C N N 204 
ILE OXT  O N N 205 
ILE H    H N N 206 
ILE H2   H N N 207 
ILE HA   H N N 208 
ILE HB   H N N 209 
ILE HG12 H N N 210 
ILE HG13 H N N 211 
ILE HG21 H N N 212 
ILE HG22 H N N 213 
ILE HG23 H N N 214 
ILE HD11 H N N 215 
ILE HD12 H N N 216 
ILE HD13 H N N 217 
ILE HXT  H N N 218 
LEU N    N N N 219 
LEU CA   C N S 220 
LEU C    C N N 221 
LEU O    O N N 222 
LEU CB   C N N 223 
LEU CG   C N N 224 
LEU CD1  C N N 225 
LEU CD2  C N N 226 
LEU OXT  O N N 227 
LEU H    H N N 228 
LEU H2   H N N 229 
LEU HA   H N N 230 
LEU HB2  H N N 231 
LEU HB3  H N N 232 
LEU HG   H N N 233 
LEU HD11 H N N 234 
LEU HD12 H N N 235 
LEU HD13 H N N 236 
LEU HD21 H N N 237 
LEU HD22 H N N 238 
LEU HD23 H N N 239 
LEU HXT  H N N 240 
LYS N    N N N 241 
LYS CA   C N S 242 
LYS C    C N N 243 
LYS O    O N N 244 
LYS CB   C N N 245 
LYS CG   C N N 246 
LYS CD   C N N 247 
LYS CE   C N N 248 
LYS NZ   N N N 249 
LYS OXT  O N N 250 
LYS H    H N N 251 
LYS H2   H N N 252 
LYS HA   H N N 253 
LYS HB2  H N N 254 
LYS HB3  H N N 255 
LYS HG2  H N N 256 
LYS HG3  H N N 257 
LYS HD2  H N N 258 
LYS HD3  H N N 259 
LYS HE2  H N N 260 
LYS HE3  H N N 261 
LYS HZ1  H N N 262 
LYS HZ2  H N N 263 
LYS HZ3  H N N 264 
LYS HXT  H N N 265 
MET N    N N N 266 
MET CA   C N S 267 
MET C    C N N 268 
MET O    O N N 269 
MET CB   C N N 270 
MET CG   C N N 271 
MET SD   S N N 272 
MET CE   C N N 273 
MET OXT  O N N 274 
MET H    H N N 275 
MET H2   H N N 276 
MET HA   H N N 277 
MET HB2  H N N 278 
MET HB3  H N N 279 
MET HG2  H N N 280 
MET HG3  H N N 281 
MET HE1  H N N 282 
MET HE2  H N N 283 
MET HE3  H N N 284 
MET HXT  H N N 285 
PHE N    N N N 286 
PHE CA   C N S 287 
PHE C    C N N 288 
PHE O    O N N 289 
PHE CB   C N N 290 
PHE CG   C Y N 291 
PHE CD1  C Y N 292 
PHE CD2  C Y N 293 
PHE CE1  C Y N 294 
PHE CE2  C Y N 295 
PHE CZ   C Y N 296 
PHE OXT  O N N 297 
PHE H    H N N 298 
PHE H2   H N N 299 
PHE HA   H N N 300 
PHE HB2  H N N 301 
PHE HB3  H N N 302 
PHE HD1  H N N 303 
PHE HD2  H N N 304 
PHE HE1  H N N 305 
PHE HE2  H N N 306 
PHE HZ   H N N 307 
PHE HXT  H N N 308 
PRO N    N N N 309 
PRO CA   C N S 310 
PRO C    C N N 311 
PRO O    O N N 312 
PRO CB   C N N 313 
PRO CG   C N N 314 
PRO CD   C N N 315 
PRO OXT  O N N 316 
PRO H    H N N 317 
PRO HA   H N N 318 
PRO HB2  H N N 319 
PRO HB3  H N N 320 
PRO HG2  H N N 321 
PRO HG3  H N N 322 
PRO HD2  H N N 323 
PRO HD3  H N N 324 
PRO HXT  H N N 325 
SER N    N N N 326 
SER CA   C N S 327 
SER C    C N N 328 
SER O    O N N 329 
SER CB   C N N 330 
SER OG   O N N 331 
SER OXT  O N N 332 
SER H    H N N 333 
SER H2   H N N 334 
SER HA   H N N 335 
SER HB2  H N N 336 
SER HB3  H N N 337 
SER HG   H N N 338 
SER HXT  H N N 339 
THR N    N N N 340 
THR CA   C N S 341 
THR C    C N N 342 
THR O    O N N 343 
THR CB   C N R 344 
THR OG1  O N N 345 
THR CG2  C N N 346 
THR OXT  O N N 347 
THR H    H N N 348 
THR H2   H N N 349 
THR HA   H N N 350 
THR HB   H N N 351 
THR HG1  H N N 352 
THR HG21 H N N 353 
THR HG22 H N N 354 
THR HG23 H N N 355 
THR HXT  H N N 356 
TRP N    N N N 357 
TRP CA   C N S 358 
TRP C    C N N 359 
TRP O    O N N 360 
TRP CB   C N N 361 
TRP CG   C Y N 362 
TRP CD1  C Y N 363 
TRP CD2  C Y N 364 
TRP NE1  N Y N 365 
TRP CE2  C Y N 366 
TRP CE3  C Y N 367 
TRP CZ2  C Y N 368 
TRP CZ3  C Y N 369 
TRP CH2  C Y N 370 
TRP OXT  O N N 371 
TRP H    H N N 372 
TRP H2   H N N 373 
TRP HA   H N N 374 
TRP HB2  H N N 375 
TRP HB3  H N N 376 
TRP HD1  H N N 377 
TRP HE1  H N N 378 
TRP HE3  H N N 379 
TRP HZ2  H N N 380 
TRP HZ3  H N N 381 
TRP HH2  H N N 382 
TRP HXT  H N N 383 
TYR N    N N N 384 
TYR CA   C N S 385 
TYR C    C N N 386 
TYR O    O N N 387 
TYR CB   C N N 388 
TYR CG   C Y N 389 
TYR CD1  C Y N 390 
TYR CD2  C Y N 391 
TYR CE1  C Y N 392 
TYR CE2  C Y N 393 
TYR CZ   C Y N 394 
TYR OH   O N N 395 
TYR OXT  O N N 396 
TYR H    H N N 397 
TYR H2   H N N 398 
TYR HA   H N N 399 
TYR HB2  H N N 400 
TYR HB3  H N N 401 
TYR HD1  H N N 402 
TYR HD2  H N N 403 
TYR HE1  H N N 404 
TYR HE2  H N N 405 
TYR HH   H N N 406 
TYR HXT  H N N 407 
VAL N    N N N 408 
VAL CA   C N S 409 
VAL C    C N N 410 
VAL O    O N N 411 
VAL CB   C N N 412 
VAL CG1  C N N 413 
VAL CG2  C N N 414 
VAL OXT  O N N 415 
VAL H    H N N 416 
VAL H2   H N N 417 
VAL HA   H N N 418 
VAL HB   H N N 419 
VAL HG11 H N N 420 
VAL HG12 H N N 421 
VAL HG13 H N N 422 
VAL HG21 H N N 423 
VAL HG22 H N N 424 
VAL HG23 H N N 425 
VAL HXT  H N N 426 
# 
loop_
_chem_comp_bond.comp_id 
_chem_comp_bond.atom_id_1 
_chem_comp_bond.atom_id_2 
_chem_comp_bond.value_order 
_chem_comp_bond.pdbx_aromatic_flag 
_chem_comp_bond.pdbx_stereo_config 
_chem_comp_bond.pdbx_ordinal 
53G N1  C9   sing Y N 1   
53G N1  C7   doub Y N 2   
53G C9  C10  doub Y N 3   
53G C8  C7   sing Y N 4   
53G C8  C3   doub Y N 5   
53G C7  C6   sing Y N 6   
53G C   N    sing N N 7   
53G C1  N    sing N N 8   
53G N   C2   sing N N 9   
53G C2  C3   sing N N 10  
53G C2  O    doub N N 11  
53G C3  C4   sing Y N 12  
53G C10 N2   sing Y N 13  
53G C6  N2   doub Y N 14  
53G C6  C5   sing Y N 15  
53G C4  C5   doub Y N 16  
53G C4  H1   sing N N 17  
53G C5  H2   sing N N 18  
53G C8  H3   sing N N 19  
53G C10 H4   sing N N 20  
53G C1  H5   sing N N 21  
53G C1  H6   sing N N 22  
53G C1  H7   sing N N 23  
53G C   H8   sing N N 24  
53G C   H9   sing N N 25  
53G C   H10  sing N N 26  
53G C9  H11  sing N N 27  
ALA N   CA   sing N N 28  
ALA N   H    sing N N 29  
ALA N   H2   sing N N 30  
ALA CA  C    sing N N 31  
ALA CA  CB   sing N N 32  
ALA CA  HA   sing N N 33  
ALA C   O    doub N N 34  
ALA C   OXT  sing N N 35  
ALA CB  HB1  sing N N 36  
ALA CB  HB2  sing N N 37  
ALA CB  HB3  sing N N 38  
ALA OXT HXT  sing N N 39  
ARG N   CA   sing N N 40  
ARG N   H    sing N N 41  
ARG N   H2   sing N N 42  
ARG CA  C    sing N N 43  
ARG CA  CB   sing N N 44  
ARG CA  HA   sing N N 45  
ARG C   O    doub N N 46  
ARG C   OXT  sing N N 47  
ARG CB  CG   sing N N 48  
ARG CB  HB2  sing N N 49  
ARG CB  HB3  sing N N 50  
ARG CG  CD   sing N N 51  
ARG CG  HG2  sing N N 52  
ARG CG  HG3  sing N N 53  
ARG CD  NE   sing N N 54  
ARG CD  HD2  sing N N 55  
ARG CD  HD3  sing N N 56  
ARG NE  CZ   sing N N 57  
ARG NE  HE   sing N N 58  
ARG CZ  NH1  sing N N 59  
ARG CZ  NH2  doub N N 60  
ARG NH1 HH11 sing N N 61  
ARG NH1 HH12 sing N N 62  
ARG NH2 HH21 sing N N 63  
ARG NH2 HH22 sing N N 64  
ARG OXT HXT  sing N N 65  
ASN N   CA   sing N N 66  
ASN N   H    sing N N 67  
ASN N   H2   sing N N 68  
ASN CA  C    sing N N 69  
ASN CA  CB   sing N N 70  
ASN CA  HA   sing N N 71  
ASN C   O    doub N N 72  
ASN C   OXT  sing N N 73  
ASN CB  CG   sing N N 74  
ASN CB  HB2  sing N N 75  
ASN CB  HB3  sing N N 76  
ASN CG  OD1  doub N N 77  
ASN CG  ND2  sing N N 78  
ASN ND2 HD21 sing N N 79  
ASN ND2 HD22 sing N N 80  
ASN OXT HXT  sing N N 81  
ASP N   CA   sing N N 82  
ASP N   H    sing N N 83  
ASP N   H2   sing N N 84  
ASP CA  C    sing N N 85  
ASP CA  CB   sing N N 86  
ASP CA  HA   sing N N 87  
ASP C   O    doub N N 88  
ASP C   OXT  sing N N 89  
ASP CB  CG   sing N N 90  
ASP CB  HB2  sing N N 91  
ASP CB  HB3  sing N N 92  
ASP CG  OD1  doub N N 93  
ASP CG  OD2  sing N N 94  
ASP OD2 HD2  sing N N 95  
ASP OXT HXT  sing N N 96  
CYS N   CA   sing N N 97  
CYS N   H    sing N N 98  
CYS N   H2   sing N N 99  
CYS CA  C    sing N N 100 
CYS CA  CB   sing N N 101 
CYS CA  HA   sing N N 102 
CYS C   O    doub N N 103 
CYS C   OXT  sing N N 104 
CYS CB  SG   sing N N 105 
CYS CB  HB2  sing N N 106 
CYS CB  HB3  sing N N 107 
CYS SG  HG   sing N N 108 
CYS OXT HXT  sing N N 109 
EDO C1  O1   sing N N 110 
EDO C1  C2   sing N N 111 
EDO C1  H11  sing N N 112 
EDO C1  H12  sing N N 113 
EDO O1  HO1  sing N N 114 
EDO C2  O2   sing N N 115 
EDO C2  H21  sing N N 116 
EDO C2  H22  sing N N 117 
EDO O2  HO2  sing N N 118 
GLN N   CA   sing N N 119 
GLN N   H    sing N N 120 
GLN N   H2   sing N N 121 
GLN CA  C    sing N N 122 
GLN CA  CB   sing N N 123 
GLN CA  HA   sing N N 124 
GLN C   O    doub N N 125 
GLN C   OXT  sing N N 126 
GLN CB  CG   sing N N 127 
GLN CB  HB2  sing N N 128 
GLN CB  HB3  sing N N 129 
GLN CG  CD   sing N N 130 
GLN CG  HG2  sing N N 131 
GLN CG  HG3  sing N N 132 
GLN CD  OE1  doub N N 133 
GLN CD  NE2  sing N N 134 
GLN NE2 HE21 sing N N 135 
GLN NE2 HE22 sing N N 136 
GLN OXT HXT  sing N N 137 
GLU N   CA   sing N N 138 
GLU N   H    sing N N 139 
GLU N   H2   sing N N 140 
GLU CA  C    sing N N 141 
GLU CA  CB   sing N N 142 
GLU CA  HA   sing N N 143 
GLU C   O    doub N N 144 
GLU C   OXT  sing N N 145 
GLU CB  CG   sing N N 146 
GLU CB  HB2  sing N N 147 
GLU CB  HB3  sing N N 148 
GLU CG  CD   sing N N 149 
GLU CG  HG2  sing N N 150 
GLU CG  HG3  sing N N 151 
GLU CD  OE1  doub N N 152 
GLU CD  OE2  sing N N 153 
GLU OE2 HE2  sing N N 154 
GLU OXT HXT  sing N N 155 
GLY N   CA   sing N N 156 
GLY N   H    sing N N 157 
GLY N   H2   sing N N 158 
GLY CA  C    sing N N 159 
GLY CA  HA2  sing N N 160 
GLY CA  HA3  sing N N 161 
GLY C   O    doub N N 162 
GLY C   OXT  sing N N 163 
GLY OXT HXT  sing N N 164 
HIS N   CA   sing N N 165 
HIS N   H    sing N N 166 
HIS N   H2   sing N N 167 
HIS CA  C    sing N N 168 
HIS CA  CB   sing N N 169 
HIS CA  HA   sing N N 170 
HIS C   O    doub N N 171 
HIS C   OXT  sing N N 172 
HIS CB  CG   sing N N 173 
HIS CB  HB2  sing N N 174 
HIS CB  HB3  sing N N 175 
HIS CG  ND1  sing Y N 176 
HIS CG  CD2  doub Y N 177 
HIS ND1 CE1  doub Y N 178 
HIS ND1 HD1  sing N N 179 
HIS CD2 NE2  sing Y N 180 
HIS CD2 HD2  sing N N 181 
HIS CE1 NE2  sing Y N 182 
HIS CE1 HE1  sing N N 183 
HIS NE2 HE2  sing N N 184 
HIS OXT HXT  sing N N 185 
HOH O   H1   sing N N 186 
HOH O   H2   sing N N 187 
ILE N   CA   sing N N 188 
ILE N   H    sing N N 189 
ILE N   H2   sing N N 190 
ILE CA  C    sing N N 191 
ILE CA  CB   sing N N 192 
ILE CA  HA   sing N N 193 
ILE C   O    doub N N 194 
ILE C   OXT  sing N N 195 
ILE CB  CG1  sing N N 196 
ILE CB  CG2  sing N N 197 
ILE CB  HB   sing N N 198 
ILE CG1 CD1  sing N N 199 
ILE CG1 HG12 sing N N 200 
ILE CG1 HG13 sing N N 201 
ILE CG2 HG21 sing N N 202 
ILE CG2 HG22 sing N N 203 
ILE CG2 HG23 sing N N 204 
ILE CD1 HD11 sing N N 205 
ILE CD1 HD12 sing N N 206 
ILE CD1 HD13 sing N N 207 
ILE OXT HXT  sing N N 208 
LEU N   CA   sing N N 209 
LEU N   H    sing N N 210 
LEU N   H2   sing N N 211 
LEU CA  C    sing N N 212 
LEU CA  CB   sing N N 213 
LEU CA  HA   sing N N 214 
LEU C   O    doub N N 215 
LEU C   OXT  sing N N 216 
LEU CB  CG   sing N N 217 
LEU CB  HB2  sing N N 218 
LEU CB  HB3  sing N N 219 
LEU CG  CD1  sing N N 220 
LEU CG  CD2  sing N N 221 
LEU CG  HG   sing N N 222 
LEU CD1 HD11 sing N N 223 
LEU CD1 HD12 sing N N 224 
LEU CD1 HD13 sing N N 225 
LEU CD2 HD21 sing N N 226 
LEU CD2 HD22 sing N N 227 
LEU CD2 HD23 sing N N 228 
LEU OXT HXT  sing N N 229 
LYS N   CA   sing N N 230 
LYS N   H    sing N N 231 
LYS N   H2   sing N N 232 
LYS CA  C    sing N N 233 
LYS CA  CB   sing N N 234 
LYS CA  HA   sing N N 235 
LYS C   O    doub N N 236 
LYS C   OXT  sing N N 237 
LYS CB  CG   sing N N 238 
LYS CB  HB2  sing N N 239 
LYS CB  HB3  sing N N 240 
LYS CG  CD   sing N N 241 
LYS CG  HG2  sing N N 242 
LYS CG  HG3  sing N N 243 
LYS CD  CE   sing N N 244 
LYS CD  HD2  sing N N 245 
LYS CD  HD3  sing N N 246 
LYS CE  NZ   sing N N 247 
LYS CE  HE2  sing N N 248 
LYS CE  HE3  sing N N 249 
LYS NZ  HZ1  sing N N 250 
LYS NZ  HZ2  sing N N 251 
LYS NZ  HZ3  sing N N 252 
LYS OXT HXT  sing N N 253 
MET N   CA   sing N N 254 
MET N   H    sing N N 255 
MET N   H2   sing N N 256 
MET CA  C    sing N N 257 
MET CA  CB   sing N N 258 
MET CA  HA   sing N N 259 
MET C   O    doub N N 260 
MET C   OXT  sing N N 261 
MET CB  CG   sing N N 262 
MET CB  HB2  sing N N 263 
MET CB  HB3  sing N N 264 
MET CG  SD   sing N N 265 
MET CG  HG2  sing N N 266 
MET CG  HG3  sing N N 267 
MET SD  CE   sing N N 268 
MET CE  HE1  sing N N 269 
MET CE  HE2  sing N N 270 
MET CE  HE3  sing N N 271 
MET OXT HXT  sing N N 272 
PHE N   CA   sing N N 273 
PHE N   H    sing N N 274 
PHE N   H2   sing N N 275 
PHE CA  C    sing N N 276 
PHE CA  CB   sing N N 277 
PHE CA  HA   sing N N 278 
PHE C   O    doub N N 279 
PHE C   OXT  sing N N 280 
PHE CB  CG   sing N N 281 
PHE CB  HB2  sing N N 282 
PHE CB  HB3  sing N N 283 
PHE CG  CD1  doub Y N 284 
PHE CG  CD2  sing Y N 285 
PHE CD1 CE1  sing Y N 286 
PHE CD1 HD1  sing N N 287 
PHE CD2 CE2  doub Y N 288 
PHE CD2 HD2  sing N N 289 
PHE CE1 CZ   doub Y N 290 
PHE CE1 HE1  sing N N 291 
PHE CE2 CZ   sing Y N 292 
PHE CE2 HE2  sing N N 293 
PHE CZ  HZ   sing N N 294 
PHE OXT HXT  sing N N 295 
PRO N   CA   sing N N 296 
PRO N   CD   sing N N 297 
PRO N   H    sing N N 298 
PRO CA  C    sing N N 299 
PRO CA  CB   sing N N 300 
PRO CA  HA   sing N N 301 
PRO C   O    doub N N 302 
PRO C   OXT  sing N N 303 
PRO CB  CG   sing N N 304 
PRO CB  HB2  sing N N 305 
PRO CB  HB3  sing N N 306 
PRO CG  CD   sing N N 307 
PRO CG  HG2  sing N N 308 
PRO CG  HG3  sing N N 309 
PRO CD  HD2  sing N N 310 
PRO CD  HD3  sing N N 311 
PRO OXT HXT  sing N N 312 
SER N   CA   sing N N 313 
SER N   H    sing N N 314 
SER N   H2   sing N N 315 
SER CA  C    sing N N 316 
SER CA  CB   sing N N 317 
SER CA  HA   sing N N 318 
SER C   O    doub N N 319 
SER C   OXT  sing N N 320 
SER CB  OG   sing N N 321 
SER CB  HB2  sing N N 322 
SER CB  HB3  sing N N 323 
SER OG  HG   sing N N 324 
SER OXT HXT  sing N N 325 
THR N   CA   sing N N 326 
THR N   H    sing N N 327 
THR N   H2   sing N N 328 
THR CA  C    sing N N 329 
THR CA  CB   sing N N 330 
THR CA  HA   sing N N 331 
THR C   O    doub N N 332 
THR C   OXT  sing N N 333 
THR CB  OG1  sing N N 334 
THR CB  CG2  sing N N 335 
THR CB  HB   sing N N 336 
THR OG1 HG1  sing N N 337 
THR CG2 HG21 sing N N 338 
THR CG2 HG22 sing N N 339 
THR CG2 HG23 sing N N 340 
THR OXT HXT  sing N N 341 
TRP N   CA   sing N N 342 
TRP N   H    sing N N 343 
TRP N   H2   sing N N 344 
TRP CA  C    sing N N 345 
TRP CA  CB   sing N N 346 
TRP CA  HA   sing N N 347 
TRP C   O    doub N N 348 
TRP C   OXT  sing N N 349 
TRP CB  CG   sing N N 350 
TRP CB  HB2  sing N N 351 
TRP CB  HB3  sing N N 352 
TRP CG  CD1  doub Y N 353 
TRP CG  CD2  sing Y N 354 
TRP CD1 NE1  sing Y N 355 
TRP CD1 HD1  sing N N 356 
TRP CD2 CE2  doub Y N 357 
TRP CD2 CE3  sing Y N 358 
TRP NE1 CE2  sing Y N 359 
TRP NE1 HE1  sing N N 360 
TRP CE2 CZ2  sing Y N 361 
TRP CE3 CZ3  doub Y N 362 
TRP CE3 HE3  sing N N 363 
TRP CZ2 CH2  doub Y N 364 
TRP CZ2 HZ2  sing N N 365 
TRP CZ3 CH2  sing Y N 366 
TRP CZ3 HZ3  sing N N 367 
TRP CH2 HH2  sing N N 368 
TRP OXT HXT  sing N N 369 
TYR N   CA   sing N N 370 
TYR N   H    sing N N 371 
TYR N   H2   sing N N 372 
TYR CA  C    sing N N 373 
TYR CA  CB   sing N N 374 
TYR CA  HA   sing N N 375 
TYR C   O    doub N N 376 
TYR C   OXT  sing N N 377 
TYR CB  CG   sing N N 378 
TYR CB  HB2  sing N N 379 
TYR CB  HB3  sing N N 380 
TYR CG  CD1  doub Y N 381 
TYR CG  CD2  sing Y N 382 
TYR CD1 CE1  sing Y N 383 
TYR CD1 HD1  sing N N 384 
TYR CD2 CE2  doub Y N 385 
TYR CD2 HD2  sing N N 386 
TYR CE1 CZ   doub Y N 387 
TYR CE1 HE1  sing N N 388 
TYR CE2 CZ   sing Y N 389 
TYR CE2 HE2  sing N N 390 
TYR CZ  OH   sing N N 391 
TYR OH  HH   sing N N 392 
TYR OXT HXT  sing N N 393 
VAL N   CA   sing N N 394 
VAL N   H    sing N N 395 
VAL N   H2   sing N N 396 
VAL CA  C    sing N N 397 
VAL CA  CB   sing N N 398 
VAL CA  HA   sing N N 399 
VAL C   O    doub N N 400 
VAL C   OXT  sing N N 401 
VAL CB  CG1  sing N N 402 
VAL CB  CG2  sing N N 403 
VAL CB  HB   sing N N 404 
VAL CG1 HG11 sing N N 405 
VAL CG1 HG12 sing N N 406 
VAL CG1 HG13 sing N N 407 
VAL CG2 HG21 sing N N 408 
VAL CG2 HG22 sing N N 409 
VAL CG2 HG23 sing N N 410 
VAL OXT HXT  sing N N 411 
# 
_atom_sites.entry_id                    5CQ7 
_atom_sites.fract_transf_matrix[1][1]   0.00672661 
_atom_sites.fract_transf_matrix[1][2]   0.00732844 
_atom_sites.fract_transf_matrix[1][3]   -0.00683605 
_atom_sites.fract_transf_matrix[2][1]   -0.00830431 
_atom_sites.fract_transf_matrix[2][2]   0.00590841 
_atom_sites.fract_transf_matrix[2][3]   -0.00183738 
_atom_sites.fract_transf_matrix[3][1]   0.00372156 
_atom_sites.fract_transf_matrix[3][2]   0.00955482 
_atom_sites.fract_transf_matrix[3][3]   0.01390504 
_atom_sites.fract_transf_vector[1]      0.282109 
_atom_sites.fract_transf_vector[2]      0.294255 
_atom_sites.fract_transf_vector[3]      0.459495 
# 
loop_
_atom_type.symbol 
C 
N 
O 
S 
# 
loop_
_atom_site.group_PDB 
_atom_site.id 
_atom_site.type_symbol 
_atom_site.label_atom_id 
_atom_site.label_alt_id 
_atom_site.label_comp_id 
_atom_site.label_asym_id 
_atom_site.label_entity_id 
_atom_site.label_seq_id 
_atom_site.pdbx_PDB_ins_code 
_atom_site.Cartn_x 
_atom_site.Cartn_y 
_atom_site.Cartn_z 
_atom_site.occupancy 
_atom_site.B_iso_or_equiv 
_atom_site.pdbx_formal_charge 
_atom_site.auth_seq_id 
_atom_site.auth_comp_id 
_atom_site.auth_asym_id 
_atom_site.auth_atom_id 
_atom_site.pdbx_PDB_model_num 
ATOM   1    N N   . SER A 1 1   ? 20.838  7.253   -22.204 1.00 33.74 ? 1856 SER A N   1 
ATOM   2    C CA  . SER A 1 1   ? 20.231  7.375   -23.571 1.00 34.69 ? 1856 SER A CA  1 
ATOM   3    C C   . SER A 1 1   ? 20.699  6.093   -24.310 1.00 35.86 ? 1856 SER A C   1 
ATOM   4    O O   . SER A 1 1   ? 21.350  5.124   -23.678 1.00 36.13 ? 1856 SER A O   1 
ATOM   5    C CB  . SER A 1 1   ? 20.831  8.671   -24.301 1.00 30.91 ? 1856 SER A CB  1 
ATOM   6    O OG  . SER A 1 1   ? 22.117  8.384   -24.632 1.00 33.31 ? 1856 SER A OG  1 
ATOM   7    N N   . MET A 1 2   ? 20.555  6.005   -25.668 1.00 35.31 ? 1857 MET A N   1 
ATOM   8    C CA  . MET A 1 2   ? 20.945  4.763   -26.375 1.00 34.51 ? 1857 MET A CA  1 
ATOM   9    C C   . MET A 1 2   ? 22.325  4.347   -26.058 1.00 39.14 ? 1857 MET A C   1 
ATOM   10   O O   . MET A 1 2   ? 23.243  5.067   -26.306 1.00 34.75 ? 1857 MET A O   1 
ATOM   11   C CB  . MET A 1 2   ? 20.813  4.934   -27.875 1.00 36.40 ? 1857 MET A CB  1 
ATOM   12   C CG  . MET A 1 2   ? 20.959  3.706   -28.651 1.00 31.56 ? 1857 MET A CG  1 
ATOM   13   S SD  . MET A 1 2   ? 20.686  3.795   -30.500 1.00 32.89 ? 1857 MET A SD  1 
ATOM   14   C CE  . MET A 1 2   ? 19.838  5.288   -30.882 1.00 30.42 ? 1857 MET A CE  1 
ATOM   15   N N   . SER A 1 3   ? 22.534  3.054   -25.589 1.00 36.62 ? 1858 SER A N   1 
ATOM   16   C CA  . SER A 1 3   ? 23.960  2.567   -25.314 1.00 38.06 ? 1858 SER A CA  1 
ATOM   17   C C   . SER A 1 3   ? 24.701  3.411   -24.130 1.00 35.21 ? 1858 SER A C   1 
ATOM   18   O O   . SER A 1 3   ? 25.914  3.281   -23.989 1.00 39.72 ? 1858 SER A O   1 
ATOM   19   C CB  . SER A 1 3   ? 24.870  2.550   -26.468 1.00 36.05 ? 1858 SER A CB  1 
ATOM   20   O OG  . SER A 1 3   ? 24.280  1.719   -27.534 1.00 34.87 ? 1858 SER A OG  1 
ATOM   21   N N   . VAL A 1 4   ? 23.897  4.017   -23.314 1.00 35.70 ? 1859 VAL A N   1 
ATOM   22   C CA  . VAL A 1 4   ? 24.473  4.802   -22.135 1.00 36.11 ? 1859 VAL A CA  1 
ATOM   23   C C   . VAL A 1 4   ? 23.610  4.661   -20.998 1.00 35.66 ? 1859 VAL A C   1 
ATOM   24   O O   . VAL A 1 4   ? 22.576  5.261   -20.916 1.00 37.69 ? 1859 VAL A O   1 
ATOM   25   C CB  . VAL A 1 4   ? 24.603  6.368   -22.480 1.00 34.15 ? 1859 VAL A CB  1 
ATOM   26   C CG1 . VAL A 1 4   ? 25.233  7.086   -21.239 1.00 32.38 ? 1859 VAL A CG1 1 
ATOM   27   C CG2 . VAL A 1 4   ? 25.479  6.472   -23.700 1.00 34.23 ? 1859 VAL A CG2 1 
ATOM   28   N N   . LYS A 1 5   ? 24.052  3.842   -19.995 1.00 38.03 ? 1860 LYS A N   1 
ATOM   29   C CA  . LYS A 1 5   ? 23.271  3.356   -18.821 1.00 40.09 ? 1860 LYS A CA  1 
ATOM   30   C C   . LYS A 1 5   ? 23.955  3.601   -17.573 1.00 37.47 ? 1860 LYS A C   1 
ATOM   31   O O   . LYS A 1 5   ? 25.190  3.198   -17.598 1.00 35.83 ? 1860 LYS A O   1 
ATOM   32   C CB  . LYS A 1 5   ? 23.221  1.761   -18.858 1.00 44.43 ? 1860 LYS A CB  1 
ATOM   33   C CG  . LYS A 1 5   ? 22.967  1.312   -20.141 1.00 49.67 ? 1860 LYS A CG  1 
ATOM   34   C CD  . LYS A 1 5   ? 21.404  1.861   -20.183 1.00 47.89 ? 1860 LYS A CD  1 
ATOM   35   C CE  . LYS A 1 5   ? 20.796  2.016   -21.835 1.00 48.27 ? 1860 LYS A CE  1 
ATOM   36   N NZ  . LYS A 1 5   ? 19.869  3.106   -21.342 1.00 49.90 ? 1860 LYS A NZ  1 
ATOM   37   N N   . LYS A 1 6   ? 23.284  4.129   -16.592 1.00 37.94 ? 1861 LYS A N   1 
ATOM   38   C CA  . LYS A 1 6   ? 23.801  4.157   -15.137 1.00 39.53 ? 1861 LYS A CA  1 
ATOM   39   C C   . LYS A 1 6   ? 23.999  2.819   -14.725 1.00 41.24 ? 1861 LYS A C   1 
ATOM   40   O O   . LYS A 1 6   ? 23.384  1.858   -15.288 1.00 45.54 ? 1861 LYS A O   1 
ATOM   41   C CB  . LYS A 1 6   ? 22.716  4.721   -14.168 1.00 43.55 ? 1861 LYS A CB  1 
ATOM   42   C CG  . LYS A 1 6   ? 21.829  6.035   -14.446 1.00 44.44 ? 1861 LYS A CG  1 
ATOM   43   C CD  . LYS A 1 6   ? 21.517  6.614   -12.827 1.00 42.57 ? 1861 LYS A CD  1 
ATOM   44   C CE  . LYS A 1 6   ? 20.557  8.036   -12.622 1.00 45.56 ? 1861 LYS A CE  1 
ATOM   45   N NZ  . LYS A 1 6   ? 20.071  7.645   -14.192 1.00 47.00 ? 1861 LYS A NZ  1 
ATOM   46   N N   . PRO A 1 7   ? 24.803  2.618   -13.705 1.00 45.45 ? 1862 PRO A N   1 
ATOM   47   C CA  . PRO A 1 7   ? 25.142  1.256   -13.175 1.00 45.28 ? 1862 PRO A CA  1 
ATOM   48   C C   . PRO A 1 7   ? 23.820  0.427   -12.690 1.00 46.82 ? 1862 PRO A C   1 
ATOM   49   O O   . PRO A 1 7   ? 22.919  1.219   -12.261 1.00 42.94 ? 1862 PRO A O   1 
ATOM   50   C CB  . PRO A 1 7   ? 26.082  1.623   -12.012 1.00 45.98 ? 1862 PRO A CB  1 
ATOM   51   C CG  . PRO A 1 7   ? 26.833  2.777   -12.799 1.00 42.28 ? 1862 PRO A CG  1 
ATOM   52   C CD  . PRO A 1 7   ? 25.797  3.640   -13.293 1.00 43.30 ? 1862 PRO A CD  1 
ATOM   53   N N   . LYS A 1 8   ? 23.737  -0.937  -13.051 1.00 48.78 ? 1863 LYS A N   1 
ATOM   54   C CA  . LYS A 1 8   ? 22.398  -1.671  -12.876 1.00 59.03 ? 1863 LYS A CA  1 
ATOM   55   C C   . LYS A 1 8   ? 22.082  -1.896  -11.254 1.00 52.99 ? 1863 LYS A C   1 
ATOM   56   O O   . LYS A 1 8   ? 22.842  -2.711  -10.768 1.00 55.38 ? 1863 LYS A O   1 
ATOM   57   C CB  . LYS A 1 8   ? 22.372  -3.040  -13.720 1.00 56.85 ? 1863 LYS A CB  1 
ATOM   58   N N   . ARG A 1 9   ? 21.334  -1.007  -10.529 1.00 52.48 ? 1864 ARG A N   1 
ATOM   59   C CA  . ARG A 1 9   ? 20.741  -1.335  -9.134  1.00 57.23 ? 1864 ARG A CA  1 
ATOM   60   C C   . ARG A 1 9   ? 20.124  -2.834  -9.038  1.00 52.54 ? 1864 ARG A C   1 
ATOM   61   O O   . ARG A 1 9   ? 19.617  -3.471  -10.078 1.00 52.86 ? 1864 ARG A O   1 
ATOM   62   C CB  . ARG A 1 9   ? 19.763  -0.294  -8.728  1.00 54.37 ? 1864 ARG A CB  1 
ATOM   63   C CG  . ARG A 1 9   ? 18.841  -0.919  -7.732  1.00 51.06 ? 1864 ARG A CG  1 
ATOM   64   C CD  . ARG A 1 9   ? 17.807  0.034   -7.165  1.00 49.90 ? 1864 ARG A CD  1 
ATOM   65   N NE  . ARG A 1 9   ? 17.283  -0.577  -5.896  1.00 50.57 ? 1864 ARG A NE  1 
ATOM   66   C CZ  . ARG A 1 9   ? 16.279  -1.480  -5.868  1.00 47.17 ? 1864 ARG A CZ  1 
ATOM   67   N NH1 . ARG A 1 9   ? 15.518  -1.760  -6.917  1.00 42.48 ? 1864 ARG A NH1 1 
ATOM   68   N NH2 . ARG A 1 9   ? 16.048  -2.115  -4.785  1.00 44.96 ? 1864 ARG A NH2 1 
ATOM   69   N N   . ASP A 1 10  ? 20.602  -3.576  -8.029  1.00 50.26 ? 1865 ASP A N   1 
ATOM   70   C CA  . ASP A 1 10  ? 20.284  -5.050  -8.043  1.00 50.95 ? 1865 ASP A CA  1 
ATOM   71   C C   . ASP A 1 10  ? 18.734  -5.110  -7.562  1.00 48.40 ? 1865 ASP A C   1 
ATOM   72   O O   . ASP A 1 10  ? 18.428  -4.710  -6.441  1.00 48.06 ? 1865 ASP A O   1 
ATOM   73   C CB  . ASP A 1 10  ? 21.150  -5.806  -7.031  1.00 51.46 ? 1865 ASP A CB  1 
ATOM   74   C CG  . ASP A 1 10  ? 20.780  -7.301  -6.870  1.00 51.09 ? 1865 ASP A CG  1 
ATOM   75   O OD1 . ASP A 1 10  ? 19.980  -8.002  -7.567  1.00 51.26 ? 1865 ASP A OD1 1 
ATOM   76   O OD2 . ASP A 1 10  ? 21.444  -7.910  -5.949  1.00 58.23 ? 1865 ASP A OD2 1 
ATOM   77   N N   . ASP A 1 11  ? 17.825  -5.397  -8.452  1.00 47.28 ? 1866 ASP A N   1 
ATOM   78   C CA  . ASP A 1 11  ? 16.379  -5.394  -8.043  1.00 44.85 ? 1866 ASP A CA  1 
ATOM   79   C C   . ASP A 1 11  ? 15.938  -6.882  -7.858  1.00 43.54 ? 1866 ASP A C   1 
ATOM   80   O O   . ASP A 1 11  ? 14.639  -7.204  -7.740  1.00 36.51 ? 1866 ASP A O   1 
ATOM   81   C CB  . ASP A 1 11  ? 15.577  -4.767  -9.148  1.00 40.00 ? 1866 ASP A CB  1 
ATOM   82   C CG  . ASP A 1 11  ? 15.760  -5.538  -10.428 1.00 45.55 ? 1866 ASP A CG  1 
ATOM   83   O OD1 . ASP A 1 11  ? 16.679  -6.345  -10.581 1.00 47.78 ? 1866 ASP A OD1 1 
ATOM   84   O OD2 . ASP A 1 11  ? 14.964  -5.357  -11.369 1.00 45.38 ? 1866 ASP A OD2 1 
ATOM   85   N N   . SER A 1 12  ? 16.877  -7.815  -7.937  1.00 43.10 ? 1867 SER A N   1 
ATOM   86   C CA  . SER A 1 12  ? 16.374  -9.186  -7.911  1.00 40.34 ? 1867 SER A CA  1 
ATOM   87   C C   . SER A 1 12  ? 15.676  -9.677  -6.537  1.00 38.22 ? 1867 SER A C   1 
ATOM   88   O O   . SER A 1 12  ? 14.990  -10.725 -6.531  1.00 40.59 ? 1867 SER A O   1 
ATOM   89   C CB  . SER A 1 12  ? 17.486  -10.296 -8.115  1.00 43.11 ? 1867 SER A CB  1 
ATOM   90   O OG  . SER A 1 12  ? 18.452  -10.059 -6.994  1.00 46.83 ? 1867 SER A OG  1 
ATOM   91   N N   . LYS A 1 13  ? 15.979  -9.062  -5.451  1.00 36.77 ? 1868 LYS A N   1 
ATOM   92   C CA  . LYS A 1 13  ? 15.276  -9.242  -4.208  1.00 38.48 ? 1868 LYS A CA  1 
ATOM   93   C C   . LYS A 1 13  ? 14.033  -8.357  -3.865  1.00 35.60 ? 1868 LYS A C   1 
ATOM   94   O O   . LYS A 1 13  ? 13.330  -8.544  -2.797  1.00 34.97 ? 1868 LYS A O   1 
ATOM   95   C CB  . LYS A 1 13  ? 16.273  -8.890  -3.192  1.00 37.06 ? 1868 LYS A CB  1 
ATOM   96   C CG  . LYS A 1 13  ? 17.485  -10.049 -3.209  1.00 39.60 ? 1868 LYS A CG  1 
ATOM   97   C CD  . LYS A 1 13  ? 18.183  -9.867  -1.991  1.00 44.99 ? 1868 LYS A CD  1 
ATOM   98   N N   . ASP A 1 14  ? 13.701  -7.523  -4.782  1.00 34.18 ? 1869 ASP A N   1 
ATOM   99   C CA  . ASP A 1 14  ? 12.641  -6.542  -4.464  1.00 33.14 ? 1869 ASP A CA  1 
ATOM   100  C C   . ASP A 1 14  ? 11.278  -7.299  -4.164  1.00 30.81 ? 1869 ASP A C   1 
ATOM   101  O O   . ASP A 1 14  ? 10.506  -6.847  -3.309  1.00 34.13 ? 1869 ASP A O   1 
ATOM   102  C CB  . ASP A 1 14  ? 12.358  -5.647  -5.687  1.00 31.06 ? 1869 ASP A CB  1 
ATOM   103  C CG  . ASP A 1 14  ? 13.530  -4.554  -5.865  1.00 35.49 ? 1869 ASP A CG  1 
ATOM   104  O OD1 . ASP A 1 14  ? 14.410  -4.544  -5.050  1.00 33.79 ? 1869 ASP A OD1 1 
ATOM   105  O OD2 . ASP A 1 14  ? 13.487  -3.790  -6.811  1.00 37.46 ? 1869 ASP A OD2 1 
ATOM   106  N N   . LEU A 1 15  ? 10.937  -8.219  -5.014  1.00 31.16 ? 1870 LEU A N   1 
ATOM   107  C CA  . LEU A 1 15  ? 9.694   -9.033  -4.808  1.00 32.91 ? 1870 LEU A CA  1 
ATOM   108  C C   . LEU A 1 15  ? 9.665   -9.581  -3.507  1.00 35.15 ? 1870 LEU A C   1 
ATOM   109  O O   . LEU A 1 15  ? 8.580   -9.405  -2.797  1.00 34.90 ? 1870 LEU A O   1 
ATOM   110  C CB  . LEU A 1 15  ? 9.475   -10.113 -5.899  1.00 34.70 ? 1870 LEU A CB  1 
ATOM   111  C CG  . LEU A 1 15  ? 8.076   -10.826 -5.850  1.00 35.09 ? 1870 LEU A CG  1 
ATOM   112  C CD1 . LEU A 1 15  ? 6.861   -9.802  -6.197  1.00 30.74 ? 1870 LEU A CD1 1 
ATOM   113  C CD2 . LEU A 1 15  ? 8.156   -12.021 -7.105  1.00 33.30 ? 1870 LEU A CD2 1 
ATOM   114  N N   . ALA A 1 16  ? 10.610  -10.377 -3.003  1.00 34.46 ? 1871 ALA A N   1 
ATOM   115  C CA  . ALA A 1 16  ? 10.594  -10.900 -1.704  1.00 34.47 ? 1871 ALA A CA  1 
ATOM   116  C C   . ALA A 1 16  ? 10.515  -9.847  -0.704  1.00 35.25 ? 1871 ALA A C   1 
ATOM   117  O O   . ALA A 1 16  ? 9.957   -10.027 0.442   1.00 35.24 ? 1871 ALA A O   1 
ATOM   118  C CB  . ALA A 1 16  ? 12.071  -11.735 -1.344  1.00 34.11 ? 1871 ALA A CB  1 
ATOM   119  N N   . LEU A 1 17  ? 11.337  -8.748  -0.827  1.00 32.19 ? 1872 LEU A N   1 
ATOM   120  C CA  . LEU A 1 17  ? 11.328  -7.784  0.221   1.00 30.62 ? 1872 LEU A CA  1 
ATOM   121  C C   . LEU A 1 17  ? 9.928   -6.974  0.340   1.00 30.79 ? 1872 LEU A C   1 
ATOM   122  O O   . LEU A 1 17  ? 9.527   -6.592  1.473   1.00 30.92 ? 1872 LEU A O   1 
ATOM   123  C CB  . LEU A 1 17  ? 12.385  -6.724  0.033   1.00 33.52 ? 1872 LEU A CB  1 
ATOM   124  C CG  . LEU A 1 17  ? 13.855  -7.278  0.124   1.00 35.20 ? 1872 LEU A CG  1 
ATOM   125  C CD1 . LEU A 1 17  ? 14.781  -6.244  -0.487  1.00 36.35 ? 1872 LEU A CD1 1 
ATOM   126  C CD2 . LEU A 1 17  ? 14.070  -7.217  1.575   1.00 39.34 ? 1872 LEU A CD2 1 
ATOM   127  N N   . CYS A 1 18  ? 9.390   -6.657  -0.843  1.00 29.14 ? 1873 CYS A N   1 
ATOM   128  C CA  . CYS A 1 18  ? 7.980   -6.024  -0.792  1.00 27.34 ? 1873 CYS A CA  1 
ATOM   129  C C   . CYS A 1 18  ? 6.989   -6.988  -0.025  1.00 29.74 ? 1873 CYS A C   1 
ATOM   130  O O   . CYS A 1 18  ? 6.140   -6.510  0.755   1.00 31.22 ? 1873 CYS A O   1 
ATOM   131  C CB  . CYS A 1 18  ? 7.412   -5.822  -2.113  1.00 26.44 ? 1873 CYS A CB  1 
ATOM   132  S SG  . CYS A 1 18  ? 8.331   -4.308  -2.824  1.00 27.88 ? 1873 CYS A SG  1 
ATOM   133  N N   . SER A 1 19  ? 7.122   -8.312  -0.368  1.00 31.86 ? 1874 SER A N   1 
ATOM   134  C CA  . SER A 1 19  ? 6.231   -9.280  0.240   1.00 30.92 ? 1874 SER A CA  1 
ATOM   135  C C   . SER A 1 19  ? 6.417   -9.208  1.814   1.00 32.86 ? 1874 SER A C   1 
ATOM   136  O O   . SER A 1 19  ? 5.446   -9.339  2.709   1.00 32.86 ? 1874 SER A O   1 
ATOM   137  C CB  . SER A 1 19  ? 6.589   -10.692 -0.335  1.00 33.81 ? 1874 SER A CB  1 
ATOM   138  O OG  . SER A 1 19  ? 5.709   -11.592 0.454   1.00 40.03 ? 1874 SER A OG  1 
ATOM   139  N N   . MET A 1 20  ? 7.653   -9.151  2.267   1.00 32.28 ? 1875 MET A N   1 
ATOM   140  C CA  . MET A 1 20  ? 7.859   -8.995  3.679   1.00 34.47 ? 1875 MET A CA  1 
ATOM   141  C C   . MET A 1 20  ? 7.308   -7.756  4.369   1.00 32.91 ? 1875 MET A C   1 
ATOM   142  O O   . MET A 1 20  ? 6.879   -7.758  5.482   1.00 32.86 ? 1875 MET A O   1 
ATOM   143  C CB  . MET A 1 20  ? 9.363   -8.966  4.145   1.00 36.15 ? 1875 MET A CB  1 
ATOM   144  C CG  . MET A 1 20  ? 9.913   -10.251 3.719   1.00 46.28 ? 1875 MET A CG  1 
ATOM   145  S SD  . MET A 1 20  ? 11.848  -10.132 4.338   1.00 63.97 ? 1875 MET A SD  1 
ATOM   146  C CE  . MET A 1 20  ? 11.722  -9.428  5.981   1.00 52.12 ? 1875 MET A CE  1 
ATOM   147  N N   . ILE A 1 21  ? 7.532   -6.604  3.745   1.00 30.03 ? 1876 ILE A N   1 
ATOM   148  C CA  . ILE A 1 21  ? 6.894   -5.436  4.210   1.00 29.29 ? 1876 ILE A CA  1 
ATOM   149  C C   . ILE A 1 21  ? 5.314   -5.555  4.342   1.00 26.39 ? 1876 ILE A C   1 
ATOM   150  O O   . ILE A 1 21  ? 4.772   -5.084  5.319   1.00 27.44 ? 1876 ILE A O   1 
ATOM   151  C CB  . ILE A 1 21  ? 7.266   -4.222  3.200   1.00 27.46 ? 1876 ILE A CB  1 
ATOM   152  C CG1 . ILE A 1 21  ? 8.755   -3.972  3.463   1.00 28.97 ? 1876 ILE A CG1 1 
ATOM   153  C CG2 . ILE A 1 21  ? 6.429   -2.969  3.694   1.00 28.97 ? 1876 ILE A CG2 1 
ATOM   154  C CD1 . ILE A 1 21  ? 9.300   -2.842  2.390   1.00 31.53 ? 1876 ILE A CD1 1 
ATOM   155  N N   . LEU A 1 22  ? 4.791   -6.090  3.296   1.00 28.01 ? 1877 LEU A N   1 
ATOM   156  C CA  . LEU A 1 22  ? 3.283   -6.284  3.159   1.00 28.17 ? 1877 LEU A CA  1 
ATOM   157  C C   . LEU A 1 22  ? 2.903   -7.212  4.313   1.00 31.79 ? 1877 LEU A C   1 
ATOM   158  O O   . LEU A 1 22  ? 1.961   -6.908  5.034   1.00 30.07 ? 1877 LEU A O   1 
ATOM   159  C CB  . LEU A 1 22  ? 2.952   -6.815  1.810   1.00 27.75 ? 1877 LEU A CB  1 
ATOM   160  C CG  . LEU A 1 22  ? 1.446   -6.932  1.683   1.00 26.43 ? 1877 LEU A CG  1 
ATOM   161  C CD1 . LEU A 1 22  ? 0.722   -5.619  1.957   1.00 21.62 ? 1877 LEU A CD1 1 
ATOM   162  C CD2 . LEU A 1 22  ? 1.010   -7.554  0.300   1.00 28.72 ? 1877 LEU A CD2 1 
ATOM   163  N N   . THR A 1 23  ? 3.745   -8.265  4.614   1.00 29.18 ? 1878 THR A N   1 
ATOM   164  C CA  . THR A 1 23  ? 3.434   -9.045  5.844   1.00 28.11 ? 1878 THR A CA  1 
ATOM   165  C C   . THR A 1 23  ? 3.441   -8.333  7.066   1.00 30.60 ? 1878 THR A C   1 
ATOM   166  O O   . THR A 1 23  ? 2.477   -8.431  7.933   1.00 32.29 ? 1878 THR A O   1 
ATOM   167  C CB  . THR A 1 23  ? 4.457   -10.378 5.845   1.00 31.91 ? 1878 THR A CB  1 
ATOM   168  O OG1 . THR A 1 23  ? 4.125   -11.119 4.722   1.00 33.12 ? 1878 THR A OG1 1 
ATOM   169  C CG2 . THR A 1 23  ? 4.105   -11.247 7.116   1.00 33.19 ? 1878 THR A CG2 1 
ATOM   170  N N   . GLU A 1 24  ? 4.361   -7.477  7.305   1.00 29.10 ? 1879 GLU A N   1 
ATOM   171  C CA  . GLU A 1 24  ? 4.390   -6.793  8.484   1.00 28.62 ? 1879 GLU A CA  1 
ATOM   172  C C   . GLU A 1 24  ? 3.246   -5.739  8.566   1.00 32.92 ? 1879 GLU A C   1 
ATOM   173  O O   . GLU A 1 24  ? 2.818   -5.476  9.655   1.00 28.95 ? 1879 GLU A O   1 
ATOM   174  C CB  . GLU A 1 24  ? 5.676   -5.964  8.676   1.00 32.55 ? 1879 GLU A CB  1 
ATOM   175  C CG  . GLU A 1 24  ? 6.937   -7.001  8.492   1.00 34.52 ? 1879 GLU A CG  1 
ATOM   176  C CD  . GLU A 1 24  ? 8.301   -6.359  8.487   1.00 45.33 ? 1879 GLU A CD  1 
ATOM   177  O OE1 . GLU A 1 24  ? 8.432   -5.126  8.280   1.00 45.36 ? 1879 GLU A OE1 1 
ATOM   178  O OE2 . GLU A 1 24  ? 9.286   -7.233  8.592   1.00 54.59 ? 1879 GLU A OE2 1 
ATOM   179  N N   . MET A 1 25  ? 2.929   -5.042  7.472   1.00 28.43 ? 1880 MET A N   1 
ATOM   180  C CA  . MET A 1 25  ? 1.672   -4.209  7.518   1.00 29.13 ? 1880 MET A CA  1 
ATOM   181  C C   . MET A 1 25  ? 0.430   -5.132  7.895   1.00 27.26 ? 1880 MET A C   1 
ATOM   182  O O   . MET A 1 25  ? -0.408  -4.648  8.679   1.00 27.57 ? 1880 MET A O   1 
ATOM   183  C CB  . MET A 1 25  ? 1.359   -3.744  6.114   1.00 26.05 ? 1880 MET A CB  1 
ATOM   184  C CG  . MET A 1 25  ? 2.569   -3.002  5.616   1.00 29.54 ? 1880 MET A CG  1 
ATOM   185  S SD  . MET A 1 25  ? 2.786   -1.501  6.338   1.00 39.58 ? 1880 MET A SD  1 
ATOM   186  C CE  . MET A 1 25  ? 2.067   -1.105  4.795   1.00 24.79 ? 1880 MET A CE  1 
ATOM   187  N N   . GLU A 1 26  ? 0.296   -6.281  7.183   1.00 26.38 ? 1881 GLU A N   1 
ATOM   188  C CA  . GLU A 1 26  ? -0.826  -7.206  7.464   1.00 29.15 ? 1881 GLU A CA  1 
ATOM   189  C C   . GLU A 1 26  ? -0.959  -7.611  8.908   1.00 32.54 ? 1881 GLU A C   1 
ATOM   190  O O   . GLU A 1 26  ? -2.103  -7.806  9.360   1.00 32.88 ? 1881 GLU A O   1 
ATOM   191  C CB  . GLU A 1 26  ? -0.736  -8.471  6.631   1.00 31.16 ? 1881 GLU A CB  1 
ATOM   192  C CG  . GLU A 1 26  ? -1.072  -8.103  5.128   1.00 30.18 ? 1881 GLU A CG  1 
ATOM   193  C CD  . GLU A 1 26  ? -0.692  -9.325  4.304   1.00 32.72 ? 1881 GLU A CD  1 
ATOM   194  O OE1 . GLU A 1 26  ? 0.218   -10.065 4.552   1.00 35.32 ? 1881 GLU A OE1 1 
ATOM   195  O OE2 . GLU A 1 26  ? -1.063  -9.463  3.121   1.00 36.60 ? 1881 GLU A OE2 1 
ATOM   196  N N   . THR A 1 27  ? 0.151   -7.714  9.632   1.00 32.52 ? 1882 THR A N   1 
ATOM   197  C CA  . THR A 1 27  ? 0.087   -8.191  11.054  1.00 30.25 ? 1882 THR A CA  1 
ATOM   198  C C   . THR A 1 27  ? 0.081   -7.095  11.954  1.00 33.13 ? 1882 THR A C   1 
ATOM   199  O O   . THR A 1 27  ? -0.081  -7.295  13.160  1.00 37.66 ? 1882 THR A O   1 
ATOM   200  C CB  . THR A 1 27  ? 1.299   -9.185  11.346  1.00 30.83 ? 1882 THR A CB  1 
ATOM   201  O OG1 . THR A 1 27  ? 2.439   -8.457  11.062  1.00 34.91 ? 1882 THR A OG1 1 
ATOM   202  C CG2 . THR A 1 27  ? 1.261   -10.099 10.335  1.00 33.03 ? 1882 THR A CG2 1 
ATOM   203  N N   . HIS A 1 28  ? 0.290   -5.815  11.625  1.00 28.93 ? 1883 HIS A N   1 
ATOM   204  C CA  . HIS A 1 28  ? 0.169   -4.747  12.589  1.00 30.21 ? 1883 HIS A CA  1 
ATOM   205  C C   . HIS A 1 28  ? -1.251  -4.691  13.267  1.00 32.95 ? 1883 HIS A C   1 
ATOM   206  O O   . HIS A 1 28  ? -2.289  -4.802  12.563  1.00 30.47 ? 1883 HIS A O   1 
ATOM   207  C CB  . HIS A 1 28  ? 0.418   -3.411  11.847  1.00 29.90 ? 1883 HIS A CB  1 
ATOM   208  C CG  . HIS A 1 28  ? 0.611   -2.166  12.671  1.00 32.97 ? 1883 HIS A CG  1 
ATOM   209  N ND1 . HIS A 1 28  ? -0.366  -1.657  13.524  1.00 32.12 ? 1883 HIS A ND1 1 
ATOM   210  C CD2 . HIS A 1 28  ? 1.626   -1.258  12.673  1.00 30.62 ? 1883 HIS A CD2 1 
ATOM   211  C CE1 . HIS A 1 28  ? 0.031   -0.487  14.006  1.00 30.70 ? 1883 HIS A CE1 1 
ATOM   212  N NE2 . HIS A 1 28  ? 1.231   -0.215  13.477  1.00 34.54 ? 1883 HIS A NE2 1 
ATOM   213  N N   . GLU A 1 29  ? -1.340  -4.316  14.511  1.00 32.74 ? 1884 GLU A N   1 
ATOM   214  C CA  . GLU A 1 29  ? -2.700  -4.351  15.100  1.00 34.12 ? 1884 GLU A CA  1 
ATOM   215  C C   . GLU A 1 29  ? -3.575  -3.228  14.508  1.00 34.03 ? 1884 GLU A C   1 
ATOM   216  O O   . GLU A 1 29  ? -4.771  -3.376  14.652  1.00 34.87 ? 1884 GLU A O   1 
ATOM   217  C CB  . GLU A 1 29  ? -2.653  -4.308  16.682  1.00 36.48 ? 1884 GLU A CB  1 
ATOM   218  C CG  . GLU A 1 29  ? -2.245  -3.045  17.208  1.00 38.26 ? 1884 GLU A CG  1 
ATOM   219  C CD  . GLU A 1 29  ? -2.551  -2.745  18.883  1.00 46.18 ? 1884 GLU A CD  1 
ATOM   220  O OE1 . GLU A 1 29  ? -3.619  -2.100  19.196  1.00 49.33 ? 1884 GLU A OE1 1 
ATOM   221  O OE2 . GLU A 1 29  ? -1.684  -2.820  19.836  1.00 49.67 ? 1884 GLU A OE2 1 
ATOM   222  N N   . ASP A 1 30  ? -3.072  -2.138  13.932  1.00 30.42 ? 1885 ASP A N   1 
ATOM   223  C CA  . ASP A 1 30  ? -3.969  -1.180  13.367  1.00 27.79 ? 1885 ASP A CA  1 
ATOM   224  C C   . ASP A 1 30  ? -4.267  -1.447  11.852  1.00 27.69 ? 1885 ASP A C   1 
ATOM   225  O O   . ASP A 1 30  ? -4.726  -0.520  11.226  1.00 27.27 ? 1885 ASP A O   1 
ATOM   226  C CB  . ASP A 1 30  ? -3.485  0.236   13.420  1.00 29.09 ? 1885 ASP A CB  1 
ATOM   227  C CG  . ASP A 1 30  ? -3.246  0.727   15.038  1.00 32.68 ? 1885 ASP A CG  1 
ATOM   228  O OD1 . ASP A 1 30  ? -3.978  0.052   15.897  1.00 34.68 ? 1885 ASP A OD1 1 
ATOM   229  O OD2 . ASP A 1 30  ? -2.595  1.725   15.201  1.00 31.29 ? 1885 ASP A OD2 1 
ATOM   230  N N   . ALA A 1 31  ? -3.946  -2.607  11.381  1.00 27.36 ? 1886 ALA A N   1 
ATOM   231  C CA  . ALA A 1 31  ? -4.197  -2.971  9.945   1.00 26.34 ? 1886 ALA A CA  1 
ATOM   232  C C   . ALA A 1 31  ? -5.738  -3.205  9.635   1.00 26.28 ? 1886 ALA A C   1 
ATOM   233  O O   . ALA A 1 31  ? -6.163  -3.216  8.471   1.00 25.27 ? 1886 ALA A O   1 
ATOM   234  C CB  . ALA A 1 31  ? -3.374  -4.310  9.592   1.00 25.56 ? 1886 ALA A CB  1 
ATOM   235  N N   . TRP A 1 32  ? -6.536  -3.479  10.763  1.00 27.45 ? 1887 TRP A N   1 
ATOM   236  C CA  . TRP A 1 32  ? -7.852  -4.001  10.494  1.00 28.02 ? 1887 TRP A CA  1 
ATOM   237  C C   . TRP A 1 32  ? -8.749  -3.167  9.550   1.00 24.96 ? 1887 TRP A C   1 
ATOM   238  O O   . TRP A 1 32  ? -9.569  -3.765  8.901   1.00 28.64 ? 1887 TRP A O   1 
ATOM   239  C CB  . TRP A 1 32  ? -8.650  -4.273  11.915  1.00 28.26 ? 1887 TRP A CB  1 
ATOM   240  C CG  . TRP A 1 32  ? -8.766  -2.998  12.748  1.00 28.15 ? 1887 TRP A CG  1 
ATOM   241  C CD1 . TRP A 1 32  ? -7.827  -2.638  13.732  1.00 28.31 ? 1887 TRP A CD1 1 
ATOM   242  C CD2 . TRP A 1 32  ? -9.781  -1.976  12.742  1.00 29.59 ? 1887 TRP A CD2 1 
ATOM   243  N NE1 . TRP A 1 32  ? -8.168  -1.404  14.213  1.00 30.83 ? 1887 TRP A NE1 1 
ATOM   244  C CE2 . TRP A 1 32  ? -9.352  -0.954  13.595  1.00 30.49 ? 1887 TRP A CE2 1 
ATOM   245  C CE3 . TRP A 1 32  ? -10.993 -1.773  12.010  1.00 30.14 ? 1887 TRP A CE3 1 
ATOM   246  C CZ2 . TRP A 1 32  ? -10.075 0.261   13.808  1.00 32.50 ? 1887 TRP A CZ2 1 
ATOM   247  C CZ3 . TRP A 1 32  ? -11.697 -0.600  12.195  1.00 28.40 ? 1887 TRP A CZ3 1 
ATOM   248  C CH2 . TRP A 1 32  ? -11.256 0.427   13.103  1.00 31.88 ? 1887 TRP A CH2 1 
ATOM   249  N N   . PRO A 1 33  ? -8.632  -1.854  9.419   1.00 23.62 ? 1888 PRO A N   1 
ATOM   250  C CA  . PRO A 1 33  ? -9.558  -1.227  8.475   1.00 23.09 ? 1888 PRO A CA  1 
ATOM   251  C C   . PRO A 1 33  ? -9.174  -1.476  6.996   1.00 25.34 ? 1888 PRO A C   1 
ATOM   252  O O   . PRO A 1 33  ? -9.928  -1.043  6.101   1.00 24.69 ? 1888 PRO A O   1 
ATOM   253  C CB  . PRO A 1 33  ? -9.397  0.287   8.700   1.00 25.42 ? 1888 PRO A CB  1 
ATOM   254  C CG  . PRO A 1 33  ? -8.716  0.424   10.107  1.00 26.97 ? 1888 PRO A CG  1 
ATOM   255  C CD  . PRO A 1 33  ? -7.871  -0.892  10.184  1.00 23.28 ? 1888 PRO A CD  1 
ATOM   256  N N   . PHE A 1 34  ? -7.964  -2.030  6.842   1.00 23.48 ? 1889 PHE A N   1 
ATOM   257  C CA  . PHE A 1 34  ? -7.244  -2.057  5.517   1.00 23.36 ? 1889 PHE A CA  1 
ATOM   258  C C   . PHE A 1 34  ? -7.083  -3.505  5.033   1.00 24.37 ? 1889 PHE A C   1 
ATOM   259  O O   . PHE A 1 34  ? -6.529  -3.637  3.953   1.00 24.36 ? 1889 PHE A O   1 
ATOM   260  C CB  . PHE A 1 34  ? -5.856  -1.398  5.578   1.00 22.96 ? 1889 PHE A CB  1 
ATOM   261  C CG  . PHE A 1 34  ? -5.944  -0.029  6.170   1.00 25.11 ? 1889 PHE A CG  1 
ATOM   262  C CD1 . PHE A 1 34  ? -6.803  0.924   5.615   1.00 22.75 ? 1889 PHE A CD1 1 
ATOM   263  C CD2 . PHE A 1 34  ? -5.347  0.236   7.409   1.00 25.40 ? 1889 PHE A CD2 1 
ATOM   264  C CE1 . PHE A 1 34  ? -7.110  2.187   6.319   1.00 21.53 ? 1889 PHE A CE1 1 
ATOM   265  C CE2 . PHE A 1 34  ? -5.558  1.545   7.999   1.00 24.56 ? 1889 PHE A CE2 1 
ATOM   266  C CZ  . PHE A 1 34  ? -6.433  2.546   7.471   1.00 22.81 ? 1889 PHE A CZ  1 
ATOM   267  N N   . LEU A 1 35  ? -7.501  -4.523  5.728   1.00 25.36 ? 1890 LEU A N   1 
ATOM   268  C CA  . LEU A 1 35  ? -7.197  -5.995  5.384   1.00 25.16 ? 1890 LEU A CA  1 
ATOM   269  C C   . LEU A 1 35  ? -8.023  -6.448  4.174   1.00 27.88 ? 1890 LEU A C   1 
ATOM   270  O O   . LEU A 1 35  ? -7.377  -7.122  3.315   1.00 28.04 ? 1890 LEU A O   1 
ATOM   271  C CB  . LEU A 1 35  ? -7.543  -6.904  6.573   1.00 27.56 ? 1890 LEU A CB  1 
ATOM   272  C CG  . LEU A 1 35  ? -6.471  -6.532  7.758   1.00 30.40 ? 1890 LEU A CG  1 
ATOM   273  C CD1 . LEU A 1 35  ? -6.935  -7.591  8.950   1.00 28.96 ? 1890 LEU A CD1 1 
ATOM   274  C CD2 . LEU A 1 35  ? -4.996  -6.916  7.291   1.00 30.15 ? 1890 LEU A CD2 1 
ATOM   275  N N   . LEU A 1 36  ? -9.244  -5.833  4.007   1.00 25.25 ? 1891 LEU A N   1 
ATOM   276  C CA  . LEU A 1 36  ? -10.151 -6.268  2.956   1.00 26.58 ? 1891 LEU A CA  1 
ATOM   277  C C   . LEU A 1 36  ? -10.747 -5.154  2.241   1.00 27.33 ? 1891 LEU A C   1 
ATOM   278  O O   . LEU A 1 36  ? -10.738 -4.041  2.728   1.00 26.78 ? 1891 LEU A O   1 
ATOM   279  C CB  . LEU A 1 36  ? -11.227 -7.210  3.558   1.00 27.49 ? 1891 LEU A CB  1 
ATOM   280  C CG  . LEU A 1 36  ? -10.789 -8.490  4.280   1.00 33.07 ? 1891 LEU A CG  1 
ATOM   281  C CD1 . LEU A 1 36  ? -12.176 -9.282  4.874   1.00 33.07 ? 1891 LEU A CD1 1 
ATOM   282  C CD2 . LEU A 1 36  ? -10.365 -9.404  3.005   1.00 33.44 ? 1891 LEU A CD2 1 
ATOM   283  N N   . PRO A 1 37  ? -11.225 -5.342  0.992   1.00 28.19 ? 1892 PRO A N   1 
ATOM   284  C CA  . PRO A 1 37  ? -11.847 -4.183  0.249   1.00 27.12 ? 1892 PRO A CA  1 
ATOM   285  C C   . PRO A 1 37  ? -12.983 -3.557  1.076   1.00 29.89 ? 1892 PRO A C   1 
ATOM   286  O O   . PRO A 1 37  ? -13.758 -4.354  1.754   1.00 27.21 ? 1892 PRO A O   1 
ATOM   287  C CB  . PRO A 1 37  ? -12.465 -4.795  -1.000  1.00 29.74 ? 1892 PRO A CB  1 
ATOM   288  C CG  . PRO A 1 37  ? -11.734 -5.946  -1.213  1.00 28.27 ? 1892 PRO A CG  1 
ATOM   289  C CD  . PRO A 1 37  ? -11.352 -6.606  0.190   1.00 28.91 ? 1892 PRO A CD  1 
ATOM   290  N N   . VAL A 1 38  ? -13.123 -2.263  1.021   1.00 26.20 ? 1893 VAL A N   1 
ATOM   291  C CA  . VAL A 1 38  ? -14.373 -1.665  1.675   1.00 26.93 ? 1893 VAL A CA  1 
ATOM   292  C C   . VAL A 1 38  ? -15.603 -2.173  0.944   1.00 31.16 ? 1893 VAL A C   1 
ATOM   293  O O   . VAL A 1 38  ? -15.498 -2.338  -0.307  1.00 28.48 ? 1893 VAL A O   1 
ATOM   294  C CB  . VAL A 1 38  ? -14.364 -0.167  1.513   1.00 28.29 ? 1893 VAL A CB  1 
ATOM   295  C CG1 . VAL A 1 38  ? -15.731 0.486   2.141   1.00 31.01 ? 1893 VAL A CG1 1 
ATOM   296  C CG2 . VAL A 1 38  ? -13.209 0.464   2.401   1.00 26.85 ? 1893 VAL A CG2 1 
ATOM   297  N N   . ASN A 1 39  ? -16.680 -2.521  1.725   1.00 31.89 ? 1894 ASN A N   1 
ATOM   298  C CA  . ASN A 1 39  ? -17.796 -3.193  1.017   1.00 34.52 ? 1894 ASN A CA  1 
ATOM   299  C C   . ASN A 1 39  ? -18.687 -2.073  0.317   1.00 37.08 ? 1894 ASN A C   1 
ATOM   300  O O   . ASN A 1 39  ? -19.295 -1.202  1.085   1.00 38.77 ? 1894 ASN A O   1 
ATOM   301  C CB  . ASN A 1 39  ? -18.654 -3.958  2.135   1.00 36.82 ? 1894 ASN A CB  1 
ATOM   302  C CG  . ASN A 1 39  ? -19.903 -4.637  1.540   1.00 41.96 ? 1894 ASN A CG  1 
ATOM   303  O OD1 . ASN A 1 39  ? -20.383 -4.388  0.350   1.00 42.50 ? 1894 ASN A OD1 1 
ATOM   304  N ND2 . ASN A 1 39  ? -20.295 -5.649  2.254   1.00 43.75 ? 1894 ASN A ND2 1 
ATOM   305  N N   . LEU A 1 40  ? -18.634 -2.060  -0.972  1.00 34.33 ? 1895 LEU A N   1 
ATOM   306  C CA  . LEU A 1 40  ? -19.246 -0.935  -1.721  1.00 37.15 ? 1895 LEU A CA  1 
ATOM   307  C C   . LEU A 1 40  ? -20.711 -0.962  -1.790  1.00 42.97 ? 1895 LEU A C   1 
ATOM   308  O O   . LEU A 1 40  ? -21.360 0.103   -2.119  1.00 42.82 ? 1895 LEU A O   1 
ATOM   309  C CB  . LEU A 1 40  ? -18.723 -0.843  -3.223  1.00 38.63 ? 1895 LEU A CB  1 
ATOM   310  C CG  . LEU A 1 40  ? -17.226 -0.752  -3.348  1.00 38.97 ? 1895 LEU A CG  1 
ATOM   311  C CD1 . LEU A 1 40  ? -16.864 -0.676  -4.717  1.00 39.47 ? 1895 LEU A CD1 1 
ATOM   312  C CD2 . LEU A 1 40  ? -16.689 0.623   -2.672  1.00 34.53 ? 1895 LEU A CD2 1 
ATOM   313  N N   . LYS A 1 41  ? -21.307 -2.155  -1.485  1.00 43.91 ? 1896 LYS A N   1 
ATOM   314  C CA  . LYS A 1 41  ? -22.773 -2.216  -1.377  1.00 47.00 ? 1896 LYS A CA  1 
ATOM   315  C C   . LYS A 1 41  ? -23.156 -1.705  -0.007  1.00 47.71 ? 1896 LYS A C   1 
ATOM   316  O O   . LYS A 1 41  ? -24.246 -1.167  0.138   1.00 46.71 ? 1896 LYS A O   1 
ATOM   317  C CB  . LYS A 1 41  ? -23.344 -3.694  -1.694  1.00 47.25 ? 1896 LYS A CB  1 
ATOM   318  C CG  . LYS A 1 41  ? -22.860 -4.126  -3.087  1.00 51.96 ? 1896 LYS A CG  1 
ATOM   319  C CD  . LYS A 1 41  ? -23.684 -5.166  -4.134  1.00 62.18 ? 1896 LYS A CD  1 
ATOM   320  C CE  . LYS A 1 41  ? -23.720 -6.688  -3.956  1.00 65.36 ? 1896 LYS A CE  1 
ATOM   321  N NZ  . LYS A 1 41  ? -22.732 -6.988  -2.909  1.00 70.49 ? 1896 LYS A NZ  1 
ATOM   322  N N   . LEU A 1 42  ? -22.307 -1.783  1.030   1.00 43.39 ? 1897 LEU A N   1 
ATOM   323  C CA  . LEU A 1 42  ? -22.826 -1.399  2.364   1.00 40.28 ? 1897 LEU A CA  1 
ATOM   324  C C   . LEU A 1 42  ? -22.371 -0.085  2.828   1.00 43.37 ? 1897 LEU A C   1 
ATOM   325  O O   . LEU A 1 42  ? -22.713 0.284   3.913   1.00 43.23 ? 1897 LEU A O   1 
ATOM   326  C CB  . LEU A 1 42  ? -22.346 -2.287  3.556   1.00 40.84 ? 1897 LEU A CB  1 
ATOM   327  C CG  . LEU A 1 42  ? -22.954 -3.702  3.101   1.00 47.17 ? 1897 LEU A CG  1 
ATOM   328  C CD1 . LEU A 1 42  ? -22.550 -4.684  3.983   1.00 44.13 ? 1897 LEU A CD1 1 
ATOM   329  C CD2 . LEU A 1 42  ? -24.567 -3.842  2.688   1.00 46.49 ? 1897 LEU A CD2 1 
ATOM   330  N N   . VAL A 1 43  ? -21.489 0.603   2.110   1.00 38.63 ? 1898 VAL A N   1 
ATOM   331  C CA  . VAL A 1 43  ? -20.895 1.821   2.727   1.00 36.87 ? 1898 VAL A CA  1 
ATOM   332  C C   . VAL A 1 43  ? -21.284 2.938   1.782   1.00 39.10 ? 1898 VAL A C   1 
ATOM   333  O O   . VAL A 1 43  ? -20.699 3.208   0.715   1.00 36.34 ? 1898 VAL A O   1 
ATOM   334  C CB  . VAL A 1 43  ? -19.406 1.779   2.855   1.00 38.78 ? 1898 VAL A CB  1 
ATOM   335  C CG1 . VAL A 1 43  ? -18.860 3.133   3.468   1.00 36.73 ? 1898 VAL A CG1 1 
ATOM   336  C CG2 . VAL A 1 43  ? -18.973 0.633   3.841   1.00 39.96 ? 1898 VAL A CG2 1 
ATOM   337  N N   . PRO A 1 44  ? -22.445 3.598   2.165   1.00 43.12 ? 1899 PRO A N   1 
ATOM   338  C CA  . PRO A 1 44  ? -22.919 4.831   1.394   1.00 43.16 ? 1899 PRO A CA  1 
ATOM   339  C C   . PRO A 1 44  ? -21.729 5.825   1.023   1.00 37.16 ? 1899 PRO A C   1 
ATOM   340  O O   . PRO A 1 44  ? -20.939 6.104   1.872   1.00 38.25 ? 1899 PRO A O   1 
ATOM   341  C CB  . PRO A 1 44  ? -23.976 5.549   2.464   1.00 43.11 ? 1899 PRO A CB  1 
ATOM   342  C CG  . PRO A 1 44  ? -24.099 4.711   3.690   1.00 43.77 ? 1899 PRO A CG  1 
ATOM   343  C CD  . PRO A 1 44  ? -22.972 3.581   3.618   1.00 41.70 ? 1899 PRO A CD  1 
ATOM   344  N N   . GLY A 1 45  ? -21.623 6.279   -0.161  1.00 33.13 ? 1900 GLY A N   1 
ATOM   345  C CA  . GLY A 1 45  ? -20.736 7.345   -0.596  1.00 35.81 ? 1900 GLY A CA  1 
ATOM   346  C C   . GLY A 1 45  ? -19.396 6.726   -1.206  1.00 34.95 ? 1900 GLY A C   1 
ATOM   347  O O   . GLY A 1 45  ? -18.772 7.273   -2.038  1.00 34.45 ? 1900 GLY A O   1 
ATOM   348  N N   . TYR A 1 46  ? -19.033 5.521   -0.675  1.00 33.24 ? 1901 TYR A N   1 
ATOM   349  C CA  . TYR A 1 46  ? -17.603 5.023   -0.978  1.00 32.64 ? 1901 TYR A CA  1 
ATOM   350  C C   . TYR A 1 46  ? -17.381 4.844   -2.446  1.00 30.78 ? 1901 TYR A C   1 
ATOM   351  O O   . TYR A 1 46  ? -16.399 5.342   -2.993  1.00 30.73 ? 1901 TYR A O   1 
ATOM   352  C CB  . TYR A 1 46  ? -17.311 3.668   -0.238  1.00 29.93 ? 1901 TYR A CB  1 
ATOM   353  C CG  . TYR A 1 46  ? -15.816 3.622   0.100   1.00 28.03 ? 1901 TYR A CG  1 
ATOM   354  C CD1 . TYR A 1 46  ? -15.242 4.395   1.133   1.00 28.43 ? 1901 TYR A CD1 1 
ATOM   355  C CD2 . TYR A 1 46  ? -15.004 2.971   -0.784  1.00 26.48 ? 1901 TYR A CD2 1 
ATOM   356  C CE1 . TYR A 1 46  ? -13.821 4.309   1.339   1.00 30.45 ? 1901 TYR A CE1 1 
ATOM   357  C CE2 . TYR A 1 46  ? -13.487 2.894   -0.550  1.00 25.35 ? 1901 TYR A CE2 1 
ATOM   358  C CZ  . TYR A 1 46  ? -12.997 3.575   0.443   1.00 28.38 ? 1901 TYR A CZ  1 
ATOM   359  O OH  . TYR A 1 46  ? -11.525 3.604   0.658   1.00 27.02 ? 1901 TYR A OH  1 
ATOM   360  N N   . LYS A 1 47  ? -18.370 4.206   -3.053  1.00 34.26 ? 1902 LYS A N   1 
ATOM   361  C CA  . LYS A 1 47  ? -18.122 3.888   -4.497  1.00 34.48 ? 1902 LYS A CA  1 
ATOM   362  C C   . LYS A 1 47  ? -17.950 5.148   -5.372  1.00 34.59 ? 1902 LYS A C   1 
ATOM   363  O O   . LYS A 1 47  ? -17.144 5.161   -6.260  1.00 36.14 ? 1902 LYS A O   1 
ATOM   364  C CB  . LYS A 1 47  ? -19.257 2.974   -4.948  1.00 39.41 ? 1902 LYS A CB  1 
ATOM   365  C CG  . LYS A 1 47  ? -18.939 2.579   -6.374  1.00 40.19 ? 1902 LYS A CG  1 
ATOM   366  C CD  . LYS A 1 47  ? -20.057 1.625   -6.818  1.00 48.51 ? 1902 LYS A CD  1 
ATOM   367  C CE  . LYS A 1 47  ? -19.611 0.643   -7.926  1.00 55.47 ? 1902 LYS A CE  1 
ATOM   368  N NZ  . LYS A 1 47  ? -19.960 0.830   -9.350  1.00 57.96 ? 1902 LYS A NZ  1 
ATOM   369  N N   . LYS A 1 48  ? -18.714 6.206   -5.107  1.00 34.14 ? 1903 LYS A N   1 
ATOM   370  C CA  . LYS A 1 48  ? -18.690 7.361   -5.994  1.00 33.40 ? 1903 LYS A CA  1 
ATOM   371  C C   . LYS A 1 48  ? -17.614 8.214   -5.691  1.00 33.20 ? 1903 LYS A C   1 
ATOM   372  O O   . LYS A 1 48  ? -17.025 8.874   -6.525  1.00 37.51 ? 1903 LYS A O   1 
ATOM   373  C CB  . LYS A 1 48  ? -20.092 8.136   -5.706  1.00 35.57 ? 1903 LYS A CB  1 
ATOM   374  C CG  . LYS A 1 48  ? -20.226 9.516   -6.481  1.00 33.88 ? 1903 LYS A CG  1 
ATOM   375  C CD  . LYS A 1 48  ? -20.378 9.128   -8.017  1.00 36.73 ? 1903 LYS A CD  1 
ATOM   376  C CE  . LYS A 1 48  ? -20.423 10.484  -8.888  1.00 36.55 ? 1903 LYS A CE  1 
ATOM   377  N NZ  . LYS A 1 48  ? -21.757 10.739  -9.033  1.00 36.84 ? 1903 LYS A NZ  1 
ATOM   378  N N   . VAL A 1 49  ? -17.263 8.332   -4.386  1.00 30.87 ? 1904 VAL A N   1 
ATOM   379  C CA  . VAL A 1 49  ? -16.219 9.289   -3.979  1.00 29.79 ? 1904 VAL A CA  1 
ATOM   380  C C   . VAL A 1 49  ? -14.731 8.804   -4.229  1.00 31.54 ? 1904 VAL A C   1 
ATOM   381  O O   . VAL A 1 49  ? -13.820 9.597   -4.680  1.00 32.31 ? 1904 VAL A O   1 
ATOM   382  C CB  . VAL A 1 49  ? -16.389 9.520   -2.508  1.00 30.19 ? 1904 VAL A CB  1 
ATOM   383  C CG1 . VAL A 1 49  ? -15.207 10.316  -1.873  1.00 29.59 ? 1904 VAL A CG1 1 
ATOM   384  C CG2 . VAL A 1 49  ? -17.844 10.352  -2.317  1.00 32.75 ? 1904 VAL A CG2 1 
ATOM   385  N N   . ILE A 1 50  ? -14.590 7.530   -4.026  1.00 29.88 ? 1905 ILE A N   1 
ATOM   386  C CA  . ILE A 1 50  ? -13.206 6.873   -3.968  1.00 30.46 ? 1905 ILE A CA  1 
ATOM   387  C C   . ILE A 1 50  ? -13.004 6.169   -5.246  1.00 29.35 ? 1905 ILE A C   1 
ATOM   388  O O   . ILE A 1 50  ? -13.465 5.125   -5.470  1.00 31.10 ? 1905 ILE A O   1 
ATOM   389  C CB  . ILE A 1 50  ? -13.075 5.850   -2.770  1.00 28.24 ? 1905 ILE A CB  1 
ATOM   390  C CG1 . ILE A 1 50  ? -13.234 6.624   -1.451  1.00 26.31 ? 1905 ILE A CG1 1 
ATOM   391  C CG2 . ILE A 1 50  ? -11.485 5.233   -2.959  1.00 28.93 ? 1905 ILE A CG2 1 
ATOM   392  C CD1 . ILE A 1 50  ? -12.083 7.699   -1.246  1.00 28.73 ? 1905 ILE A CD1 1 
ATOM   393  N N   . LYS A 1 51  ? -12.336 6.864   -6.109  1.00 30.31 ? 1906 LYS A N   1 
ATOM   394  C CA  . LYS A 1 51  ? -12.354 6.402   -7.427  1.00 33.02 ? 1906 LYS A CA  1 
ATOM   395  C C   . LYS A 1 51  ? -11.458 5.109   -7.626  1.00 34.70 ? 1906 LYS A C   1 
ATOM   396  O O   . LYS A 1 51  ? -11.776 4.317   -8.625  1.00 31.45 ? 1906 LYS A O   1 
ATOM   397  C CB  . LYS A 1 51  ? -11.783 7.526   -8.472  1.00 36.28 ? 1906 LYS A CB  1 
ATOM   398  C CG  . LYS A 1 51  ? -12.564 8.897   -8.498  1.00 39.68 ? 1906 LYS A CG  1 
ATOM   399  C CD  . LYS A 1 51  ? -13.931 8.717   -8.914  1.00 40.93 ? 1906 LYS A CD  1 
ATOM   400  C CE  . LYS A 1 51  ? -14.954 10.049  -8.576  1.00 43.04 ? 1906 LYS A CE  1 
ATOM   401  N NZ  . LYS A 1 51  ? -16.259 9.611   -9.236  1.00 45.22 ? 1906 LYS A NZ  1 
ATOM   402  N N   . LYS A 1 52  ? -10.362 4.903   -6.859  1.00 30.39 ? 1907 LYS A N   1 
ATOM   403  C CA  . LYS A 1 52  ? -9.591  3.667   -7.087  1.00 29.08 ? 1907 LYS A CA  1 
ATOM   404  C C   . LYS A 1 52  ? -9.441  2.997   -5.669  1.00 28.02 ? 1907 LYS A C   1 
ATOM   405  O O   . LYS A 1 52  ? -8.452  3.353   -4.992  1.00 27.47 ? 1907 LYS A O   1 
ATOM   406  C CB  . LYS A 1 52  ? -8.231  4.049   -7.579  1.00 32.21 ? 1907 LYS A CB  1 
ATOM   407  C CG  . LYS A 1 52  ? -8.392  4.562   -9.162  1.00 39.05 ? 1907 LYS A CG  1 
ATOM   408  C CD  . LYS A 1 52  ? -7.041  5.441   -9.363  1.00 47.19 ? 1907 LYS A CD  1 
ATOM   409  C CE  . LYS A 1 52  ? -5.650  5.139   -10.409 1.00 60.94 ? 1907 LYS A CE  1 
ATOM   410  N NZ  . LYS A 1 52  ? -5.647  6.433   -11.624 1.00 65.61 ? 1907 LYS A NZ  1 
ATOM   411  N N   . PRO A 1 53  ? -10.430 2.255   -5.230  1.00 28.62 ? 1908 PRO A N   1 
ATOM   412  C CA  . PRO A 1 53  ? -10.397 1.582   -3.947  1.00 25.06 ? 1908 PRO A CA  1 
ATOM   413  C C   . PRO A 1 53  ? -9.056  0.697   -3.941  1.00 28.00 ? 1908 PRO A C   1 
ATOM   414  O O   . PRO A 1 53  ? -8.714  0.127   -4.976  1.00 27.13 ? 1908 PRO A O   1 
ATOM   415  C CB  . PRO A 1 53  ? -11.625 0.613   -3.951  1.00 26.01 ? 1908 PRO A CB  1 
ATOM   416  C CG  . PRO A 1 53  ? -12.543 1.374   -4.863  1.00 27.99 ? 1908 PRO A CG  1 
ATOM   417  C CD  . PRO A 1 53  ? -11.748 2.042   -5.864  1.00 31.45 ? 1908 PRO A CD  1 
ATOM   418  N N   . MET A 1 54  ? -8.476  0.522   -2.731  1.00 24.30 ? 1909 MET A N   1 
ATOM   419  C CA  . MET A 1 54  ? -7.296  -0.432  -2.689  1.00 22.76 ? 1909 MET A CA  1 
ATOM   420  C C   . MET A 1 54  ? -7.195  -0.929  -1.216  1.00 25.79 ? 1909 MET A C   1 
ATOM   421  O O   . MET A 1 54  ? -7.658  -0.147  -0.251  1.00 22.89 ? 1909 MET A O   1 
ATOM   422  C CB  . MET A 1 54  ? -5.985  0.381   -3.187  1.00 20.73 ? 1909 MET A CB  1 
ATOM   423  C CG  . MET A 1 54  ? -4.703  -0.538  -3.151  1.00 22.88 ? 1909 MET A CG  1 
ATOM   424  S SD  . MET A 1 54  ? -4.990  -2.088  -4.141  1.00 26.67 ? 1909 MET A SD  1 
ATOM   425  C CE  . MET A 1 54  ? -5.524  -1.302  -5.783  1.00 24.76 ? 1909 MET A CE  1 
ATOM   426  N N   . ASP A 1 55  ? -6.737  -2.152  -1.037  1.00 22.69 ? 1910 ASP A N   1 
ATOM   427  C CA  . ASP A 1 55  ? -6.649  -2.644  0.332   1.00 22.45 ? 1910 ASP A CA  1 
ATOM   428  C C   . ASP A 1 55  ? -5.484  -3.726  0.344   1.00 24.07 ? 1910 ASP A C   1 
ATOM   429  O O   . ASP A 1 55  ? -5.041  -4.057  -0.734  1.00 23.76 ? 1910 ASP A O   1 
ATOM   430  C CB  . ASP A 1 55  ? -7.971  -3.349  0.860   1.00 21.28 ? 1910 ASP A CB  1 
ATOM   431  C CG  . ASP A 1 55  ? -8.223  -4.593  -0.024  1.00 26.41 ? 1910 ASP A CG  1 
ATOM   432  O OD1 . ASP A 1 55  ? -8.530  -4.428  -1.198  1.00 26.86 ? 1910 ASP A OD1 1 
ATOM   433  O OD2 . ASP A 1 55  ? -7.862  -5.551  0.471   1.00 30.44 ? 1910 ASP A OD2 1 
ATOM   434  N N   . PHE A 1 56  ? -5.077  -4.165  1.579   1.00 22.98 ? 1911 PHE A N   1 
ATOM   435  C CA  . PHE A 1 56  ? -3.881  -5.046  1.574   1.00 23.85 ? 1911 PHE A CA  1 
ATOM   436  C C   . PHE A 1 56  ? -4.199  -6.333  0.877   1.00 25.36 ? 1911 PHE A C   1 
ATOM   437  O O   . PHE A 1 56  ? -3.224  -6.931  0.340   1.00 24.98 ? 1911 PHE A O   1 
ATOM   438  C CB  . PHE A 1 56  ? -3.515  -5.350  3.056   1.00 24.30 ? 1911 PHE A CB  1 
ATOM   439  C CG  . PHE A 1 56  ? -3.012  -4.048  3.852   1.00 24.37 ? 1911 PHE A CG  1 
ATOM   440  C CD1 . PHE A 1 56  ? -2.670  -2.872  3.129   1.00 22.79 ? 1911 PHE A CD1 1 
ATOM   441  C CD2 . PHE A 1 56  ? -2.869  -4.100  5.233   1.00 25.59 ? 1911 PHE A CD2 1 
ATOM   442  C CE1 . PHE A 1 56  ? -2.282  -1.692  3.856   1.00 22.32 ? 1911 PHE A CE1 1 
ATOM   443  C CE2 . PHE A 1 56  ? -2.461  -2.909  5.877   1.00 25.25 ? 1911 PHE A CE2 1 
ATOM   444  C CZ  . PHE A 1 56  ? -2.042  -1.782  5.250   1.00 22.41 ? 1911 PHE A CZ  1 
ATOM   445  N N   . SER A 1 57  ? -5.408  -6.855  0.968   1.00 25.45 ? 1912 SER A N   1 
ATOM   446  C CA  . SER A 1 57  ? -5.584  -8.270  0.387   1.00 25.44 ? 1912 SER A CA  1 
ATOM   447  C C   . SER A 1 57  ? -5.473  -8.072  -1.164  1.00 28.52 ? 1912 SER A C   1 
ATOM   448  O O   . SER A 1 57  ? -4.907  -9.001  -1.894  1.00 28.46 ? 1912 SER A O   1 
ATOM   449  C CB  . SER A 1 57  ? -6.964  -8.956  0.792   1.00 25.66 ? 1912 SER A CB  1 
ATOM   450  O OG  . SER A 1 57  ? -7.956  -8.132  0.079   1.00 28.51 ? 1912 SER A OG  1 
ATOM   451  N N   . THR A 1 58  ? -5.964  -7.003  -1.744  1.00 26.04 ? 1913 THR A N   1 
ATOM   452  C CA  . THR A 1 58  ? -5.822  -6.774  -3.124  1.00 24.99 ? 1913 THR A CA  1 
ATOM   453  C C   . THR A 1 58  ? -4.329  -6.539  -3.538  1.00 27.48 ? 1913 THR A C   1 
ATOM   454  O O   . THR A 1 58  ? -3.784  -7.074  -4.628  1.00 27.50 ? 1913 THR A O   1 
ATOM   455  C CB  . THR A 1 58  ? -6.645  -5.520  -3.560  1.00 28.86 ? 1913 THR A CB  1 
ATOM   456  O OG1 . THR A 1 58  ? -8.020  -5.838  -3.301  1.00 26.27 ? 1913 THR A OG1 1 
ATOM   457  C CG2 . THR A 1 58  ? -6.585  -5.232  -5.078  1.00 25.31 ? 1913 THR A CG2 1 
ATOM   458  N N   . ILE A 1 59  ? -3.589  -5.835  -2.693  1.00 24.45 ? 1914 ILE A N   1 
ATOM   459  C CA  . ILE A 1 59  ? -2.149  -5.634  -3.095  1.00 23.81 ? 1914 ILE A CA  1 
ATOM   460  C C   . ILE A 1 59  ? -1.469  -6.983  -2.980  1.00 27.89 ? 1914 ILE A C   1 
ATOM   461  O O   . ILE A 1 59  ? -0.650  -7.344  -3.872  1.00 26.84 ? 1914 ILE A O   1 
ATOM   462  C CB  . ILE A 1 59  ? -1.495  -4.751  -2.010  1.00 22.66 ? 1914 ILE A CB  1 
ATOM   463  C CG1 . ILE A 1 59  ? -2.156  -3.305  -2.256  1.00 22.81 ? 1914 ILE A CG1 1 
ATOM   464  C CG2 . ILE A 1 59  ? 0.023   -4.640  -2.091  1.00 22.38 ? 1914 ILE A CG2 1 
ATOM   465  C CD1 . ILE A 1 59  ? -1.617  -2.220  -0.952  1.00 22.85 ? 1914 ILE A CD1 1 
ATOM   466  N N   . ARG A 1 60  ? -1.906  -7.815  -1.969  1.00 24.96 ? 1915 ARG A N   1 
ATOM   467  C CA  . ARG A 1 60  ? -1.206  -9.054  -1.870  1.00 27.92 ? 1915 ARG A CA  1 
ATOM   468  C C   . ARG A 1 60  ? -1.514  -9.982  -3.068  1.00 31.24 ? 1915 ARG A C   1 
ATOM   469  O O   . ARG A 1 60  ? -0.589  -10.676 -3.682  1.00 31.10 ? 1915 ARG A O   1 
ATOM   470  C CB  . ARG A 1 60  ? -1.700  -9.831  -0.570  1.00 28.13 ? 1915 ARG A CB  1 
ATOM   471  C CG  . ARG A 1 60  ? -1.297  -11.363 -0.483  1.00 34.26 ? 1915 ARG A CG  1 
ATOM   472  C CD  . ARG A 1 60  ? 0.126   -11.561 -0.214  1.00 30.96 ? 1915 ARG A CD  1 
ATOM   473  N NE  . ARG A 1 60  ? 0.554   -11.168 1.081   1.00 31.70 ? 1915 ARG A NE  1 
ATOM   474  C CZ  . ARG A 1 60  ? 1.799   -10.947 1.470   1.00 32.66 ? 1915 ARG A CZ  1 
ATOM   475  N NH1 . ARG A 1 60  ? 2.855   -11.146 0.690   1.00 33.74 ? 1915 ARG A NH1 1 
ATOM   476  N NH2 . ARG A 1 60  ? 2.108   -10.625 2.652   1.00 32.51 ? 1915 ARG A NH2 1 
ATOM   477  N N   . GLU A 1 61  ? -2.695  -9.900  -3.579  1.00 28.89 ? 1916 GLU A N   1 
ATOM   478  C CA  . GLU A 1 61  ? -3.049  -10.752 -4.687  1.00 33.36 ? 1916 GLU A CA  1 
ATOM   479  C C   . GLU A 1 61  ? -2.304  -10.189 -5.966  1.00 33.69 ? 1916 GLU A C   1 
ATOM   480  O O   . GLU A 1 61  ? -1.754  -10.961 -6.794  1.00 33.26 ? 1916 GLU A O   1 
ATOM   481  C CB  . GLU A 1 61  ? -4.558  -10.632 -4.935  1.00 35.85 ? 1916 GLU A CB  1 
ATOM   482  C CG  . GLU A 1 61  ? -4.959  -11.407 -6.250  1.00 40.52 ? 1916 GLU A CG  1 
ATOM   483  C CD  . GLU A 1 61  ? -4.836  -12.997 -5.963  1.00 44.07 ? 1916 GLU A CD  1 
ATOM   484  O OE1 . GLU A 1 61  ? -4.922  -13.587 -4.826  1.00 44.78 ? 1916 GLU A OE1 1 
ATOM   485  O OE2 . GLU A 1 61  ? -4.517  -13.683 -7.068  1.00 48.76 ? 1916 GLU A OE2 1 
ATOM   486  N N   . LYS A 1 62  ? -2.208  -8.849  -6.127  1.00 30.67 ? 1917 LYS A N   1 
ATOM   487  C CA  . LYS A 1 62  ? -1.516  -8.251  -7.299  1.00 29.47 ? 1917 LYS A CA  1 
ATOM   488  C C   . LYS A 1 62  ? -0.001  -8.667  -7.160  1.00 29.88 ? 1917 LYS A C   1 
ATOM   489  O O   . LYS A 1 62  ? 0.662   -9.021  -8.229  1.00 31.07 ? 1917 LYS A O   1 
ATOM   490  C CB  . LYS A 1 62  ? -1.590  -6.725  -7.394  1.00 27.56 ? 1917 LYS A CB  1 
ATOM   491  C CG  . LYS A 1 62  ? -3.000  -6.217  -7.804  1.00 27.54 ? 1917 LYS A CG  1 
ATOM   492  C CD  . LYS A 1 62  ? -3.126  -4.847  -7.706  1.00 29.88 ? 1917 LYS A CD  1 
ATOM   493  C CE  . LYS A 1 62  ? -2.264  -4.079  -8.780  1.00 30.02 ? 1917 LYS A CE  1 
ATOM   494  N NZ  . LYS A 1 62  ? -2.790  -2.763  -8.847  1.00 30.75 ? 1917 LYS A NZ  1 
ATOM   495  N N   . LEU A 1 63  ? 0.564   -8.614  -5.958  1.00 27.85 ? 1918 LEU A N   1 
ATOM   496  C CA  . LEU A 1 63  ? 2.010   -8.861  -5.783  1.00 30.89 ? 1918 LEU A CA  1 
ATOM   497  C C   . LEU A 1 63  ? 2.245   -10.361 -6.218  1.00 34.78 ? 1918 LEU A C   1 
ATOM   498  O O   . LEU A 1 63  ? 3.211   -10.634 -6.837  1.00 37.21 ? 1918 LEU A O   1 
ATOM   499  C CB  . LEU A 1 63  ? 2.447   -8.668  -4.412  1.00 30.24 ? 1918 LEU A CB  1 
ATOM   500  C CG  . LEU A 1 63  ? 3.899   -8.632  -3.878  1.00 26.98 ? 1918 LEU A CG  1 
ATOM   501  C CD1 . LEU A 1 63  ? 4.696   -7.560  -4.758  1.00 25.74 ? 1918 LEU A CD1 1 
ATOM   502  C CD2 . LEU A 1 63  ? 4.282   -8.464  -2.382  1.00 26.39 ? 1918 LEU A CD2 1 
ATOM   503  N N   . SER A 1 64  ? 1.494   -11.316 -5.657  1.00 30.15 ? 1919 SER A N   1 
ATOM   504  C CA  . SER A 1 64  ? 1.647   -12.757 -5.885  1.00 30.25 ? 1919 SER A CA  1 
ATOM   505  C C   . SER A 1 64  ? 1.420   -13.144 -7.334  1.00 28.89 ? 1919 SER A C   1 
ATOM   506  O O   . SER A 1 64  ? 1.749   -14.313 -7.760  1.00 31.57 ? 1919 SER A O   1 
ATOM   507  C CB  . SER A 1 64  ? 0.517   -13.480 -5.010  1.00 32.44 ? 1919 SER A CB  1 
ATOM   508  O OG  . SER A 1 64  ? 0.912   -13.290 -3.639  1.00 37.39 ? 1919 SER A OG  1 
ATOM   509  N N   . SER A 1 65  ? 0.845   -12.387 -8.147  1.00 27.00 ? 1920 SER A N   1 
ATOM   510  C CA  . SER A 1 65  ? 0.486   -12.733 -9.530  1.00 30.70 ? 1920 SER A CA  1 
ATOM   511  C C   . SER A 1 65  ? 1.203   -11.926 -10.617 1.00 28.95 ? 1920 SER A C   1 
ATOM   512  O O   . SER A 1 65  ? 0.747   -11.836 -11.799 1.00 32.30 ? 1920 SER A O   1 
ATOM   513  C CB  . SER A 1 65  ? -0.977  -12.589 -9.672  1.00 30.48 ? 1920 SER A CB  1 
ATOM   514  O OG  . SER A 1 65  ? -1.619  -11.291 -9.615  1.00 34.42 ? 1920 SER A OG  1 
ATOM   515  N N   . GLY A 1 66  ? 2.296   -11.175 -10.195 1.00 29.88 ? 1921 GLY A N   1 
ATOM   516  C CA  . GLY A 1 66  ? 3.207   -10.413 -11.128 1.00 27.11 ? 1921 GLY A CA  1 
ATOM   517  C C   . GLY A 1 66  ? 2.594   -9.308  -11.666 1.00 29.83 ? 1921 GLY A C   1 
ATOM   518  O O   . GLY A 1 66  ? 2.835   -8.868  -12.832 1.00 29.40 ? 1921 GLY A O   1 
ATOM   519  N N   . GLN A 1 67  ? 1.572   -8.673  -10.934 1.00 28.23 ? 1922 GLN A N   1 
ATOM   520  C CA  . GLN A 1 67  ? 0.956   -7.521  -11.440 1.00 29.84 ? 1922 GLN A CA  1 
ATOM   521  C C   . GLN A 1 67  ? 1.655   -6.117  -11.085 1.00 32.33 ? 1922 GLN A C   1 
ATOM   522  O O   . GLN A 1 67  ? 1.188   -5.047  -11.570 1.00 30.69 ? 1922 GLN A O   1 
ATOM   523  C CB  . GLN A 1 67  ? -0.552  -7.439  -10.976 1.00 31.35 ? 1922 GLN A CB  1 
ATOM   524  C CG  . GLN A 1 67  ? -1.292  -8.623  -11.702 1.00 30.70 ? 1922 GLN A CG  1 
ATOM   525  C CD  . GLN A 1 67  ? -2.777  -8.548  -11.335 1.00 34.37 ? 1922 GLN A CD  1 
ATOM   526  O OE1 . GLN A 1 67  ? -3.393  -7.582  -11.640 1.00 38.25 ? 1922 GLN A OE1 1 
ATOM   527  N NE2 . GLN A 1 67  ? -3.224  -9.460  -10.533 1.00 33.25 ? 1922 GLN A NE2 1 
ATOM   528  N N   . TYR A 1 68  ? 2.729   -6.176  -10.307 1.00 30.08 ? 1923 TYR A N   1 
ATOM   529  C CA  . TYR A 1 68  ? 3.541   -4.945  -10.174 1.00 27.95 ? 1923 TYR A CA  1 
ATOM   530  C C   . TYR A 1 68  ? 4.829   -5.027  -11.015 1.00 29.97 ? 1923 TYR A C   1 
ATOM   531  O O   . TYR A 1 68  ? 5.705   -5.878  -10.682 1.00 31.56 ? 1923 TYR A O   1 
ATOM   532  C CB  . TYR A 1 68  ? 4.059   -4.832  -8.689  1.00 26.75 ? 1923 TYR A CB  1 
ATOM   533  C CG  . TYR A 1 68  ? 2.746   -4.507  -7.736  1.00 25.87 ? 1923 TYR A CG  1 
ATOM   534  C CD1 . TYR A 1 68  ? 2.038   -3.318  -7.949  1.00 26.43 ? 1923 TYR A CD1 1 
ATOM   535  C CD2 . TYR A 1 68  ? 2.414   -5.340  -6.832  1.00 26.32 ? 1923 TYR A CD2 1 
ATOM   536  C CE1 . TYR A 1 68  ? 0.848   -3.010  -7.227  1.00 24.73 ? 1923 TYR A CE1 1 
ATOM   537  C CE2 . TYR A 1 68  ? 1.281   -5.126  -5.973  1.00 25.62 ? 1923 TYR A CE2 1 
ATOM   538  C CZ  . TYR A 1 68  ? 0.542   -3.893  -6.157  1.00 25.34 ? 1923 TYR A CZ  1 
ATOM   539  O OH  . TYR A 1 68  ? -0.671  -3.592  -5.505  1.00 25.30 ? 1923 TYR A OH  1 
ATOM   540  N N   . PRO A 1 69  ? 4.988   -4.085  -11.906 1.00 31.59 ? 1924 PRO A N   1 
ATOM   541  C CA  . PRO A 1 69  ? 6.146   -4.112  -12.864 1.00 32.97 ? 1924 PRO A CA  1 
ATOM   542  C C   . PRO A 1 69  ? 7.354   -3.780  -12.081 1.00 35.23 ? 1924 PRO A C   1 
ATOM   543  O O   . PRO A 1 69  ? 8.417   -4.280  -12.400 1.00 35.76 ? 1924 PRO A O   1 
ATOM   544  C CB  . PRO A 1 69  ? 5.892   -2.994  -13.791 1.00 33.93 ? 1924 PRO A CB  1 
ATOM   545  C CG  . PRO A 1 69  ? 4.606   -2.573  -13.682 1.00 35.62 ? 1924 PRO A CG  1 
ATOM   546  C CD  . PRO A 1 69  ? 3.829   -3.368  -12.436 1.00 32.87 ? 1924 PRO A CD  1 
ATOM   547  N N   . ASN A 1 70  ? 7.249   -3.007  -10.961 1.00 30.01 ? 1925 ASN A N   1 
ATOM   548  C CA  . ASN A 1 70  ? 8.510   -2.625  -10.229 1.00 29.27 ? 1925 ASN A CA  1 
ATOM   549  C C   . ASN A 1 70  ? 8.145   -2.175  -8.813  1.00 30.96 ? 1925 ASN A C   1 
ATOM   550  O O   . ASN A 1 70  ? 6.952   -2.077  -8.425  1.00 29.20 ? 1925 ASN A O   1 
ATOM   551  C CB  . ASN A 1 70  ? 9.278   -1.509  -10.972 1.00 33.27 ? 1925 ASN A CB  1 
ATOM   552  C CG  . ASN A 1 70  ? 8.435   -0.328  -11.177 1.00 35.93 ? 1925 ASN A CG  1 
ATOM   553  O OD1 . ASN A 1 70  ? 7.853   0.201   -10.211 1.00 35.25 ? 1925 ASN A OD1 1 
ATOM   554  N ND2 . ASN A 1 70  ? 8.237   0.063   -12.367 1.00 32.76 ? 1925 ASN A ND2 1 
ATOM   555  N N   . LEU A 1 71  ? 9.218   -2.081  -7.966  1.00 32.16 ? 1926 LEU A N   1 
ATOM   556  C CA  . LEU A 1 71  ? 9.272   -1.418  -6.675  1.00 35.52 ? 1926 LEU A CA  1 
ATOM   557  C C   . LEU A 1 71  ? 8.157   -0.319  -6.421  1.00 31.84 ? 1926 LEU A C   1 
ATOM   558  O O   . LEU A 1 71  ? 7.305   -0.209  -5.477  1.00 31.26 ? 1926 LEU A O   1 
ATOM   559  C CB  . LEU A 1 71  ? 10.871  -0.529  -6.732  1.00 38.37 ? 1926 LEU A CB  1 
ATOM   560  C CG  . LEU A 1 71  ? 10.964  -0.714  -5.268  1.00 39.19 ? 1926 LEU A CG  1 
ATOM   561  C CD1 . LEU A 1 71  ? 10.523  -2.158  -5.290  1.00 35.76 ? 1926 LEU A CD1 1 
ATOM   562  C CD2 . LEU A 1 71  ? 12.428  -0.738  -4.716  1.00 37.10 ? 1926 LEU A CD2 1 
ATOM   563  N N   . GLU A 1 72  ? 8.280   0.626   -7.263  1.00 32.38 ? 1927 GLU A N   1 
ATOM   564  C CA  . GLU A 1 72  ? 7.592   1.841   -7.050  1.00 33.57 ? 1927 GLU A CA  1 
ATOM   565  C C   . GLU A 1 72  ? 6.012   1.722   -7.354  1.00 34.50 ? 1927 GLU A C   1 
ATOM   566  O O   . GLU A 1 72  ? 5.140   2.323   -6.712  1.00 29.83 ? 1927 GLU A O   1 
ATOM   567  C CB  . GLU A 1 72  ? 8.398   2.850   -7.942  1.00 34.28 ? 1927 GLU A CB  1 
ATOM   568  C CG  . GLU A 1 72  ? 7.342   3.576   -8.427  1.00 40.78 ? 1927 GLU A CG  1 
ATOM   569  N N   . THR A 1 73  ? 5.629   0.793   -8.284  1.00 30.80 ? 1928 THR A N   1 
ATOM   570  C CA  . THR A 1 73  ? 4.210   0.750   -8.504  1.00 28.88 ? 1928 THR A CA  1 
ATOM   571  C C   . THR A 1 73  ? 3.581   0.026   -7.264  1.00 28.18 ? 1928 THR A C   1 
ATOM   572  O O   . THR A 1 73  ? 2.424   0.219   -7.018  1.00 27.99 ? 1928 THR A O   1 
ATOM   573  C CB  . THR A 1 73  ? 3.915   -0.174  -9.828  1.00 28.79 ? 1928 THR A CB  1 
ATOM   574  O OG1 . THR A 1 73  ? 4.521   -1.495  -9.636  1.00 29.68 ? 1928 THR A OG1 1 
ATOM   575  C CG2 . THR A 1 73  ? 4.593   0.517   -11.093 1.00 32.28 ? 1928 THR A CG2 1 
ATOM   576  N N   . PHE A 1 74  ? 4.358   -0.793  -6.558  1.00 28.53 ? 1929 PHE A N   1 
ATOM   577  C CA  . PHE A 1 74  ? 3.883   -1.417  -5.311  1.00 25.02 ? 1929 PHE A CA  1 
ATOM   578  C C   . PHE A 1 74  ? 3.729   -0.327  -4.235  1.00 26.72 ? 1929 PHE A C   1 
ATOM   579  O O   . PHE A 1 74  ? 2.571   -0.232  -3.675  1.00 25.78 ? 1929 PHE A O   1 
ATOM   580  C CB  . PHE A 1 74  ? 4.851   -2.467  -4.820  1.00 28.11 ? 1929 PHE A CB  1 
ATOM   581  C CG  . PHE A 1 74  ? 4.610   -2.940  -3.431  1.00 26.99 ? 1929 PHE A CG  1 
ATOM   582  C CD1 . PHE A 1 74  ? 3.749   -3.993  -3.095  1.00 24.02 ? 1929 PHE A CD1 1 
ATOM   583  C CD2 . PHE A 1 74  ? 5.399   -2.311  -2.481  1.00 24.46 ? 1929 PHE A CD2 1 
ATOM   584  C CE1 . PHE A 1 74  ? 3.585   -4.336  -1.841  1.00 25.38 ? 1929 PHE A CE1 1 
ATOM   585  C CE2 . PHE A 1 74  ? 5.278   -2.793  -1.109  1.00 24.75 ? 1929 PHE A CE2 1 
ATOM   586  C CZ  . PHE A 1 74  ? 4.227   -3.780  -0.760  1.00 23.08 ? 1929 PHE A CZ  1 
ATOM   587  N N   . ALA A 1 75  ? 4.685   0.599   -4.124  1.00 24.26 ? 1930 ALA A N   1 
ATOM   588  C CA  . ALA A 1 75  ? 4.518   1.665   -3.027  1.00 24.53 ? 1930 ALA A CA  1 
ATOM   589  C C   . ALA A 1 75  ? 3.319   2.497   -3.442  1.00 25.55 ? 1930 ALA A C   1 
ATOM   590  O O   . ALA A 1 75  ? 2.677   3.013   -2.541  1.00 24.23 ? 1930 ALA A O   1 
ATOM   591  C CB  . ALA A 1 75  ? 5.808   2.531   -3.025  1.00 26.27 ? 1930 ALA A CB  1 
ATOM   592  N N   . LEU A 1 76  ? 3.075   2.834   -4.742  1.00 25.14 ? 1931 LEU A N   1 
ATOM   593  C CA  . LEU A 1 76  ? 1.987   3.749   -5.088  1.00 25.81 ? 1931 LEU A CA  1 
ATOM   594  C C   . LEU A 1 76  ? 0.685   3.155   -4.573  1.00 26.78 ? 1931 LEU A C   1 
ATOM   595  O O   . LEU A 1 76  ? -0.294  3.832   -4.111  1.00 26.28 ? 1931 LEU A O   1 
ATOM   596  C CB  . LEU A 1 76  ? 1.827   3.837   -6.645  1.00 28.13 ? 1931 LEU A CB  1 
ATOM   597  C CG  . LEU A 1 76  ? 2.983   4.737   -7.196  1.00 33.84 ? 1931 LEU A CG  1 
ATOM   598  C CD1 . LEU A 1 76  ? 2.805   4.828   -8.775  1.00 37.67 ? 1931 LEU A CD1 1 
ATOM   599  C CD2 . LEU A 1 76  ? 2.707   6.253   -6.727  1.00 39.05 ? 1931 LEU A CD2 1 
ATOM   600  N N   . ASP A 1 77  ? 0.540   1.794   -4.778  1.00 24.28 ? 1932 ASP A N   1 
ATOM   601  C CA  . ASP A 1 77  ? -0.753  1.176   -4.273  1.00 22.10 ? 1932 ASP A CA  1 
ATOM   602  C C   . ASP A 1 77  ? -0.797  1.159   -2.716  1.00 24.13 ? 1932 ASP A C   1 
ATOM   603  O O   . ASP A 1 77  ? -1.922  1.300   -2.184  1.00 21.74 ? 1932 ASP A O   1 
ATOM   604  C CB  . ASP A 1 77  ? -0.838  -0.315  -4.726  1.00 22.51 ? 1932 ASP A CB  1 
ATOM   605  C CG  . ASP A 1 77  ? -1.763  -0.464  -5.984  1.00 28.69 ? 1932 ASP A CG  1 
ATOM   606  O OD1 . ASP A 1 77  ? -2.393  0.518   -6.480  1.00 26.72 ? 1932 ASP A OD1 1 
ATOM   607  O OD2 . ASP A 1 77  ? -1.929  -1.634  -6.423  1.00 28.98 ? 1932 ASP A OD2 1 
ATOM   608  N N   . VAL A 1 78  ? 0.313   0.926   -2.011  1.00 22.49 ? 1933 VAL A N   1 
ATOM   609  C CA  . VAL A 1 78  ? 0.228   0.982   -0.574  1.00 19.43 ? 1933 VAL A CA  1 
ATOM   610  C C   . VAL A 1 78  ? -0.231  2.416   -0.144  1.00 23.71 ? 1933 VAL A C   1 
ATOM   611  O O   . VAL A 1 78  ? -1.071  2.643   0.725   1.00 22.78 ? 1933 VAL A O   1 
ATOM   612  C CB  . VAL A 1 78  ? 1.552   0.743   0.098   1.00 19.84 ? 1933 VAL A CB  1 
ATOM   613  C CG1 . VAL A 1 78  ? 1.492   0.887   1.653   1.00 24.08 ? 1933 VAL A CG1 1 
ATOM   614  C CG2 . VAL A 1 78  ? 1.975   -0.814  -0.210  1.00 20.77 ? 1933 VAL A CG2 1 
ATOM   615  N N   . ARG A 1 79  ? 0.350   3.420   -0.746  1.00 24.48 ? 1934 ARG A N   1 
ATOM   616  C CA  . ARG A 1 79  ? 0.040   4.833   -0.378  1.00 24.62 ? 1934 ARG A CA  1 
ATOM   617  C C   . ARG A 1 79  ? -1.391  5.115   -0.763  1.00 23.64 ? 1934 ARG A C   1 
ATOM   618  O O   . ARG A 1 79  ? -2.056  5.902   -0.092  1.00 22.49 ? 1934 ARG A O   1 
ATOM   619  C CB  . ARG A 1 79  ? 0.922   5.800   -1.089  1.00 24.43 ? 1934 ARG A CB  1 
ATOM   620  C CG  . ARG A 1 79  ? 2.444   5.607   -0.523  1.00 26.57 ? 1934 ARG A CG  1 
ATOM   621  C CD  . ARG A 1 79  ? 3.499   6.394   -1.428  1.00 28.71 ? 1934 ARG A CD  1 
ATOM   622  N NE  . ARG A 1 79  ? 4.753   6.226   -0.744  1.00 31.82 ? 1934 ARG A NE  1 
ATOM   623  C CZ  . ARG A 1 79  ? 5.982   6.087   -1.352  1.00 31.97 ? 1934 ARG A CZ  1 
ATOM   624  N NH1 . ARG A 1 79  ? 6.046   6.171   -2.673  1.00 29.99 ? 1934 ARG A NH1 1 
ATOM   625  N NH2 . ARG A 1 79  ? 7.037   5.783   -0.642  1.00 31.58 ? 1934 ARG A NH2 1 
ATOM   626  N N   . LEU A 1 80  ? -1.891  4.585   -1.861  1.00 24.17 ? 1935 LEU A N   1 
ATOM   627  C CA  . LEU A 1 80  ? -3.283  4.793   -2.266  1.00 22.36 ? 1935 LEU A CA  1 
ATOM   628  C C   . LEU A 1 80  ? -4.214  4.365   -1.123  1.00 25.45 ? 1935 LEU A C   1 
ATOM   629  O O   . LEU A 1 80  ? -5.223  4.992   -0.838  1.00 25.09 ? 1935 LEU A O   1 
ATOM   630  C CB  . LEU A 1 80  ? -3.519  3.975   -3.572  1.00 25.79 ? 1935 LEU A CB  1 
ATOM   631  C CG  . LEU A 1 80  ? -4.967  3.965   -4.047  1.00 24.74 ? 1935 LEU A CG  1 
ATOM   632  C CD1 . LEU A 1 80  ? -5.567  5.542   -4.420  1.00 25.72 ? 1935 LEU A CD1 1 
ATOM   633  C CD2 . LEU A 1 80  ? -4.958  3.066   -5.406  1.00 25.24 ? 1935 LEU A CD2 1 
ATOM   634  N N   . VAL A 1 81  ? -3.865  3.254   -0.468  1.00 22.46 ? 1936 VAL A N   1 
ATOM   635  C CA  . VAL A 1 81  ? -4.807  2.750   0.583   1.00 19.03 ? 1936 VAL A CA  1 
ATOM   636  C C   . VAL A 1 81  ? -4.890  3.961   1.635   1.00 23.20 ? 1936 VAL A C   1 
ATOM   637  O O   . VAL A 1 81  ? -5.965  4.293   2.189   1.00 24.14 ? 1936 VAL A O   1 
ATOM   638  C CB  . VAL A 1 81  ? -4.103  1.660   1.296   1.00 20.09 ? 1936 VAL A CB  1 
ATOM   639  C CG1 . VAL A 1 81  ? -5.044  1.171   2.675   1.00 21.16 ? 1936 VAL A CG1 1 
ATOM   640  C CG2 . VAL A 1 81  ? -4.201  0.297   0.355   1.00 20.39 ? 1936 VAL A CG2 1 
ATOM   641  N N   . PHE A 1 82  ? -3.711  4.552   1.959   1.00 22.49 ? 1937 PHE A N   1 
ATOM   642  C CA  . PHE A 1 82  ? -3.859  5.621   2.997   1.00 22.47 ? 1937 PHE A CA  1 
ATOM   643  C C   . PHE A 1 82  ? -4.388  6.932   2.550   1.00 26.24 ? 1937 PHE A C   1 
ATOM   644  O O   . PHE A 1 82  ? -5.019  7.651   3.381   1.00 26.55 ? 1937 PHE A O   1 
ATOM   645  C CB  . PHE A 1 82  ? -2.424  5.801   3.722   1.00 24.80 ? 1937 PHE A CB  1 
ATOM   646  C CG  . PHE A 1 82  ? -1.863  4.483   4.195   1.00 24.17 ? 1937 PHE A CG  1 
ATOM   647  C CD1 . PHE A 1 82  ? -2.726  3.604   4.967   1.00 22.02 ? 1937 PHE A CD1 1 
ATOM   648  C CD2 . PHE A 1 82  ? -0.649  4.097   3.811   1.00 26.07 ? 1937 PHE A CD2 1 
ATOM   649  C CE1 . PHE A 1 82  ? -2.317  2.281   5.371   1.00 25.56 ? 1937 PHE A CE1 1 
ATOM   650  C CE2 . PHE A 1 82  ? -0.181  2.763   4.201   1.00 25.06 ? 1937 PHE A CE2 1 
ATOM   651  C CZ  . PHE A 1 82  ? -0.972  1.813   4.929   1.00 24.53 ? 1937 PHE A CZ  1 
ATOM   652  N N   . ASP A 1 83  ? -4.152  7.339   1.293   1.00 26.43 ? 1938 ASP A N   1 
ATOM   653  C CA  . ASP A 1 83  ? -4.736  8.490   0.674   1.00 27.09 ? 1938 ASP A CA  1 
ATOM   654  C C   . ASP A 1 83  ? -6.283  8.345   0.600   1.00 29.51 ? 1938 ASP A C   1 
ATOM   655  O O   . ASP A 1 83  ? -7.063  9.201   1.028   1.00 29.04 ? 1938 ASP A O   1 
ATOM   656  C CB  . ASP A 1 83  ? -4.199  8.609   -0.694  1.00 28.64 ? 1938 ASP A CB  1 
ATOM   657  C CG  . ASP A 1 83  ? -2.754  9.070   -0.671  1.00 30.52 ? 1938 ASP A CG  1 
ATOM   658  O OD1 . ASP A 1 83  ? -2.197  9.392   0.386   1.00 31.67 ? 1938 ASP A OD1 1 
ATOM   659  O OD2 . ASP A 1 83  ? -2.093  9.081   -1.783  1.00 33.42 ? 1938 ASP A OD2 1 
ATOM   660  N N   . ASN A 1 84  ? -6.785  7.106   0.282   1.00 25.94 ? 1939 ASN A N   1 
ATOM   661  C CA  . ASN A 1 84  ? -8.282  6.862   0.278   1.00 27.06 ? 1939 ASN A CA  1 
ATOM   662  C C   . ASN A 1 84  ? -8.767  7.064   1.666   1.00 27.56 ? 1939 ASN A C   1 
ATOM   663  O O   . ASN A 1 84  ? -9.868  7.559   1.880   1.00 26.82 ? 1939 ASN A O   1 
ATOM   664  C CB  . ASN A 1 84  ? -8.512  5.475   -0.125  1.00 24.47 ? 1939 ASN A CB  1 
ATOM   665  C CG  . ASN A 1 84  ? -8.301  5.274   -1.699  1.00 25.38 ? 1939 ASN A CG  1 
ATOM   666  O OD1 . ASN A 1 84  ? -8.208  6.303   -2.440  1.00 25.50 ? 1939 ASN A OD1 1 
ATOM   667  N ND2 . ASN A 1 84  ? -8.386  3.954   -2.189  1.00 23.14 ? 1939 ASN A ND2 1 
ATOM   668  N N   . CYS A 1 85  ? -7.963  6.522   2.560   1.00 25.27 ? 1940 CYS A N   1 
ATOM   669  C CA  . CYS A 1 85  ? -8.524  6.489   4.012   1.00 25.31 ? 1940 CYS A CA  1 
ATOM   670  C C   . CYS A 1 85  ? -8.591  8.015   4.518   1.00 27.85 ? 1940 CYS A C   1 
ATOM   671  O O   . CYS A 1 85  ? -9.596  8.352   5.099   1.00 30.17 ? 1940 CYS A O   1 
ATOM   672  C CB  . CYS A 1 85  ? -7.469  5.872   4.886   1.00 22.87 ? 1940 CYS A CB  1 
ATOM   673  S SG  . CYS A 1 85  ? -7.864  5.798   6.716   1.00 25.70 ? 1940 CYS A SG  1 
ATOM   674  N N   . GLU A 1 86  ? -7.590  8.793   4.107   1.00 27.66 ? 1941 GLU A N   1 
ATOM   675  C CA  . GLU A 1 86  ? -7.660  10.242  4.453   1.00 32.25 ? 1941 GLU A CA  1 
ATOM   676  C C   . GLU A 1 86  ? -8.808  10.976  3.788   1.00 32.31 ? 1941 GLU A C   1 
ATOM   677  O O   . GLU A 1 86  ? -9.359  11.884  4.332   1.00 33.34 ? 1941 GLU A O   1 
ATOM   678  C CB  . GLU A 1 86  ? -6.409  10.989  3.944   1.00 32.45 ? 1941 GLU A CB  1 
ATOM   679  C CG  . GLU A 1 86  ? -5.643  10.926  5.036   1.00 34.72 ? 1941 GLU A CG  1 
ATOM   680  C CD  . GLU A 1 86  ? -4.419  11.949  4.990   1.00 41.93 ? 1941 GLU A CD  1 
ATOM   681  O OE1 . GLU A 1 86  ? -4.841  13.131  5.068   1.00 44.42 ? 1941 GLU A OE1 1 
ATOM   682  O OE2 . GLU A 1 86  ? -3.178  11.460  4.987   1.00 39.78 ? 1941 GLU A OE2 1 
ATOM   683  N N   . THR A 1 87  ? -9.068  10.667  2.576   1.00 30.34 ? 1942 THR A N   1 
ATOM   684  C CA  . THR A 1 87  ? -10.178 11.192  1.876   1.00 32.87 ? 1942 THR A CA  1 
ATOM   685  C C   . THR A 1 87  ? -11.547 10.908  2.567   1.00 32.05 ? 1942 THR A C   1 
ATOM   686  O O   . THR A 1 87  ? -12.477 11.817  2.560   1.00 31.60 ? 1942 THR A O   1 
ATOM   687  C CB  . THR A 1 87  ? -10.253 10.614  0.395   1.00 33.84 ? 1942 THR A CB  1 
ATOM   688  O OG1 . THR A 1 87  ? -9.148  11.168  -0.301  1.00 31.62 ? 1942 THR A OG1 1 
ATOM   689  C CG2 . THR A 1 87  ? -11.455 11.280  -0.417  1.00 32.83 ? 1942 THR A CG2 1 
ATOM   690  N N   . PHE A 1 88  ? -11.785 9.724   3.014   1.00 29.72 ? 1943 PHE A N   1 
ATOM   691  C CA  . PHE A 1 88  ? -13.055 9.379   3.531   1.00 30.90 ? 1943 PHE A CA  1 
ATOM   692  C C   . PHE A 1 88  ? -13.219 9.523   5.018   1.00 33.90 ? 1943 PHE A C   1 
ATOM   693  O O   . PHE A 1 88  ? -14.398 9.347   5.430   1.00 34.01 ? 1943 PHE A O   1 
ATOM   694  C CB  . PHE A 1 88  ? -13.396 7.896   3.127   1.00 29.90 ? 1943 PHE A CB  1 
ATOM   695  C CG  . PHE A 1 88  ? -14.867 7.617   3.046   1.00 30.52 ? 1943 PHE A CG  1 
ATOM   696  C CD1 . PHE A 1 88  ? -15.554 8.054   1.879   1.00 31.69 ? 1943 PHE A CD1 1 
ATOM   697  C CD2 . PHE A 1 88  ? -15.540 6.814   4.010   1.00 34.03 ? 1943 PHE A CD2 1 
ATOM   698  C CE1 . PHE A 1 88  ? -16.921 7.711   1.675   1.00 33.13 ? 1943 PHE A CE1 1 
ATOM   699  C CE2 . PHE A 1 88  ? -16.967 6.540   3.804   1.00 35.90 ? 1943 PHE A CE2 1 
ATOM   700  C CZ  . PHE A 1 88  ? -17.540 6.924   2.599   1.00 32.77 ? 1943 PHE A CZ  1 
ATOM   701  N N   . ASN A 1 89  ? -12.182 9.632   5.854   1.00 29.63 ? 1944 ASN A N   1 
ATOM   702  C CA  . ASN A 1 89  ? -12.379 9.458   7.267   1.00 30.51 ? 1944 ASN A CA  1 
ATOM   703  C C   . ASN A 1 89  ? -11.886 10.712  7.944   1.00 34.09 ? 1944 ASN A C   1 
ATOM   704  O O   . ASN A 1 89  ? -10.802 11.205  7.524   1.00 32.58 ? 1944 ASN A O   1 
ATOM   705  C CB  . ASN A 1 89  ? -11.577 8.310   7.792   1.00 29.89 ? 1944 ASN A CB  1 
ATOM   706  C CG  . ASN A 1 89  ? -12.154 7.012   7.320   1.00 31.88 ? 1944 ASN A CG  1 
ATOM   707  O OD1 . ASN A 1 89  ? -13.004 6.354   8.002   1.00 31.67 ? 1944 ASN A OD1 1 
ATOM   708  N ND2 . ASN A 1 89  ? -11.621 6.527   6.141   1.00 27.17 ? 1944 ASN A ND2 1 
ATOM   709  N N   . GLU A 1 90  ? -12.595 11.100  9.011   1.00 35.66 ? 1945 GLU A N   1 
ATOM   710  C CA  . GLU A 1 90  ? -12.022 12.271  9.745   1.00 37.52 ? 1945 GLU A CA  1 
ATOM   711  C C   . GLU A 1 90  ? -10.683 11.910  10.351  1.00 34.61 ? 1945 GLU A C   1 
ATOM   712  O O   . GLU A 1 90  ? -10.510 10.769  10.903  1.00 32.44 ? 1945 GLU A O   1 
ATOM   713  C CB  A GLU A 1 90  ? -13.134 12.672  10.886  0.57 38.99 ? 1945 GLU A CB  1 
ATOM   714  C CB  B GLU A 1 90  ? -13.009 12.727  10.835  0.43 39.01 ? 1945 GLU A CB  1 
ATOM   715  C CG  A GLU A 1 90  ? -14.634 13.314  10.388  0.57 41.41 ? 1945 GLU A CG  1 
ATOM   716  C CG  B GLU A 1 90  ? -14.113 13.446  10.191  0.43 40.88 ? 1945 GLU A CG  1 
ATOM   717  C CD  A GLU A 1 90  ? -15.822 13.397  11.501  0.57 45.29 ? 1945 GLU A CD  1 
ATOM   718  C CD  B GLU A 1 90  ? -13.835 14.869  9.852   0.43 41.93 ? 1945 GLU A CD  1 
ATOM   719  O OE1 A GLU A 1 90  ? -15.433 14.015  12.529  0.57 46.07 ? 1945 GLU A OE1 1 
ATOM   720  O OE1 B GLU A 1 90  ? -12.744 15.429  9.809   0.43 43.40 ? 1945 GLU A OE1 1 
ATOM   721  O OE2 A GLU A 1 90  ? -17.080 12.795  11.448  0.57 45.31 ? 1945 GLU A OE2 1 
ATOM   722  O OE2 B GLU A 1 90  ? -14.790 15.550  9.748   0.43 44.84 ? 1945 GLU A OE2 1 
ATOM   723  N N   . ASP A 1 91  ? -9.752  12.893  10.464  1.00 36.25 ? 1946 ASP A N   1 
ATOM   724  C CA  . ASP A 1 91  ? -8.481  12.555  11.207  1.00 37.30 ? 1946 ASP A CA  1 
ATOM   725  C C   . ASP A 1 91  ? -8.756  12.105  12.656  1.00 39.04 ? 1946 ASP A C   1 
ATOM   726  O O   . ASP A 1 91  ? -8.120  11.217  13.234  1.00 37.68 ? 1946 ASP A O   1 
ATOM   727  C CB  . ASP A 1 91  ? -7.516  13.725  11.287  1.00 39.03 ? 1946 ASP A CB  1 
ATOM   728  C CG  . ASP A 1 91  ? -6.955  14.098  9.994   1.00 44.55 ? 1946 ASP A CG  1 
ATOM   729  O OD1 . ASP A 1 91  ? -7.016  13.337  8.898   1.00 43.44 ? 1946 ASP A OD1 1 
ATOM   730  O OD2 . ASP A 1 91  ? -6.466  15.214  9.857   1.00 43.77 ? 1946 ASP A OD2 1 
ATOM   731  N N   . ASP A 1 92  ? -9.738  12.722  13.342  1.00 39.74 ? 1947 ASP A N   1 
ATOM   732  C CA  . ASP A 1 92  ? -9.972  12.272  14.683  1.00 39.97 ? 1947 ASP A CA  1 
ATOM   733  C C   . ASP A 1 92  ? -10.997 11.062  14.743  1.00 41.56 ? 1947 ASP A C   1 
ATOM   734  O O   . ASP A 1 92  ? -12.250 11.319  15.121  1.00 42.66 ? 1947 ASP A O   1 
ATOM   735  C CB  . ASP A 1 92  ? -10.561 13.557  15.389  1.00 44.63 ? 1947 ASP A CB  1 
ATOM   736  C CG  . ASP A 1 92  ? -10.944 13.390  16.809  1.00 49.67 ? 1947 ASP A CG  1 
ATOM   737  O OD1 . ASP A 1 92  ? -10.722 12.308  17.578  1.00 45.88 ? 1947 ASP A OD1 1 
ATOM   738  O OD2 . ASP A 1 92  ? -11.584 14.480  17.242  1.00 56.07 ? 1947 ASP A OD2 1 
ATOM   739  N N   . SER A 1 93  ? -10.689 9.875   14.215  1.00 38.36 ? 1948 SER A N   1 
ATOM   740  C CA  . SER A 1 93  ? -11.634 8.765   14.151  1.00 34.11 ? 1948 SER A CA  1 
ATOM   741  C C   . SER A 1 93  ? -10.751 7.638   14.400  1.00 34.51 ? 1948 SER A C   1 
ATOM   742  O O   . SER A 1 93  ? -9.508  7.810   14.238  1.00 31.11 ? 1948 SER A O   1 
ATOM   743  C CB  . SER A 1 93  ? -12.403 8.762   12.840  1.00 34.66 ? 1948 SER A CB  1 
ATOM   744  O OG  . SER A 1 93  ? -11.628 8.574   11.709  1.00 34.91 ? 1948 SER A OG  1 
ATOM   745  N N   . ASP A 1 94  ? -11.206 6.458   14.845  1.00 32.65 ? 1949 ASP A N   1 
ATOM   746  C CA  . ASP A 1 94  ? -10.233 5.326   14.995  1.00 33.11 ? 1949 ASP A CA  1 
ATOM   747  C C   . ASP A 1 94  ? -9.637  4.970   13.604  1.00 30.19 ? 1949 ASP A C   1 
ATOM   748  O O   . ASP A 1 94  ? -8.416  4.806   13.517  1.00 29.56 ? 1949 ASP A O   1 
ATOM   749  C CB  . ASP A 1 94  ? -10.946 4.137   15.514  1.00 32.03 ? 1949 ASP A CB  1 
ATOM   750  C CG  . ASP A 1 94  ? -11.528 4.518   17.009  1.00 41.05 ? 1949 ASP A CG  1 
ATOM   751  O OD1 . ASP A 1 94  ? -10.685 4.312   17.850  1.00 38.52 ? 1949 ASP A OD1 1 
ATOM   752  O OD2 . ASP A 1 94  ? -12.821 4.659   17.100  1.00 43.62 ? 1949 ASP A OD2 1 
ATOM   753  N N   . ILE A 1 95  ? -10.508 5.068   12.582  1.00 29.97 ? 1950 ILE A N   1 
ATOM   754  C CA  . ILE A 1 95  ? -9.940  4.563   11.289  1.00 28.66 ? 1950 ILE A CA  1 
ATOM   755  C C   . ILE A 1 95  ? -8.984  5.687   10.687  1.00 27.73 ? 1950 ILE A C   1 
ATOM   756  O O   . ILE A 1 95  ? -7.897  5.330   10.186  1.00 26.38 ? 1950 ILE A O   1 
ATOM   757  C CB  . ILE A 1 95  ? -11.075 4.299   10.295  1.00 30.19 ? 1950 ILE A CB  1 
ATOM   758  C CG1 . ILE A 1 95  ? -11.788 2.998   10.732  1.00 26.95 ? 1950 ILE A CG1 1 
ATOM   759  C CG2 . ILE A 1 95  ? -10.585 4.079   8.850   1.00 27.23 ? 1950 ILE A CG2 1 
ATOM   760  C CD1 . ILE A 1 95  ? -13.142 2.715   9.902   1.00 31.73 ? 1950 ILE A CD1 1 
ATOM   761  N N   . GLY A 1 96  ? -9.326  6.940   10.926  1.00 27.94 ? 1951 GLY A N   1 
ATOM   762  C CA  . GLY A 1 96  ? -8.465  8.060   10.431  1.00 26.50 ? 1951 GLY A CA  1 
ATOM   763  C C   . GLY A 1 96  ? -7.071  7.945   11.160  1.00 29.75 ? 1951 GLY A C   1 
ATOM   764  O O   . GLY A 1 96  ? -5.978  8.136   10.506  1.00 28.40 ? 1951 GLY A O   1 
ATOM   765  N N   . ARG A 1 97  ? -7.040  7.693   12.476  1.00 30.87 ? 1952 ARG A N   1 
ATOM   766  C CA  . ARG A 1 97  ? -5.729  7.521   13.165  1.00 29.21 ? 1952 ARG A CA  1 
ATOM   767  C C   . ARG A 1 97  ? -5.088  6.284   12.762  1.00 29.63 ? 1952 ARG A C   1 
ATOM   768  O O   . ARG A 1 97  ? -3.879  6.214   12.631  1.00 29.82 ? 1952 ARG A O   1 
ATOM   769  C CB  . ARG A 1 97  ? -5.947  7.460   14.769  1.00 32.71 ? 1952 ARG A CB  1 
ATOM   770  C CG  . ARG A 1 97  ? -6.395  8.887   15.332  1.00 35.33 ? 1952 ARG A CG  1 
ATOM   771  C CD  . ARG A 1 97  ? -6.385  8.731   16.919  1.00 35.17 ? 1952 ARG A CD  1 
ATOM   772  N NE  . ARG A 1 97  ? -7.586  8.108   17.366  1.00 40.43 ? 1952 ARG A NE  1 
ATOM   773  C CZ  . ARG A 1 97  ? -8.741  8.819   17.499  1.00 39.96 ? 1952 ARG A CZ  1 
ATOM   774  N NH1 . ARG A 1 97  ? -9.882  8.214   17.903  1.00 40.49 ? 1952 ARG A NH1 1 
ATOM   775  N NH2 . ARG A 1 97  ? -8.655  10.073  17.202  1.00 38.90 ? 1952 ARG A NH2 1 
ATOM   776  N N   . ALA A 1 98  ? -5.852  5.190   12.509  1.00 26.54 ? 1953 ALA A N   1 
ATOM   777  C CA  . ALA A 1 98  ? -5.198  4.029   12.089  1.00 28.27 ? 1953 ALA A CA  1 
ATOM   778  C C   . ALA A 1 98  ? -4.469  4.263   10.777  1.00 26.69 ? 1953 ALA A C   1 
ATOM   779  O O   . ALA A 1 98  ? -3.271  3.699   10.586  1.00 29.70 ? 1953 ALA A O   1 
ATOM   780  C CB  . ALA A 1 98  ? -6.219  2.883   11.794  1.00 24.95 ? 1953 ALA A CB  1 
ATOM   781  N N   . GLY A 1 99  ? -5.163  5.042   9.861   1.00 24.27 ? 1954 GLY A N   1 
ATOM   782  C CA  . GLY A 1 99  ? -4.470  5.230   8.556   1.00 24.03 ? 1954 GLY A CA  1 
ATOM   783  C C   . GLY A 1 99  ? -3.135  6.028   8.695   1.00 29.15 ? 1954 GLY A C   1 
ATOM   784  O O   . GLY A 1 99  ? -2.083  5.701   8.082   1.00 25.46 ? 1954 GLY A O   1 
ATOM   785  N N   . HIS A 1 100 ? -3.143  7.094   9.530   1.00 26.75 ? 1955 HIS A N   1 
ATOM   786  C CA  . HIS A 1 100 ? -1.874  7.859   9.718   1.00 28.86 ? 1955 HIS A CA  1 
ATOM   787  C C   . HIS A 1 100 ? -0.886  7.048   10.282  1.00 28.55 ? 1955 HIS A C   1 
ATOM   788  O O   . HIS A 1 100 ? 0.313   7.104   9.841   1.00 29.17 ? 1955 HIS A O   1 
ATOM   789  C CB  . HIS A 1 100 ? -2.138  9.112   10.708  1.00 31.75 ? 1955 HIS A CB  1 
ATOM   790  C CG  . HIS A 1 100 ? -2.922  10.118  10.021  1.00 32.99 ? 1955 HIS A CG  1 
ATOM   791  N ND1 . HIS A 1 100 ? -2.400  10.756  8.922   1.00 38.82 ? 1955 HIS A ND1 1 
ATOM   792  C CD2 . HIS A 1 100 ? -4.157  10.660  10.147  1.00 36.53 ? 1955 HIS A CD2 1 
ATOM   793  C CE1 . HIS A 1 100 ? -3.289  11.615  8.386   1.00 37.46 ? 1955 HIS A CE1 1 
ATOM   794  N NE2 . HIS A 1 100 ? -4.363  11.553  9.126   1.00 37.89 ? 1955 HIS A NE2 1 
ATOM   795  N N   . ASN A 1 101 ? -1.256  6.155   11.235  1.00 27.46 ? 1956 ASN A N   1 
ATOM   796  C CA  . ASN A 1 101 ? -0.208  5.426   11.899  1.00 26.19 ? 1956 ASN A CA  1 
ATOM   797  C C   . ASN A 1 101 ? 0.450   4.356   10.953  1.00 28.56 ? 1956 ASN A C   1 
ATOM   798  O O   . ASN A 1 101 ? 1.651   4.040   10.907  1.00 26.92 ? 1956 ASN A O   1 
ATOM   799  C CB  . ASN A 1 101 ? -0.795  4.505   12.994  1.00 28.43 ? 1956 ASN A CB  1 
ATOM   800  C CG  . ASN A 1 101 ? -1.068  5.273   14.367  1.00 31.81 ? 1956 ASN A CG  1 
ATOM   801  O OD1 . ASN A 1 101 ? -0.759  6.399   14.485  1.00 30.96 ? 1956 ASN A OD1 1 
ATOM   802  N ND2 . ASN A 1 101 ? -1.749  4.597   15.282  1.00 31.80 ? 1956 ASN A ND2 1 
ATOM   803  N N   . MET A 1 102 ? -0.428  3.731   10.133  1.00 25.12 ? 1957 MET A N   1 
ATOM   804  C CA  . MET A 1 102 ? 0.099   2.618   9.211   1.00 25.61 ? 1957 MET A CA  1 
ATOM   805  C C   . MET A 1 102 ? 0.908   3.332   8.118   1.00 23.75 ? 1957 MET A C   1 
ATOM   806  O O   . MET A 1 102 ? 1.889   2.726   7.644   1.00 25.87 ? 1957 MET A O   1 
ATOM   807  C CB  . MET A 1 102 ? -1.085  1.897   8.541   1.00 23.76 ? 1957 MET A CB  1 
ATOM   808  C CG  . MET A 1 102 ? -1.864  1.057   9.544   1.00 28.66 ? 1957 MET A CG  1 
ATOM   809  S SD  . MET A 1 102 ? -0.990  -0.174  10.274  1.00 36.96 ? 1957 MET A SD  1 
ATOM   810  C CE  . MET A 1 102 ? -0.260  -1.070  8.904   1.00 30.69 ? 1957 MET A CE  1 
ATOM   811  N N   . ARG A 1 103 ? 0.521   4.478   7.755   1.00 24.88 ? 1958 ARG A N   1 
ATOM   812  C CA  . ARG A 1 103 ? 1.358   5.116   6.712   1.00 24.14 ? 1958 ARG A CA  1 
ATOM   813  C C   . ARG A 1 103 ? 2.795   5.434   7.214   1.00 30.95 ? 1958 ARG A C   1 
ATOM   814  O O   . ARG A 1 103 ? 3.799   5.271   6.507   1.00 28.36 ? 1958 ARG A O   1 
ATOM   815  C CB  . ARG A 1 103 ? 0.791   6.495   6.307   1.00 26.48 ? 1958 ARG A CB  1 
ATOM   816  C CG  . ARG A 1 103 ? 1.584   7.281   5.116   1.00 29.48 ? 1958 ARG A CG  1 
ATOM   817  C CD  . ARG A 1 103 ? 1.151   8.783   4.940   1.00 29.34 ? 1958 ARG A CD  1 
ATOM   818  N NE  . ARG A 1 103 ? -0.269  8.952   4.660   1.00 28.50 ? 1958 ARG A NE  1 
ATOM   819  C CZ  . ARG A 1 103 ? -0.767  8.943   3.393   1.00 30.17 ? 1958 ARG A CZ  1 
ATOM   820  N NH1 . ARG A 1 103 ? 0.042   8.677   2.353   1.00 32.05 ? 1958 ARG A NH1 1 
ATOM   821  N NH2 . ARG A 1 103 ? -2.026  9.230   3.159   1.00 31.08 ? 1958 ARG A NH2 1 
ATOM   822  N N   . LYS A 1 104 ? 2.871   6.095   8.420   1.00 30.36 ? 1959 LYS A N   1 
ATOM   823  C CA  . LYS A 1 104 ? 4.248   6.139   9.047   1.00 30.62 ? 1959 LYS A CA  1 
ATOM   824  C C   . LYS A 1 104 ? 4.978   4.862   9.237   1.00 31.95 ? 1959 LYS A C   1 
ATOM   825  O O   . LYS A 1 104 ? 6.206   4.751   8.893   1.00 31.75 ? 1959 LYS A O   1 
ATOM   826  C CB  . LYS A 1 104 ? 3.944   6.745   10.425  1.00 29.66 ? 1959 LYS A CB  1 
ATOM   827  C CG  . LYS A 1 104 ? 5.410   6.949   11.094  1.00 36.45 ? 1959 LYS A CG  1 
ATOM   828  C CD  . LYS A 1 104 ? 5.632   8.534   10.937  1.00 41.27 ? 1959 LYS A CD  1 
ATOM   829  C CE  . LYS A 1 104 ? 7.280   9.082   11.107  1.00 49.97 ? 1959 LYS A CE  1 
ATOM   830  N NZ  . LYS A 1 104 ? 7.516   10.652  10.941  1.00 55.82 ? 1959 LYS A NZ  1 
ATOM   831  N N   . TYR A 1 105 ? 4.294   3.720   9.633   1.00 27.78 ? 1960 TYR A N   1 
ATOM   832  C CA  . TYR A 1 105 ? 4.977   2.516   9.775   1.00 28.73 ? 1960 TYR A CA  1 
ATOM   833  C C   . TYR A 1 105 ? 5.603   2.123   8.422   1.00 31.49 ? 1960 TYR A C   1 
ATOM   834  O O   . TYR A 1 105 ? 6.690   1.525   8.298   1.00 29.47 ? 1960 TYR A O   1 
ATOM   835  C CB  . TYR A 1 105 ? 3.931   1.482   10.296  1.00 28.54 ? 1960 TYR A CB  1 
ATOM   836  C CG  . TYR A 1 105 ? 4.346   0.247   10.737  1.00 29.39 ? 1960 TYR A CG  1 
ATOM   837  C CD1 . TYR A 1 105 ? 5.300   0.017   11.936  1.00 31.60 ? 1960 TYR A CD1 1 
ATOM   838  C CD2 . TYR A 1 105 ? 4.093   -0.805  9.962   1.00 30.17 ? 1960 TYR A CD2 1 
ATOM   839  C CE1 . TYR A 1 105 ? 5.569   -1.289  12.343  1.00 32.35 ? 1960 TYR A CE1 1 
ATOM   840  C CE2 . TYR A 1 105 ? 4.507   -2.082  10.335  1.00 33.17 ? 1960 TYR A CE2 1 
ATOM   841  C CZ  . TYR A 1 105 ? 5.316   -2.324  11.582  1.00 35.20 ? 1960 TYR A CZ  1 
ATOM   842  O OH  . TYR A 1 105 ? 5.566   -3.728  11.852  1.00 38.03 ? 1960 TYR A OH  1 
ATOM   843  N N   . PHE A 1 106 ? 4.715   2.233   7.415   1.00 27.06 ? 1961 PHE A N   1 
ATOM   844  C CA  . PHE A 1 106 ? 5.075   1.777   6.065   1.00 25.87 ? 1961 PHE A CA  1 
ATOM   845  C C   . PHE A 1 106 ? 6.290   2.624   5.536   1.00 26.63 ? 1961 PHE A C   1 
ATOM   846  O O   . PHE A 1 106 ? 7.291   2.000   5.090   1.00 28.73 ? 1961 PHE A O   1 
ATOM   847  C CB  . PHE A 1 106 ? 3.918   2.057   5.022   1.00 24.38 ? 1961 PHE A CB  1 
ATOM   848  C CG  . PHE A 1 106 ? 4.471   1.848   3.581   1.00 28.04 ? 1961 PHE A CG  1 
ATOM   849  C CD1 . PHE A 1 106 ? 4.858   0.461   3.141   1.00 25.27 ? 1961 PHE A CD1 1 
ATOM   850  C CD2 . PHE A 1 106 ? 4.484   2.869   2.734   1.00 27.39 ? 1961 PHE A CD2 1 
ATOM   851  C CE1 . PHE A 1 106 ? 5.380   0.329   1.661   1.00 24.66 ? 1961 PHE A CE1 1 
ATOM   852  C CE2 . PHE A 1 106 ? 5.011   2.733   1.314   1.00 24.96 ? 1961 PHE A CE2 1 
ATOM   853  C CZ  . PHE A 1 106 ? 5.406   1.494   0.826   1.00 24.96 ? 1961 PHE A CZ  1 
ATOM   854  N N   . GLU A 1 107 ? 6.248   3.904   5.725   1.00 28.22 ? 1962 GLU A N   1 
ATOM   855  C CA  . GLU A 1 107 ? 7.318   4.752   5.083   1.00 30.89 ? 1962 GLU A CA  1 
ATOM   856  C C   . GLU A 1 107 ? 8.683   4.552   5.695   1.00 34.06 ? 1962 GLU A C   1 
ATOM   857  O O   . GLU A 1 107 ? 9.741   4.706   4.950   1.00 34.98 ? 1962 GLU A O   1 
ATOM   858  C CB  . GLU A 1 107 ? 6.929   6.111   5.095   1.00 29.65 ? 1962 GLU A CB  1 
ATOM   859  C CG  . GLU A 1 107 ? 5.715   6.558   4.354   1.00 31.89 ? 1962 GLU A CG  1 
ATOM   860  C CD  . GLU A 1 107 ? 5.758   6.381   2.761   1.00 33.02 ? 1962 GLU A CD  1 
ATOM   861  O OE1 . GLU A 1 107 ? 6.841   6.117   2.234   1.00 36.22 ? 1962 GLU A OE1 1 
ATOM   862  O OE2 . GLU A 1 107 ? 4.740   6.494   1.977   1.00 32.75 ? 1962 GLU A OE2 1 
ATOM   863  N N   . LYS A 1 108 ? 8.717   4.166   6.948   1.00 34.33 ? 1963 LYS A N   1 
ATOM   864  C CA  . LYS A 1 108 ? 10.013  3.825   7.611   1.00 34.33 ? 1963 LYS A CA  1 
ATOM   865  C C   . LYS A 1 108 ? 10.436  2.511   7.154   1.00 37.24 ? 1963 LYS A C   1 
ATOM   866  O O   . LYS A 1 108 ? 11.587  2.354   6.793   1.00 40.99 ? 1963 LYS A O   1 
ATOM   867  C CB  . LYS A 1 108 ? 9.809   3.863   9.195   1.00 37.83 ? 1963 LYS A CB  1 
ATOM   868  C CG  . LYS A 1 108 ? 11.194  3.276   10.051  1.00 38.73 ? 1963 LYS A CG  1 
ATOM   869  C CD  . LYS A 1 108 ? 12.095  4.701   9.875   1.00 48.49 ? 1963 LYS A CD  1 
ATOM   870  C CE  . LYS A 1 108 ? 13.673  4.691   10.930  1.00 46.64 ? 1963 LYS A CE  1 
ATOM   871  N NZ  . LYS A 1 108 ? 13.323  2.962   11.662  1.00 42.82 ? 1963 LYS A NZ  1 
ATOM   872  N N   . LYS A 1 109 ? 9.558   1.480   7.090   1.00 33.90 ? 1964 LYS A N   1 
ATOM   873  C CA  . LYS A 1 109 ? 10.111  0.278   6.554   1.00 34.43 ? 1964 LYS A CA  1 
ATOM   874  C C   . LYS A 1 109 ? 10.557  0.511   5.116   1.00 37.33 ? 1964 LYS A C   1 
ATOM   875  O O   . LYS A 1 109 ? 11.464  -0.195  4.638   1.00 39.13 ? 1964 LYS A O   1 
ATOM   876  C CB  . LYS A 1 109 ? 9.111   -0.902  6.510   1.00 36.47 ? 1964 LYS A CB  1 
ATOM   877  C CG  . LYS A 1 109 ? 8.228   -1.460  7.695   1.00 38.87 ? 1964 LYS A CG  1 
ATOM   878  C CD  . LYS A 1 109 ? 9.240   -2.297  8.573   1.00 48.17 ? 1964 LYS A CD  1 
ATOM   879  C CE  . LYS A 1 109 ? 8.572   -2.798  10.029  1.00 41.34 ? 1964 LYS A CE  1 
ATOM   880  N NZ  . LYS A 1 109 ? 9.659   -1.776  10.777  1.00 50.14 ? 1964 LYS A NZ  1 
ATOM   881  N N   . TRP A 1 110 ? 9.836   1.288   4.338   1.00 34.34 ? 1965 TRP A N   1 
ATOM   882  C CA  . TRP A 1 110 ? 10.125  1.501   2.880   1.00 33.68 ? 1965 TRP A CA  1 
ATOM   883  C C   . TRP A 1 110 ? 11.642  2.110   2.804   1.00 39.50 ? 1965 TRP A C   1 
ATOM   884  O O   . TRP A 1 110 ? 12.499  1.635   2.048   1.00 38.84 ? 1965 TRP A O   1 
ATOM   885  C CB  . TRP A 1 110 ? 9.246   2.504   2.244   1.00 32.21 ? 1965 TRP A CB  1 
ATOM   886  C CG  . TRP A 1 110 ? 9.413   2.474   0.711   1.00 32.95 ? 1965 TRP A CG  1 
ATOM   887  C CD1 . TRP A 1 110 ? 9.896   3.429   0.035   1.00 34.22 ? 1965 TRP A CD1 1 
ATOM   888  C CD2 . TRP A 1 110 ? 9.107   1.401   -0.212  1.00 29.45 ? 1965 TRP A CD2 1 
ATOM   889  N NE1 . TRP A 1 110 ? 9.822   3.193   -1.338  1.00 33.23 ? 1965 TRP A NE1 1 
ATOM   890  C CE2 . TRP A 1 110 ? 9.412   1.895   -1.477  1.00 33.22 ? 1965 TRP A CE2 1 
ATOM   891  C CE3 . TRP A 1 110 ? 8.549   0.113   -0.078  1.00 29.66 ? 1965 TRP A CE3 1 
ATOM   892  C CZ2 . TRP A 1 110 ? 9.249   1.171   -2.661  1.00 33.60 ? 1965 TRP A CZ2 1 
ATOM   893  C CZ3 . TRP A 1 110 ? 8.452   -0.659  -1.275  1.00 29.96 ? 1965 TRP A CZ3 1 
ATOM   894  C CH2 . TRP A 1 110 ? 8.834   -0.053  -2.598  1.00 30.56 ? 1965 TRP A CH2 1 
ATOM   895  N N   . THR A 1 111 ? 11.810  3.185   3.571   1.00 40.52 ? 1966 THR A N   1 
ATOM   896  C CA  . THR A 1 111 ? 13.089  3.951   3.608   1.00 41.14 ? 1966 THR A CA  1 
ATOM   897  C C   . THR A 1 111 ? 14.185  3.012   4.134   1.00 46.43 ? 1966 THR A C   1 
ATOM   898  O O   . THR A 1 111 ? 15.266  2.884   3.504   1.00 48.15 ? 1966 THR A O   1 
ATOM   899  C CB  . THR A 1 111 ? 13.046  5.077   4.608   1.00 41.52 ? 1966 THR A CB  1 
ATOM   900  O OG1 . THR A 1 111 ? 12.279  6.004   3.947   1.00 42.25 ? 1966 THR A OG1 1 
ATOM   901  C CG2 . THR A 1 111 ? 14.499  5.655   4.813   1.00 45.47 ? 1966 THR A CG2 1 
ATOM   902  N N   . ASP A 1 112 ? 13.910  2.302   5.240   1.00 41.23 ? 1967 ASP A N   1 
ATOM   903  C CA  . ASP A 1 112 ? 15.012  1.468   5.639   1.00 42.77 ? 1967 ASP A CA  1 
ATOM   904  C C   . ASP A 1 112 ? 15.368  0.377   4.736   1.00 47.56 ? 1967 ASP A C   1 
ATOM   905  O O   . ASP A 1 112 ? 16.539  -0.135  4.709   1.00 44.59 ? 1967 ASP A O   1 
ATOM   906  C CB  . ASP A 1 112 ? 14.690  0.830   7.012   1.00 41.97 ? 1967 ASP A CB  1 
ATOM   907  C CG  . ASP A 1 112 ? 14.637  1.939   8.176   1.00 44.46 ? 1967 ASP A CG  1 
ATOM   908  O OD1 . ASP A 1 112 ? 14.815  3.228   8.019   1.00 48.50 ? 1967 ASP A OD1 1 
ATOM   909  O OD2 . ASP A 1 112 ? 14.118  1.458   9.239   1.00 43.48 ? 1967 ASP A OD2 1 
ATOM   910  N N   . THR A 1 113 ? 14.394  -0.254  4.073   1.00 42.35 ? 1968 THR A N   1 
ATOM   911  C CA  . THR A 1 113 ? 14.663  -1.429  3.264   1.00 41.18 ? 1968 THR A CA  1 
ATOM   912  C C   . THR A 1 113 ? 15.318  -1.016  1.961   1.00 42.42 ? 1968 THR A C   1 
ATOM   913  O O   . THR A 1 113 ? 15.952  -1.769  1.446   1.00 43.52 ? 1968 THR A O   1 
ATOM   914  C CB  . THR A 1 113 ? 13.342  -2.136  2.922   1.00 39.28 ? 1968 THR A CB  1 
ATOM   915  O OG1 . THR A 1 113 ? 12.722  -2.450  4.162   1.00 40.70 ? 1968 THR A OG1 1 
ATOM   916  C CG2 . THR A 1 113 ? 13.484  -3.473  2.025   1.00 37.46 ? 1968 THR A CG2 1 
ATOM   917  N N   . PHE A 1 114 ? 15.051  0.161   1.415   1.00 42.56 ? 1969 PHE A N   1 
ATOM   918  C CA  . PHE A 1 114 ? 15.412  0.455   0.106   1.00 44.23 ? 1969 PHE A CA  1 
ATOM   919  C C   . PHE A 1 114 ? 16.108  1.810   -0.060  1.00 49.97 ? 1969 PHE A C   1 
ATOM   920  O O   . PHE A 1 114 ? 16.389  2.100   -1.165  1.00 49.63 ? 1969 PHE A O   1 
ATOM   921  C CB  . PHE A 1 114 ? 14.237  0.576   -0.872  1.00 42.21 ? 1969 PHE A CB  1 
ATOM   922  C CG  . PHE A 1 114 ? 13.410  -0.774  -1.109  1.00 41.47 ? 1969 PHE A CG  1 
ATOM   923  C CD1 . PHE A 1 114 ? 14.055  -1.901  -1.765  1.00 37.92 ? 1969 PHE A CD1 1 
ATOM   924  C CD2 . PHE A 1 114 ? 12.121  -0.907  -0.646  1.00 35.40 ? 1969 PHE A CD2 1 
ATOM   925  C CE1 . PHE A 1 114 ? 13.407  -3.116  -1.954  1.00 35.03 ? 1969 PHE A CE1 1 
ATOM   926  C CE2 . PHE A 1 114 ? 11.390  -2.086  -0.887  1.00 34.56 ? 1969 PHE A CE2 1 
ATOM   927  C CZ  . PHE A 1 114 ? 11.992  -3.210  -1.458  1.00 34.85 ? 1969 PHE A CZ  1 
ATOM   928  N N   . LYS A 1 115 ? 16.234  2.772   0.878   1.00 54.47 ? 1970 LYS A N   1 
ATOM   929  C CA  . LYS A 1 115 ? 16.915  4.177   0.449   1.00 59.68 ? 1970 LYS A CA  1 
ATOM   930  C C   . LYS A 1 115 ? 18.269  4.401   1.269   1.00 62.46 ? 1970 LYS A C   1 
ATOM   931  O O   . LYS A 1 115 ? 18.921  3.356   1.713   1.00 62.46 ? 1970 LYS A O   1 
ATOM   932  C CB  . LYS A 1 115 ? 15.916  5.451   0.568   1.00 57.83 ? 1970 LYS A CB  1 
HETATM 933  N N1  . 53G B 2 .   ? -17.282 0.882   6.591   0.72 44.95 ? 2001 53G A N1  1 
HETATM 934  C C4  . 53G B 2 .   ? -14.762 4.229   6.622   0.72 33.62 ? 2001 53G A C4  1 
HETATM 935  C C5  . 53G B 2 .   ? -15.970 4.282   7.244   0.72 40.34 ? 2001 53G A C5  1 
HETATM 936  C C6  . 53G B 2 .   ? -16.841 3.178   7.251   0.72 39.86 ? 2001 53G A C6  1 
HETATM 937  C C7  . 53G B 2 .   ? -16.453 1.985   6.576   0.72 43.10 ? 2001 53G A C7  1 
HETATM 938  C C8  . 53G B 2 .   ? -15.173 1.926   5.914   0.72 38.08 ? 2001 53G A C8  1 
HETATM 939  C C10 . 53G B 2 .   ? -18.899 2.237   7.783   0.72 37.53 ? 2001 53G A C10 1 
HETATM 940  O O   . 53G B 2 .   ? -12.404 4.020   5.005   0.72 26.39 ? 2001 53G A O   1 
HETATM 941  C C2  . 53G B 2 .   ? -12.899 3.067   5.429   0.72 28.54 ? 2001 53G A C2  1 
HETATM 942  N N   . 53G B 2 .   ? -12.099 2.000   5.690   0.72 32.98 ? 2001 53G A N   1 
HETATM 943  C C1  . 53G B 2 .   ? -12.214 0.812   6.525   0.72 28.58 ? 2001 53G A C1  1 
HETATM 944  C C   . 53G B 2 .   ? -10.790 2.185   5.026   0.72 30.53 ? 2001 53G A C   1 
HETATM 945  C C3  . 53G B 2 .   ? -14.377 3.064   5.888   0.72 34.05 ? 2001 53G A C3  1 
HETATM 946  C C9  . 53G B 2 .   ? -18.482 0.995   7.199   0.72 46.68 ? 2001 53G A C9  1 
HETATM 947  N N2  . 53G B 2 .   ? -18.084 3.270   7.859   0.72 42.81 ? 2001 53G A N2  1 
HETATM 948  C C1  . EDO C 3 .   ? 10.962  -6.196  6.216   1.00 47.80 ? 2002 EDO A C1  1 
HETATM 949  O O1  . EDO C 3 .   ? 10.946  -4.720  6.775   1.00 55.38 ? 2002 EDO A O1  1 
HETATM 950  C C2  . EDO C 3 .   ? 11.847  -6.110  4.870   1.00 46.60 ? 2002 EDO A C2  1 
HETATM 951  O O2  . EDO C 3 .   ? 12.939  -5.051  4.943   1.00 51.61 ? 2002 EDO A O2  1 
HETATM 952  O O   . HOH D 4 .   ? -13.226 17.028  8.681   1.00 51.24 ? 2101 HOH A O   1 
HETATM 953  O O   . HOH D 4 .   ? -21.744 6.351   3.740   0.55 39.85 ? 2102 HOH A O   1 
HETATM 954  O O   . HOH D 4 .   ? -6.755  5.945   -13.423 1.00 61.92 ? 2103 HOH A O   1 
HETATM 955  O O   . HOH D 4 .   ? 18.974  1.647   3.078   1.00 60.24 ? 2104 HOH A O   1 
HETATM 956  O O   . HOH D 4 .   ? 12.760  -0.305  9.342   1.00 46.25 ? 2105 HOH A O   1 
HETATM 957  O O   . HOH D 4 .   ? 22.957  7.935   -26.817 1.00 32.92 ? 2106 HOH A O   1 
HETATM 958  O O   . HOH D 4 .   ? 18.772  3.928   4.038   1.00 60.51 ? 2107 HOH A O   1 
HETATM 959  O O   . HOH D 4 .   ? -11.785 2.239   -9.830  1.00 47.93 ? 2108 HOH A O   1 
HETATM 960  O O   . HOH D 4 .   ? 1.350   9.183   9.125   1.00 39.71 ? 2109 HOH A O   1 
HETATM 961  O O   . HOH D 4 .   ? -3.409  -9.624  2.491   1.00 40.49 ? 2110 HOH A O   1 
HETATM 962  O O   . HOH D 4 .   ? -14.642 11.549  -5.883  1.00 45.55 ? 2111 HOH A O   1 
HETATM 963  O O   . HOH D 4 .   ? -0.983  8.768   13.944  1.00 48.24 ? 2112 HOH A O   1 
HETATM 964  O O   . HOH D 4 .   ? -20.008 -0.625  -11.347 1.00 62.17 ? 2113 HOH A O   1 
HETATM 965  O O   . HOH D 4 .   ? -20.481 2.842   -1.724  1.00 39.01 ? 2114 HOH A O   1 
HETATM 966  O O   . HOH D 4 .   ? -9.589  -9.494  -1.211  1.00 43.86 ? 2115 HOH A O   1 
HETATM 967  O O   . HOH D 4 .   ? 3.077   8.330   2.210   1.00 37.08 ? 2116 HOH A O   1 
HETATM 968  O O   . HOH D 4 .   ? -10.777 4.222   2.997   1.00 28.20 ? 2117 HOH A O   1 
HETATM 969  O O   . HOH D 4 .   ? -9.801  12.317  19.939  1.00 51.74 ? 2118 HOH A O   1 
HETATM 970  O O   . HOH D 4 .   ? -3.522  -13.430 -2.691  1.00 40.54 ? 2119 HOH A O   1 
HETATM 971  O O   . HOH D 4 .   ? -6.808  14.321  6.215   1.00 46.80 ? 2120 HOH A O   1 
HETATM 972  O O   . HOH D 4 .   ? -2.791  7.867   -3.941  1.00 33.36 ? 2121 HOH A O   1 
HETATM 973  O O   . HOH D 4 .   ? -2.307  9.166   6.241   1.00 36.11 ? 2122 HOH A O   1 
HETATM 974  O O   . HOH D 4 .   ? -13.877 6.337   15.419  1.00 43.31 ? 2123 HOH A O   1 
HETATM 975  O O   . HOH D 4 .   ? -3.873  0.373   -8.622  1.00 36.39 ? 2124 HOH A O   1 
HETATM 976  O O   . HOH D 4 .   ? -12.150 9.470   18.254  1.00 48.78 ? 2125 HOH A O   1 
HETATM 977  O O   . HOH D 4 .   ? -13.725 15.764  13.470  1.00 50.85 ? 2126 HOH A O   1 
HETATM 978  O O   . HOH D 4 .   ? -8.709  0.339   2.098   1.00 26.47 ? 2127 HOH A O   1 
HETATM 979  O O   . HOH D 4 .   ? -13.837 -1.348  -2.078  1.00 28.67 ? 2128 HOH A O   1 
HETATM 980  O O   . HOH D 4 .   ? -10.171 15.233  9.342   1.00 42.44 ? 2129 HOH A O   1 
HETATM 981  O O   . HOH D 4 .   ? 7.807   6.780   9.407   1.00 41.35 ? 2130 HOH A O   1 
HETATM 982  O O   . HOH D 4 .   ? 22.406  -3.161  -6.134  1.00 54.67 ? 2131 HOH A O   1 
HETATM 983  O O   . HOH D 4 .   ? -0.697  6.344   -4.868  1.00 30.74 ? 2132 HOH A O   1 
HETATM 984  O O   . HOH D 4 .   ? -15.294 -6.502  1.459   1.00 40.29 ? 2133 HOH A O   1 
HETATM 985  O O   . HOH D 4 .   ? 19.996  0.329   -12.401 1.00 58.10 ? 2134 HOH A O   1 
HETATM 986  O O   . HOH D 4 .   ? -8.705  0.651   -7.588  1.00 39.85 ? 2135 HOH A O   1 
HETATM 987  O O   . HOH D 4 .   ? 27.276  2.137   -16.305 1.00 40.47 ? 2136 HOH A O   1 
HETATM 988  O O   . HOH D 4 .   ? -5.215  -8.475  4.131   1.00 35.49 ? 2137 HOH A O   1 
HETATM 989  O O   . HOH D 4 .   ? 11.718  -3.345  -8.783  1.00 34.14 ? 2138 HOH A O   1 
HETATM 990  O O   . HOH D 4 .   ? 0.524   9.631   -2.038  1.00 35.74 ? 2139 HOH A O   1 
HETATM 991  O O   . HOH D 4 .   ? -10.337 5.148   20.382  1.00 47.51 ? 2140 HOH A O   1 
HETATM 992  O O   . HOH D 4 .   ? -5.016  -11.586 -1.154  1.00 36.36 ? 2141 HOH A O   1 
HETATM 993  O O   . HOH D 4 .   ? -13.994 6.625   10.492  1.00 37.61 ? 2142 HOH A O   1 
HETATM 994  O O   . HOH D 4 .   ? -9.837  -2.351  -2.322  1.00 26.67 ? 2143 HOH A O   1 
HETATM 995  O O   . HOH D 4 .   ? 0.451   1.022   -8.678  1.00 31.07 ? 2144 HOH A O   1 
HETATM 996  O O   . HOH D 4 .   ? -1.551  2.892   -7.455  1.00 36.91 ? 2145 HOH A O   1 
HETATM 997  O O   . HOH D 4 .   ? 3.525   -6.432  -13.789 1.00 40.77 ? 2146 HOH A O   1 
HETATM 998  O O   . HOH D 4 .   ? -14.877 10.744  14.819  1.00 54.12 ? 2147 HOH A O   1 
HETATM 999  O O   . HOH D 4 .   ? 20.328  1.492   -25.365 1.00 37.23 ? 2148 HOH A O   1 
HETATM 1000 O O   . HOH D 4 .   ? -4.545  7.714   6.056   1.00 26.51 ? 2149 HOH A O   1 
HETATM 1001 O O   . HOH D 4 .   ? -10.152 -5.748  -4.993  1.00 42.99 ? 2150 HOH A O   1 
HETATM 1002 O O   . HOH D 4 .   ? 6.243   -12.515 3.725   1.00 46.49 ? 2151 HOH A O   1 
HETATM 1003 O O   . HOH D 4 .   ? -15.278 3.184   -6.482  1.00 41.73 ? 2152 HOH A O   1 
HETATM 1004 O O   . HOH D 4 .   ? -8.863  9.850   -2.672  1.00 47.41 ? 2153 HOH A O   1 
HETATM 1005 O O   . HOH D 4 .   ? -9.925  1.642   -0.361  1.00 27.93 ? 2154 HOH A O   1 
HETATM 1006 O O   . HOH D 4 .   ? 3.747   -5.790  12.215  1.00 36.31 ? 2155 HOH A O   1 
HETATM 1007 O O   . HOH D 4 .   ? -10.161 -1.430  3.369   1.00 24.69 ? 2156 HOH A O   1 
HETATM 1008 O O   . HOH D 4 .   ? 0.664   -11.968 6.498   1.00 48.81 ? 2157 HOH A O   1 
HETATM 1009 O O   . HOH D 4 .   ? -18.742 -6.624  4.315   1.00 50.83 ? 2158 HOH A O   1 
HETATM 1010 O O   . HOH D 4 .   ? -5.430  11.197  12.609  1.00 43.72 ? 2159 HOH A O   1 
HETATM 1011 O O   . HOH D 4 .   ? 9.507   -12.607 1.327   1.00 42.51 ? 2160 HOH A O   1 
HETATM 1012 O O   . HOH D 4 .   ? 9.544   6.496   2.701   1.00 39.39 ? 2161 HOH A O   1 
HETATM 1013 O O   . HOH D 4 .   ? -14.773 9.637   9.910   1.00 40.76 ? 2162 HOH A O   1 
HETATM 1014 O O   . HOH D 4 .   ? -16.586 -2.287  4.488   1.00 37.38 ? 2163 HOH A O   1 
HETATM 1015 O O   . HOH D 4 .   ? 3.014   -12.155 -2.223  1.00 41.15 ? 2164 HOH A O   1 
HETATM 1016 O O   . HOH D 4 .   ? -12.143 14.346  1.455   1.00 33.26 ? 2165 HOH A O   1 
HETATM 1017 O O   . HOH D 4 .   ? -7.954  10.894  7.957   1.00 33.57 ? 2166 HOH A O   1 
HETATM 1018 O O   . HOH D 4 .   ? -6.446  -1.103  16.459  1.00 35.62 ? 2167 HOH A O   1 
HETATM 1019 O O   . HOH D 4 .   ? -3.435  -7.240  11.817  1.00 34.34 ? 2168 HOH A O   1 
HETATM 1020 O O   . HOH D 4 .   ? -4.522  -12.377 -9.550  1.00 36.01 ? 2169 HOH A O   1 
HETATM 1021 O O   . HOH D 4 .   ? 8.210   0.998   10.607  1.00 34.34 ? 2170 HOH A O   1 
HETATM 1022 O O   . HOH D 4 .   ? -13.328 5.213   12.731  1.00 33.85 ? 2171 HOH A O   1 
HETATM 1023 O O   . HOH D 4 .   ? 19.817  10.102  -15.575 1.00 41.14 ? 2172 HOH A O   1 
HETATM 1024 O O   . HOH D 4 .   ? -2.751  -5.101  -12.842 1.00 46.33 ? 2173 HOH A O   1 
HETATM 1025 O O   . HOH D 4 .   ? 1.107   -4.160  15.940  1.00 37.22 ? 2174 HOH A O   1 
HETATM 1026 O O   . HOH D 4 .   ? -5.558  -5.970  -10.762 1.00 50.82 ? 2175 HOH A O   1 
HETATM 1027 O O   . HOH D 4 .   ? -6.304  8.782   7.758   1.00 29.41 ? 2176 HOH A O   1 
HETATM 1028 O O   . HOH D 4 .   ? -6.911  8.821   -2.723  1.00 39.76 ? 2177 HOH A O   1 
HETATM 1029 O O   . HOH D 4 .   ? -24.173 6.892   -1.283  1.00 43.16 ? 2178 HOH A O   1 
HETATM 1030 O O   . HOH D 4 .   ? 16.665  -6.273  -4.731  1.00 41.72 ? 2179 HOH A O   1 
HETATM 1031 O O   . HOH D 4 .   ? 6.952   11.294  13.671  1.00 45.41 ? 2180 HOH A O   1 
HETATM 1032 O O   . HOH D 4 .   ? -9.582  -8.235  -3.432  1.00 45.85 ? 2181 HOH A O   1 
HETATM 1033 O O   . HOH D 4 .   ? -8.960  6.795   -5.221  1.00 29.31 ? 2182 HOH A O   1 
HETATM 1034 O O   . HOH D 4 .   ? 2.218   -13.261 4.539   1.00 48.13 ? 2183 HOH A O   1 
HETATM 1035 O O   . HOH D 4 .   ? -8.374  2.893   2.896   1.00 27.28 ? 2184 HOH A O   1 
HETATM 1036 O O   . HOH D 4 .   ? -10.689 -4.656  6.407   1.00 29.98 ? 2185 HOH A O   1 
HETATM 1037 O O   . HOH D 4 .   ? -3.713  -10.122 8.783   1.00 41.16 ? 2186 HOH A O   1 
HETATM 1038 O O   . HOH D 4 .   ? 11.252  -4.135  -12.922 1.00 45.62 ? 2187 HOH A O   1 
HETATM 1039 O O   . HOH D 4 .   ? -11.327 -0.790  -0.707  1.00 25.31 ? 2188 HOH A O   1 
HETATM 1040 O O   . HOH D 4 .   ? -16.735 6.264   -8.907  1.00 49.01 ? 2189 HOH A O   1 
HETATM 1041 O O   . HOH D 4 .   ? -1.060  12.001  0.947   1.00 46.58 ? 2190 HOH A O   1 
HETATM 1042 O O   . HOH D 4 .   ? 12.528  -11.439 -4.926  1.00 35.94 ? 2191 HOH A O   1 
HETATM 1043 O O   . HOH D 4 .   ? -5.956  -9.843  -9.569  1.00 41.38 ? 2192 HOH A O   1 
HETATM 1044 O O   . HOH D 4 .   ? 0.609   -2.194  -11.288 1.00 44.16 ? 2193 HOH A O   1 
HETATM 1045 O O   . HOH D 4 .   ? 9.937   -0.908  -14.543 1.00 46.49 ? 2194 HOH A O   1 
HETATM 1046 O O   . HOH D 4 .   ? -10.819 -6.212  9.931   1.00 45.52 ? 2195 HOH A O   1 
HETATM 1047 O O   . HOH D 4 .   ? -7.470  -12.568 -3.777  1.00 49.88 ? 2196 HOH A O   1 
HETATM 1048 O O   . HOH D 4 .   ? 17.309  6.698   -13.835 1.00 55.01 ? 2197 HOH A O   1 
HETATM 1049 O O   . HOH D 4 .   ? -9.500  -2.336  -6.408  1.00 38.98 ? 2198 HOH A O   1 
HETATM 1050 O O   . HOH D 4 .   ? 19.668  -3.084  -4.297  1.00 49.60 ? 2199 HOH A O   1 
HETATM 1051 O O   . HOH D 4 .   ? -15.714 10.341  12.415  1.00 50.12 ? 2200 HOH A O   1 
HETATM 1052 O O   . HOH D 4 .   ? -17.462 -4.268  -2.596  1.00 41.53 ? 2201 HOH A O   1 
HETATM 1053 O O   . HOH D 4 .   ? -5.748  -2.766  -9.394  1.00 39.75 ? 2202 HOH A O   1 
HETATM 1054 O O   . HOH D 4 .   ? -10.930 15.337  12.451  1.00 39.49 ? 2203 HOH A O   1 
HETATM 1055 O O   . HOH D 4 .   ? -0.762  -0.883  -10.201 1.00 37.55 ? 2204 HOH A O   1 
HETATM 1056 O O   . HOH D 4 .   ? -10.399 9.153   -5.336  1.00 38.46 ? 2205 HOH A O   1 
HETATM 1057 O O   . HOH D 4 .   ? 4.245   -8.402  -8.768  1.00 32.33 ? 2206 HOH A O   1 
HETATM 1058 O O   . HOH D 4 .   ? -18.121 10.741  9.333   1.00 53.46 ? 2207 HOH A O   1 
HETATM 1059 O O   . HOH D 4 .   ? 4.207   8.242   -4.138  1.00 39.53 ? 2208 HOH A O   1 
HETATM 1060 O O   . HOH D 4 .   ? -12.768 -3.534  5.111   1.00 35.72 ? 2209 HOH A O   1 
HETATM 1061 O O   . HOH D 4 .   ? -21.292 5.551   -3.295  1.00 42.23 ? 2210 HOH A O   1 
HETATM 1062 O O   . HOH D 4 .   ? 11.476  4.685   -3.772  1.00 49.92 ? 2211 HOH A O   1 
HETATM 1063 O O   . HOH D 4 .   ? 9.182   5.607   -3.711  1.00 45.05 ? 2212 HOH A O   1 
HETATM 1064 O O   . HOH D 4 .   ? -5.994  -6.411  12.345  1.00 36.59 ? 2213 HOH A O   1 
HETATM 1065 O O   . HOH D 4 .   ? 10.796  -0.511  13.776  1.00 49.18 ? 2214 HOH A O   1 
HETATM 1066 O O   . HOH D 4 .   ? 2.441   9.818   -0.125  1.00 44.66 ? 2215 HOH A O   1 
HETATM 1067 O O   . HOH D 4 .   ? -4.344  6.465   -8.078  1.00 46.93 ? 2216 HOH A O   1 
HETATM 1068 O O   . HOH D 4 .   ? 3.877   -3.681  15.312  1.00 47.75 ? 2217 HOH A O   1 
HETATM 1069 O O   . HOH D 4 .   ? 1.580   11.955  1.038   1.00 46.55 ? 2218 HOH A O   1 
HETATM 1070 O O   . HOH D 4 .   ? 13.170  5.295   14.735  1.00 47.13 ? 2219 HOH A O   1 
HETATM 1071 O O   . HOH D 4 .   ? 10.879  7.282   0.546   1.00 47.39 ? 2220 HOH A O   1 
HETATM 1072 O O   . HOH D 4 .   ? 6.567   9.607   0.452   1.00 52.62 ? 2221 HOH A O   1 
HETATM 1073 O O   . HOH D 4 .   ? 9.144   9.057   3.440   1.00 52.31 ? 2222 HOH A O   1 
HETATM 1074 O O   . HOH D 4 .   ? -1.827  5.570   -7.292  1.00 39.07 ? 2223 HOH A O   1 
HETATM 1075 O O   . HOH D 4 .   ? 4.684   10.016  -1.826  1.00 46.20 ? 2224 HOH A O   1 
HETATM 1076 O O   . HOH D 4 .   ? -24.646 3.141   -1.098  1.00 44.97 ? 2225 HOH A O   1 
HETATM 1077 O O   . HOH D 4 .   ? -6.379  -8.273  -7.402  1.00 48.78 ? 2226 HOH A O   1 
HETATM 1078 O O   . HOH D 4 .   ? -10.959 -3.439  -4.618  1.00 29.88 ? 2227 HOH A O   1 
HETATM 1079 O O   . HOH D 4 .   ? -11.251 -7.313  8.004   1.00 43.70 ? 2228 HOH A O   1 
HETATM 1080 O O   . HOH D 4 .   ? 11.761  1.194   -10.260 1.00 52.20 ? 2229 HOH A O   1 
HETATM 1081 O O   . HOH D 4 .   ? 12.781  -1.308  -9.988  1.00 42.80 ? 2230 HOH A O   1 
HETATM 1082 O O   . HOH D 4 .   ? 5.809   8.589   -5.969  1.00 51.02 ? 2231 HOH A O   1 
HETATM 1083 O O   . HOH D 4 .   ? -16.804 -6.256  -0.542  1.00 47.63 ? 2232 HOH A O   1 
HETATM 1084 O O   . HOH D 4 .   ? 4.248   10.188  3.878   1.00 46.01 ? 2233 HOH A O   1 
HETATM 1085 O O   . HOH D 4 .   ? 1.454   8.235   -3.997  1.00 34.05 ? 2234 HOH A O   1 
HETATM 1086 O O   . HOH D 4 .   ? -6.882  7.511   -6.823  1.00 35.74 ? 2235 HOH A O   1 
HETATM 1087 O O   . HOH D 4 .   ? -11.463 -1.604  -7.882  1.00 45.83 ? 2236 HOH A O   1 
HETATM 1088 O O   . HOH D 4 .   ? -10.700 0.132   -9.376  1.00 44.43 ? 2237 HOH A O   1 
HETATM 1089 O O   . HOH D 4 .   ? -4.482  -11.899 1.681   1.00 40.63 ? 2238 HOH A O   1 
HETATM 1090 O O   . HOH D 4 .   ? 12.197  -1.954  -13.180 1.00 53.52 ? 2239 HOH A O   1 
HETATM 1091 O O   . HOH D 4 .   ? -15.271 -4.517  -4.259  1.00 48.38 ? 2240 HOH A O   1 
HETATM 1092 O O   . HOH D 4 .   ? -13.601 -2.517  -4.433  1.00 31.52 ? 2241 HOH A O   1 
HETATM 1093 O O   . HOH D 4 .   ? -6.557  0.349   -8.986  1.00 43.56 ? 2242 HOH A O   1 
HETATM 1094 O O   . HOH D 4 .   ? -5.208  8.906   -5.119  1.00 39.25 ? 2243 HOH A O   1 
HETATM 1095 O O   . HOH D 4 .   ? -14.918 1.008   -7.949  1.00 43.91 ? 2244 HOH A O   1 
HETATM 1096 O O   . HOH D 4 .   ? -14.409 2.469   13.321  1.00 37.27 ? 2245 HOH A O   1 
HETATM 1097 O O   . HOH D 4 .   ? -3.274  10.602  14.164  1.00 47.40 ? 2246 HOH A O   1 
HETATM 1098 O O   . HOH D 4 .   ? -7.244  -11.969 2.678   1.00 43.23 ? 2247 HOH A O   1 
HETATM 1099 O O   . HOH D 4 .   ? -6.827  -6.169  -8.769  1.00 47.90 ? 2248 HOH A O   1 
HETATM 1100 O O   . HOH D 4 .   ? 1.620   -0.796  -13.572 1.00 52.35 ? 2249 HOH A O   1 
HETATM 1101 O O   . HOH D 4 .   ? 1.121   2.371   -11.014 1.00 43.98 ? 2250 HOH A O   1 
HETATM 1102 O O   . HOH D 4 .   ? -7.726  -3.201  -8.289  1.00 44.68 ? 2251 HOH A O   1 
HETATM 1103 O O   . HOH D 4 .   ? -4.851  -10.565 5.999   1.00 52.03 ? 2252 HOH A O   1 
HETATM 1104 O O   . HOH D 4 .   ? -13.915 -1.245  -7.015  1.00 41.19 ? 2253 HOH A O   1 
HETATM 1105 O O   . HOH D 4 .   ? 2.801   3.841   -11.938 1.00 52.30 ? 2254 HOH A O   1 
HETATM 1106 O O   . HOH D 4 .   ? -6.619  0.996   -12.067 1.00 52.97 ? 2255 HOH A O   1 
HETATM 1107 O O   . HOH D 4 .   ? -14.581 -6.931  -3.400  1.00 51.01 ? 2256 HOH A O   1 
HETATM 1108 O O   . HOH D 4 .   ? 1.085   9.839   -6.473  1.00 48.47 ? 2257 HOH A O   1 
# 
